data_4MDN
# 
_entry.id   4MDN 
# 
_audit_conform.dict_name       mmcif_pdbx.dic 
_audit_conform.dict_version    5.387 
_audit_conform.dict_location   http://mmcif.pdb.org/dictionaries/ascii/mmcif_pdbx.dic 
# 
loop_
_database_2.database_id 
_database_2.database_code 
_database_2.pdbx_database_accession 
_database_2.pdbx_DOI 
PDB   4MDN         pdb_00004mdn 10.2210/pdb4mdn/pdb 
RCSB  RCSB081778   ?            ?                   
WWPDB D_1000081778 ?            ?                   
# 
loop_
_pdbx_audit_revision_history.ordinal 
_pdbx_audit_revision_history.data_content_type 
_pdbx_audit_revision_history.major_revision 
_pdbx_audit_revision_history.minor_revision 
_pdbx_audit_revision_history.revision_date 
1 'Structure model' 1 0 2013-11-13 
2 'Structure model' 1 1 2013-12-04 
3 'Structure model' 1 2 2013-12-25 
4 'Structure model' 1 3 2024-02-28 
# 
_pdbx_audit_revision_details.ordinal             1 
_pdbx_audit_revision_details.revision_ordinal    1 
_pdbx_audit_revision_details.data_content_type   'Structure model' 
_pdbx_audit_revision_details.provider            repository 
_pdbx_audit_revision_details.type                'Initial release' 
_pdbx_audit_revision_details.description         ? 
_pdbx_audit_revision_details.details             ? 
# 
loop_
_pdbx_audit_revision_group.ordinal 
_pdbx_audit_revision_group.revision_ordinal 
_pdbx_audit_revision_group.data_content_type 
_pdbx_audit_revision_group.group 
1 2 'Structure model' 'Database references'  
2 3 'Structure model' 'Database references'  
3 4 'Structure model' 'Data collection'      
4 4 'Structure model' 'Database references'  
5 4 'Structure model' 'Derived calculations' 
# 
loop_
_pdbx_audit_revision_category.ordinal 
_pdbx_audit_revision_category.revision_ordinal 
_pdbx_audit_revision_category.data_content_type 
_pdbx_audit_revision_category.category 
1 4 'Structure model' chem_comp_atom     
2 4 'Structure model' chem_comp_bond     
3 4 'Structure model' database_2         
4 4 'Structure model' struct_ref_seq_dif 
5 4 'Structure model' struct_site        
# 
loop_
_pdbx_audit_revision_item.ordinal 
_pdbx_audit_revision_item.revision_ordinal 
_pdbx_audit_revision_item.data_content_type 
_pdbx_audit_revision_item.item 
1 4 'Structure model' '_database_2.pdbx_DOI'                
2 4 'Structure model' '_database_2.pdbx_database_accession' 
3 4 'Structure model' '_struct_ref_seq_dif.details'         
4 4 'Structure model' '_struct_site.pdbx_auth_asym_id'      
5 4 'Structure model' '_struct_site.pdbx_auth_comp_id'      
6 4 'Structure model' '_struct_site.pdbx_auth_seq_id'       
# 
_database_PDB_caveat.id     1 
_database_PDB_caveat.text   'LIGAND A Y30 201 HAS DISTORTED GEOMETRY AROUND ITS CA CHIRAL CENTER.' 
# 
_pdbx_database_status.entry_id                        4MDN 
_pdbx_database_status.status_code                     REL 
_pdbx_database_status.deposit_site                    RCSB 
_pdbx_database_status.process_site                    RCSB 
_pdbx_database_status.recvd_initial_deposition_date   2013-08-23 
_pdbx_database_status.status_code_sf                  REL 
_pdbx_database_status.status_code_mr                  ? 
_pdbx_database_status.SG_entry                        ? 
_pdbx_database_status.status_code_cs                  ? 
_pdbx_database_status.methods_development_category    ? 
_pdbx_database_status.pdb_format_compatible           Y 
_pdbx_database_status.status_code_nmr_data            ? 
# 
_pdbx_database_related.db_name        PDB 
_pdbx_database_related.db_id          4MDQ 
_pdbx_database_related.details        . 
_pdbx_database_related.content_type   unspecified 
# 
loop_
_audit_author.name 
_audit_author.pdbx_ordinal 
'Bista, M.'    1 
'Popowicz, G.' 2 
'Holak, T.A.'  3 
# 
_citation.id                        primary 
_citation.title                     'Transient Protein States in Designing Inhibitors of the MDM2-p53 Interaction.' 
_citation.journal_abbrev            Structure 
_citation.journal_volume            21 
_citation.page_first                2143 
_citation.page_last                 2151 
_citation.year                      2013 
_citation.journal_id_ASTM           STRUE6 
_citation.country                   UK 
_citation.journal_id_ISSN           0969-2126 
_citation.journal_id_CSD            2005 
_citation.book_publisher            ? 
_citation.pdbx_database_id_PubMed   24207125 
_citation.pdbx_database_id_DOI      10.1016/j.str.2013.09.006 
# 
loop_
_citation_author.citation_id 
_citation_author.name 
_citation_author.ordinal 
_citation_author.identifier_ORCID 
primary 'Bista, M.'      1  ? 
primary 'Wolf, S.'       2  ? 
primary 'Khoury, K.'     3  ? 
primary 'Kowalska, K.'   4  ? 
primary 'Huang, Y.'      5  ? 
primary 'Wrona, E.'      6  ? 
primary 'Arciniega, M.'  7  ? 
primary 'Popowicz, G.M.' 8  ? 
primary 'Holak, T.A.'    9  ? 
primary 'Domling, A.'    10 ? 
# 
loop_
_entity.id 
_entity.type 
_entity.src_method 
_entity.pdbx_description 
_entity.formula_weight 
_entity.pdbx_number_of_molecules 
_entity.pdbx_ec 
_entity.pdbx_mutation 
_entity.pdbx_fragment 
_entity.details 
1 polymer     man 'E3 ubiquitin-protein ligase Mdm2' 11029.016 1  6.3.2.- ? 'UNP residues 18-110' ? 
2 non-polymer syn 
'3-{(1S)-2-(tert-butylamino)-1-[{4-[(4-chlorobenzyl)oxy]benzyl}(formyl)amino]-2-oxoethyl}-6-chloro-1H-indole-2-carboxylic acid' 
582.474   1  ?       ? ?                     ? 
3 non-polymer syn 'SULFATE ION' 96.063    2  ?       ? ?                     ? 
4 water       nat water 18.015    71 ?       ? ?                     ? 
# 
_entity_name_com.entity_id   1 
_entity_name_com.name        'Double minute 2 protein, Hdm2, Oncoprotein Mdm2, p53-binding protein Mdm2' 
# 
_entity_poly.entity_id                      1 
_entity_poly.type                           'polypeptide(L)' 
_entity_poly.nstd_linkage                   no 
_entity_poly.nstd_monomer                   no 
_entity_poly.pdbx_seq_one_letter_code       
;MQIPASEQETLVRPKPLLLKLLKSVGAQKDTYTMKEVLFYLGQYIMTKRLYDEKQQHIVYCSNDLLGDLFGVPSFSVKEH
RKIYTMIYRNLVVV
;
_entity_poly.pdbx_seq_one_letter_code_can   
;MQIPASEQETLVRPKPLLLKLLKSVGAQKDTYTMKEVLFYLGQYIMTKRLYDEKQQHIVYCSNDLLGDLFGVPSFSVKEH
RKIYTMIYRNLVVV
;
_entity_poly.pdbx_strand_id                 A 
_entity_poly.pdbx_target_identifier         ? 
# 
loop_
_pdbx_entity_nonpoly.entity_id 
_pdbx_entity_nonpoly.name 
_pdbx_entity_nonpoly.comp_id 
2 '3-{(1S)-2-(tert-butylamino)-1-[{4-[(4-chlorobenzyl)oxy]benzyl}(formyl)amino]-2-oxoethyl}-6-chloro-1H-indole-2-carboxylic acid' 
Y30 
3 'SULFATE ION'                                                                                                                   
SO4 
4 water                                                                                                                           
HOH 
# 
loop_
_entity_poly_seq.entity_id 
_entity_poly_seq.num 
_entity_poly_seq.mon_id 
_entity_poly_seq.hetero 
1 1  MET n 
1 2  GLN n 
1 3  ILE n 
1 4  PRO n 
1 5  ALA n 
1 6  SER n 
1 7  GLU n 
1 8  GLN n 
1 9  GLU n 
1 10 THR n 
1 11 LEU n 
1 12 VAL n 
1 13 ARG n 
1 14 PRO n 
1 15 LYS n 
1 16 PRO n 
1 17 LEU n 
1 18 LEU n 
1 19 LEU n 
1 20 LYS n 
1 21 LEU n 
1 22 LEU n 
1 23 LYS n 
1 24 SER n 
1 25 VAL n 
1 26 GLY n 
1 27 ALA n 
1 28 GLN n 
1 29 LYS n 
1 30 ASP n 
1 31 THR n 
1 32 TYR n 
1 33 THR n 
1 34 MET n 
1 35 LYS n 
1 36 GLU n 
1 37 VAL n 
1 38 LEU n 
1 39 PHE n 
1 40 TYR n 
1 41 LEU n 
1 42 GLY n 
1 43 GLN n 
1 44 TYR n 
1 45 ILE n 
1 46 MET n 
1 47 THR n 
1 48 LYS n 
1 49 ARG n 
1 50 LEU n 
1 51 TYR n 
1 52 ASP n 
1 53 GLU n 
1 54 LYS n 
1 55 GLN n 
1 56 GLN n 
1 57 HIS n 
1 58 ILE n 
1 59 VAL n 
1 60 TYR n 
1 61 CYS n 
1 62 SER n 
1 63 ASN n 
1 64 ASP n 
1 65 LEU n 
1 66 LEU n 
1 67 GLY n 
1 68 ASP n 
1 69 LEU n 
1 70 PHE n 
1 71 GLY n 
1 72 VAL n 
1 73 PRO n 
1 74 SER n 
1 75 PHE n 
1 76 SER n 
1 77 VAL n 
1 78 LYS n 
1 79 GLU n 
1 80 HIS n 
1 81 ARG n 
1 82 LYS n 
1 83 ILE n 
1 84 TYR n 
1 85 THR n 
1 86 MET n 
1 87 ILE n 
1 88 TYR n 
1 89 ARG n 
1 90 ASN n 
1 91 LEU n 
1 92 VAL n 
1 93 VAL n 
1 94 VAL n 
# 
_entity_src_gen.entity_id                          1 
_entity_src_gen.pdbx_src_id                        1 
_entity_src_gen.pdbx_alt_source_flag               sample 
_entity_src_gen.pdbx_seq_type                      ? 
_entity_src_gen.pdbx_beg_seq_num                   ? 
_entity_src_gen.pdbx_end_seq_num                   ? 
_entity_src_gen.gene_src_common_name               human 
_entity_src_gen.gene_src_genus                     ? 
_entity_src_gen.pdbx_gene_src_gene                 MDM2 
_entity_src_gen.gene_src_species                   ? 
_entity_src_gen.gene_src_strain                    ? 
_entity_src_gen.gene_src_tissue                    ? 
_entity_src_gen.gene_src_tissue_fraction           ? 
_entity_src_gen.gene_src_details                   ? 
_entity_src_gen.pdbx_gene_src_fragment             ? 
_entity_src_gen.pdbx_gene_src_scientific_name      'Homo sapiens' 
_entity_src_gen.pdbx_gene_src_ncbi_taxonomy_id     9606 
_entity_src_gen.pdbx_gene_src_variant              ? 
_entity_src_gen.pdbx_gene_src_cell_line            ? 
_entity_src_gen.pdbx_gene_src_atcc                 ? 
_entity_src_gen.pdbx_gene_src_organ                ? 
_entity_src_gen.pdbx_gene_src_organelle            ? 
_entity_src_gen.pdbx_gene_src_cell                 ? 
_entity_src_gen.pdbx_gene_src_cellular_location    ? 
_entity_src_gen.host_org_common_name               ? 
_entity_src_gen.pdbx_host_org_scientific_name      'Escherichia coli' 
_entity_src_gen.pdbx_host_org_ncbi_taxonomy_id     562 
_entity_src_gen.host_org_genus                     ? 
_entity_src_gen.pdbx_host_org_gene                 ? 
_entity_src_gen.pdbx_host_org_organ                ? 
_entity_src_gen.host_org_species                   ? 
_entity_src_gen.pdbx_host_org_tissue               ? 
_entity_src_gen.pdbx_host_org_tissue_fraction      ? 
_entity_src_gen.pdbx_host_org_strain               ? 
_entity_src_gen.pdbx_host_org_variant              ? 
_entity_src_gen.pdbx_host_org_cell_line            ? 
_entity_src_gen.pdbx_host_org_atcc                 ? 
_entity_src_gen.pdbx_host_org_culture_collection   ? 
_entity_src_gen.pdbx_host_org_cell                 ? 
_entity_src_gen.pdbx_host_org_organelle            ? 
_entity_src_gen.pdbx_host_org_cellular_location    ? 
_entity_src_gen.pdbx_host_org_vector_type          ? 
_entity_src_gen.pdbx_host_org_vector               ? 
_entity_src_gen.host_org_details                   ? 
_entity_src_gen.expression_system_id               ? 
_entity_src_gen.plasmid_name                       ? 
_entity_src_gen.plasmid_details                    ? 
_entity_src_gen.pdbx_description                   ? 
# 
loop_
_chem_comp.id 
_chem_comp.type 
_chem_comp.mon_nstd_flag 
_chem_comp.name 
_chem_comp.pdbx_synonyms 
_chem_comp.formula 
_chem_comp.formula_weight 
ALA 'L-peptide linking' y ALANINE ? 'C3 H7 N O2'        89.093  
ARG 'L-peptide linking' y ARGININE ? 'C6 H15 N4 O2 1'    175.209 
ASN 'L-peptide linking' y ASPARAGINE ? 'C4 H8 N2 O3'       132.118 
ASP 'L-peptide linking' y 'ASPARTIC ACID' ? 'C4 H7 N O4'        133.103 
CYS 'L-peptide linking' y CYSTEINE ? 'C3 H7 N O2 S'      121.158 
GLN 'L-peptide linking' y GLUTAMINE ? 'C5 H10 N2 O3'      146.144 
GLU 'L-peptide linking' y 'GLUTAMIC ACID' ? 'C5 H9 N O4'        147.129 
GLY 'peptide linking'   y GLYCINE ? 'C2 H5 N O2'        75.067  
HIS 'L-peptide linking' y HISTIDINE ? 'C6 H10 N3 O2 1'    156.162 
HOH non-polymer         . WATER ? 'H2 O'              18.015  
ILE 'L-peptide linking' y ISOLEUCINE ? 'C6 H13 N O2'       131.173 
LEU 'L-peptide linking' y LEUCINE ? 'C6 H13 N O2'       131.173 
LYS 'L-peptide linking' y LYSINE ? 'C6 H15 N2 O2 1'    147.195 
MET 'L-peptide linking' y METHIONINE ? 'C5 H11 N O2 S'     149.211 
PHE 'L-peptide linking' y PHENYLALANINE ? 'C9 H11 N O2'       165.189 
PRO 'L-peptide linking' y PROLINE ? 'C5 H9 N O2'        115.130 
SER 'L-peptide linking' y SERINE ? 'C3 H7 N O3'        105.093 
SO4 non-polymer         . 'SULFATE ION' ? 'O4 S -2'           96.063  
THR 'L-peptide linking' y THREONINE ? 'C4 H9 N O3'        119.119 
TYR 'L-peptide linking' y TYROSINE ? 'C9 H11 N O3'       181.189 
VAL 'L-peptide linking' y VALINE ? 'C5 H11 N O2'       117.146 
Y30 non-polymer         . 
'3-{(1S)-2-(tert-butylamino)-1-[{4-[(4-chlorobenzyl)oxy]benzyl}(formyl)amino]-2-oxoethyl}-6-chloro-1H-indole-2-carboxylic acid' ? 
'C30 H29 Cl2 N3 O5' 582.474 
# 
loop_
_pdbx_poly_seq_scheme.asym_id 
_pdbx_poly_seq_scheme.entity_id 
_pdbx_poly_seq_scheme.seq_id 
_pdbx_poly_seq_scheme.mon_id 
_pdbx_poly_seq_scheme.ndb_seq_num 
_pdbx_poly_seq_scheme.pdb_seq_num 
_pdbx_poly_seq_scheme.auth_seq_num 
_pdbx_poly_seq_scheme.pdb_mon_id 
_pdbx_poly_seq_scheme.auth_mon_id 
_pdbx_poly_seq_scheme.pdb_strand_id 
_pdbx_poly_seq_scheme.pdb_ins_code 
_pdbx_poly_seq_scheme.hetero 
A 1 1  MET 1  17  17  MET MET A . n 
A 1 2  GLN 2  18  18  GLN GLN A . n 
A 1 3  ILE 3  19  19  ILE ILE A . n 
A 1 4  PRO 4  20  20  PRO PRO A . n 
A 1 5  ALA 5  21  21  ALA ALA A . n 
A 1 6  SER 6  22  22  SER SER A . n 
A 1 7  GLU 7  23  23  GLU GLU A . n 
A 1 8  GLN 8  24  24  GLN GLN A . n 
A 1 9  GLU 9  25  25  GLU GLU A . n 
A 1 10 THR 10 26  26  THR THR A . n 
A 1 11 LEU 11 27  27  LEU LEU A . n 
A 1 12 VAL 12 28  28  VAL VAL A . n 
A 1 13 ARG 13 29  29  ARG ARG A . n 
A 1 14 PRO 14 30  30  PRO PRO A . n 
A 1 15 LYS 15 31  31  LYS LYS A . n 
A 1 16 PRO 16 32  32  PRO PRO A . n 
A 1 17 LEU 17 33  33  LEU LEU A . n 
A 1 18 LEU 18 34  34  LEU LEU A . n 
A 1 19 LEU 19 35  35  LEU LEU A . n 
A 1 20 LYS 20 36  36  LYS LYS A . n 
A 1 21 LEU 21 37  37  LEU LEU A . n 
A 1 22 LEU 22 38  38  LEU LEU A . n 
A 1 23 LYS 23 39  39  LYS LYS A . n 
A 1 24 SER 24 40  40  SER SER A . n 
A 1 25 VAL 25 41  41  VAL VAL A . n 
A 1 26 GLY 26 42  42  GLY GLY A . n 
A 1 27 ALA 27 43  43  ALA ALA A . n 
A 1 28 GLN 28 44  44  GLN GLN A . n 
A 1 29 LYS 29 45  45  LYS LYS A . n 
A 1 30 ASP 30 46  46  ASP ASP A . n 
A 1 31 THR 31 47  47  THR THR A . n 
A 1 32 TYR 32 48  48  TYR TYR A . n 
A 1 33 THR 33 49  49  THR THR A . n 
A 1 34 MET 34 50  50  MET MET A . n 
A 1 35 LYS 35 51  51  LYS LYS A . n 
A 1 36 GLU 36 52  52  GLU GLU A . n 
A 1 37 VAL 37 53  53  VAL VAL A . n 
A 1 38 LEU 38 54  54  LEU LEU A . n 
A 1 39 PHE 39 55  55  PHE PHE A . n 
A 1 40 TYR 40 56  56  TYR TYR A . n 
A 1 41 LEU 41 57  57  LEU LEU A . n 
A 1 42 GLY 42 58  58  GLY GLY A . n 
A 1 43 GLN 43 59  59  GLN GLN A . n 
A 1 44 TYR 44 60  60  TYR TYR A . n 
A 1 45 ILE 45 61  61  ILE ILE A . n 
A 1 46 MET 46 62  62  MET MET A . n 
A 1 47 THR 47 63  63  THR THR A . n 
A 1 48 LYS 48 64  64  LYS LYS A . n 
A 1 49 ARG 49 65  65  ARG ARG A . n 
A 1 50 LEU 50 66  66  LEU LEU A . n 
A 1 51 TYR 51 67  67  TYR TYR A . n 
A 1 52 ASP 52 68  68  ASP ASP A . n 
A 1 53 GLU 53 69  69  GLU GLU A . n 
A 1 54 LYS 54 70  70  LYS LYS A . n 
A 1 55 GLN 55 71  71  GLN GLN A . n 
A 1 56 GLN 56 72  72  GLN GLN A . n 
A 1 57 HIS 57 73  73  HIS HIS A . n 
A 1 58 ILE 58 74  74  ILE ILE A . n 
A 1 59 VAL 59 75  75  VAL VAL A . n 
A 1 60 TYR 60 76  76  TYR TYR A . n 
A 1 61 CYS 61 77  77  CYS CYS A . n 
A 1 62 SER 62 78  78  SER SER A . n 
A 1 63 ASN 63 79  79  ASN ASN A . n 
A 1 64 ASP 64 80  80  ASP ASP A . n 
A 1 65 LEU 65 81  81  LEU LEU A . n 
A 1 66 LEU 66 82  82  LEU LEU A . n 
A 1 67 GLY 67 83  83  GLY GLY A . n 
A 1 68 ASP 68 84  84  ASP ASP A . n 
A 1 69 LEU 69 85  85  LEU LEU A . n 
A 1 70 PHE 70 86  86  PHE PHE A . n 
A 1 71 GLY 71 87  87  GLY GLY A . n 
A 1 72 VAL 72 88  88  VAL VAL A . n 
A 1 73 PRO 73 89  89  PRO PRO A . n 
A 1 74 SER 74 90  90  SER SER A . n 
A 1 75 PHE 75 91  91  PHE PHE A . n 
A 1 76 SER 76 92  92  SER SER A . n 
A 1 77 VAL 77 93  93  VAL VAL A . n 
A 1 78 LYS 78 94  94  LYS LYS A . n 
A 1 79 GLU 79 95  95  GLU GLU A . n 
A 1 80 HIS 80 96  96  HIS HIS A . n 
A 1 81 ARG 81 97  97  ARG ARG A . n 
A 1 82 LYS 82 98  98  LYS LYS A . n 
A 1 83 ILE 83 99  99  ILE ILE A . n 
A 1 84 TYR 84 100 100 TYR TYR A . n 
A 1 85 THR 85 101 101 THR THR A . n 
A 1 86 MET 86 102 102 MET MET A . n 
A 1 87 ILE 87 103 103 ILE ILE A . n 
A 1 88 TYR 88 104 104 TYR TYR A . n 
A 1 89 ARG 89 105 105 ARG ARG A . n 
A 1 90 ASN 90 106 106 ASN ASN A . n 
A 1 91 LEU 91 107 107 LEU LEU A . n 
A 1 92 VAL 92 108 108 VAL VAL A . n 
A 1 93 VAL 93 109 109 VAL VAL A . n 
A 1 94 VAL 94 110 110 VAL VAL A . n 
# 
loop_
_pdbx_nonpoly_scheme.asym_id 
_pdbx_nonpoly_scheme.entity_id 
_pdbx_nonpoly_scheme.mon_id 
_pdbx_nonpoly_scheme.ndb_seq_num 
_pdbx_nonpoly_scheme.pdb_seq_num 
_pdbx_nonpoly_scheme.auth_seq_num 
_pdbx_nonpoly_scheme.pdb_mon_id 
_pdbx_nonpoly_scheme.auth_mon_id 
_pdbx_nonpoly_scheme.pdb_strand_id 
_pdbx_nonpoly_scheme.pdb_ins_code 
B 2 Y30 1  201 1  Y30 Y30 A . 
C 3 SO4 1  202 1  SO4 SO4 A . 
D 3 SO4 1  203 2  SO4 SO4 A . 
E 4 HOH 1  301 1  HOH HOH A . 
E 4 HOH 2  302 2  HOH HOH A . 
E 4 HOH 3  303 3  HOH HOH A . 
E 4 HOH 4  304 4  HOH HOH A . 
E 4 HOH 5  305 5  HOH HOH A . 
E 4 HOH 6  306 6  HOH HOH A . 
E 4 HOH 7  307 7  HOH HOH A . 
E 4 HOH 8  308 8  HOH HOH A . 
E 4 HOH 9  309 9  HOH HOH A . 
E 4 HOH 10 310 10 HOH HOH A . 
E 4 HOH 11 311 11 HOH HOH A . 
E 4 HOH 12 312 12 HOH HOH A . 
E 4 HOH 13 313 13 HOH HOH A . 
E 4 HOH 14 314 14 HOH HOH A . 
E 4 HOH 15 315 15 HOH HOH A . 
E 4 HOH 16 316 16 HOH HOH A . 
E 4 HOH 17 317 17 HOH HOH A . 
E 4 HOH 18 318 18 HOH HOH A . 
E 4 HOH 19 319 19 HOH HOH A . 
E 4 HOH 20 320 20 HOH HOH A . 
E 4 HOH 21 321 21 HOH HOH A . 
E 4 HOH 22 322 22 HOH HOH A . 
E 4 HOH 23 323 23 HOH HOH A . 
E 4 HOH 24 324 24 HOH HOH A . 
E 4 HOH 25 325 25 HOH HOH A . 
E 4 HOH 26 326 26 HOH HOH A . 
E 4 HOH 27 327 27 HOH HOH A . 
E 4 HOH 28 328 28 HOH HOH A . 
E 4 HOH 29 329 29 HOH HOH A . 
E 4 HOH 30 330 30 HOH HOH A . 
E 4 HOH 31 331 31 HOH HOH A . 
E 4 HOH 32 332 32 HOH HOH A . 
E 4 HOH 33 333 33 HOH HOH A . 
E 4 HOH 34 334 34 HOH HOH A . 
E 4 HOH 35 335 35 HOH HOH A . 
E 4 HOH 36 336 36 HOH HOH A . 
E 4 HOH 37 337 37 HOH HOH A . 
E 4 HOH 38 338 38 HOH HOH A . 
E 4 HOH 39 339 39 HOH HOH A . 
E 4 HOH 40 340 40 HOH HOH A . 
E 4 HOH 41 341 41 HOH HOH A . 
E 4 HOH 42 342 42 HOH HOH A . 
E 4 HOH 43 343 43 HOH HOH A . 
E 4 HOH 44 344 44 HOH HOH A . 
E 4 HOH 45 345 45 HOH HOH A . 
E 4 HOH 46 346 46 HOH HOH A . 
E 4 HOH 47 347 47 HOH HOH A . 
E 4 HOH 48 348 48 HOH HOH A . 
E 4 HOH 49 349 49 HOH HOH A . 
E 4 HOH 50 350 50 HOH HOH A . 
E 4 HOH 51 351 51 HOH HOH A . 
E 4 HOH 52 352 52 HOH HOH A . 
E 4 HOH 53 353 53 HOH HOH A . 
E 4 HOH 54 354 54 HOH HOH A . 
E 4 HOH 55 355 55 HOH HOH A . 
E 4 HOH 56 356 56 HOH HOH A . 
E 4 HOH 57 357 57 HOH HOH A . 
E 4 HOH 58 358 58 HOH HOH A . 
E 4 HOH 59 359 59 HOH HOH A . 
E 4 HOH 60 360 60 HOH HOH A . 
E 4 HOH 61 361 61 HOH HOH A . 
E 4 HOH 62 362 62 HOH HOH A . 
E 4 HOH 63 363 63 HOH HOH A . 
E 4 HOH 64 364 64 HOH HOH A . 
E 4 HOH 65 365 65 HOH HOH A . 
E 4 HOH 66 366 66 HOH HOH A . 
E 4 HOH 67 367 68 HOH HOH A . 
E 4 HOH 68 368 69 HOH HOH A . 
E 4 HOH 69 369 70 HOH HOH A . 
E 4 HOH 70 370 71 HOH HOH A . 
E 4 HOH 71 371 72 HOH HOH A . 
# 
loop_
_software.pdbx_ordinal 
_software.name 
_software.version 
_software.date 
_software.type 
_software.contact_author 
_software.contact_author_email 
_software.classification 
_software.location 
_software.language 
_software.citation_id 
1 PHENIX      1.8.2_1309 ?                package 'Paul D. Adams' PDAdams@lbl.gov          refinement        
http://www.phenix-online.org/             C++ ? 
2 PDB_EXTRACT 3.11       'April 22, 2011' package PDB             deposit@deposit.rcsb.org 'data extraction' 
http://sw-tools.pdb.org/apps/PDB_EXTRACT/ C++ ? 
# 
_cell.length_a           64.341 
_cell.length_b           64.341 
_cell.length_c           81.685 
_cell.angle_alpha        90.000 
_cell.angle_beta         90.000 
_cell.angle_gamma        90.000 
_cell.entry_id           4MDN 
_cell.pdbx_unique_axis   ? 
_cell.Z_PDB              8 
_cell.length_a_esd       ? 
_cell.length_b_esd       ? 
_cell.length_c_esd       ? 
_cell.angle_alpha_esd    ? 
_cell.angle_beta_esd     ? 
_cell.angle_gamma_esd    ? 
# 
_symmetry.space_group_name_H-M             'P 41 21 2' 
_symmetry.entry_id                         4MDN 
_symmetry.pdbx_full_space_group_name_H-M   ? 
_symmetry.Int_Tables_number                92 
_symmetry.cell_setting                     ? 
_symmetry.space_group_name_Hall            ? 
# 
_exptl.crystals_number   1 
_exptl.entry_id          4MDN 
_exptl.method            'X-RAY DIFFRACTION' 
# 
_exptl_crystal.id                    1 
_exptl_crystal.density_Matthews      3.83 
_exptl_crystal.density_meas          ? 
_exptl_crystal.density_percent_sol   67.91 
_exptl_crystal.description           ? 
_exptl_crystal.F_000                 ? 
_exptl_crystal.preparation           ? 
# 
_exptl_crystal_grow.crystal_id      1 
_exptl_crystal_grow.method          'VAPOR DIFFUSION, SITTING DROP' 
_exptl_crystal_grow.pH              8.0 
_exptl_crystal_grow.temp            277 
_exptl_crystal_grow.pdbx_details    
'0.2 M ammonium nitrate, 20% w/v PEG3350, pH 8.0, VAPOR DIFFUSION, SITTING DROP, temperature 277K' 
_exptl_crystal_grow.temp_details    ? 
_exptl_crystal_grow.pdbx_pH_range   ? 
# 
_diffrn.id                     1 
_diffrn.ambient_temp           ? 
_diffrn.ambient_temp_details   ? 
_diffrn.crystal_id             1 
# 
_diffrn_detector.diffrn_id              1 
_diffrn_detector.detector               PIXEL 
_diffrn_detector.type                   'PSI PILATUS 6M' 
_diffrn_detector.pdbx_collection_date   ? 
_diffrn_detector.details                ? 
# 
_diffrn_radiation.diffrn_id                        1 
_diffrn_radiation.pdbx_diffrn_protocol             'SINGLE WAVELENGTH' 
_diffrn_radiation.monochromator                    'double crystal Si(111)' 
_diffrn_radiation.wavelength_id                    1 
_diffrn_radiation.pdbx_monochromatic_or_laue_m_l   M 
_diffrn_radiation.pdbx_scattering_type             x-ray 
# 
_diffrn_radiation_wavelength.id           1 
_diffrn_radiation_wavelength.wavelength   . 
_diffrn_radiation_wavelength.wt           1.0 
# 
_diffrn_source.diffrn_id                   1 
_diffrn_source.source                      SYNCHROTRON 
_diffrn_source.type                        'SLS BEAMLINE X10SA' 
_diffrn_source.pdbx_wavelength_list        ? 
_diffrn_source.pdbx_wavelength             ? 
_diffrn_source.pdbx_synchrotron_site       SLS 
_diffrn_source.pdbx_synchrotron_beamline   X10SA 
# 
_reflns.entry_id                     4MDN 
_reflns.B_iso_Wilson_estimate        38.870 
_reflns.observed_criterion_sigma_F   ? 
_reflns.observed_criterion_sigma_I   ? 
_reflns.d_resolution_high            1.905 
_reflns.d_resolution_low             50.544 
_reflns.number_all                   13977 
_reflns.number_obs                   13263 
_reflns.percent_possible_obs         95 
_reflns.pdbx_Rmerge_I_obs            ? 
_reflns.pdbx_Rsym_value              ? 
_reflns.pdbx_netI_over_sigmaI        ? 
_reflns.pdbx_redundancy              ? 
_reflns.R_free_details               ? 
_reflns.limit_h_max                  ? 
_reflns.limit_h_min                  ? 
_reflns.limit_k_max                  ? 
_reflns.limit_k_min                  ? 
_reflns.limit_l_max                  ? 
_reflns.limit_l_min                  ? 
_reflns.observed_criterion_F_max     ? 
_reflns.observed_criterion_F_min     ? 
_reflns.pdbx_chi_squared             ? 
_reflns.pdbx_scaling_rejects         ? 
_reflns.pdbx_ordinal                 1 
_reflns.pdbx_diffrn_id               1 
# 
_reflns_shell.d_res_high             1.905 
_reflns_shell.d_res_low              ? 
_reflns_shell.percent_possible_obs   ? 
_reflns_shell.percent_possible_all   ? 
_reflns_shell.Rmerge_I_obs           ? 
_reflns_shell.meanI_over_sigI_obs    ? 
_reflns_shell.pdbx_Rsym_value        ? 
_reflns_shell.pdbx_redundancy        ? 
_reflns_shell.number_unique_all      ? 
_reflns_shell.number_measured_all    ? 
_reflns_shell.number_measured_obs    ? 
_reflns_shell.number_unique_obs      ? 
_reflns_shell.pdbx_chi_squared       ? 
_reflns_shell.pdbx_ordinal           1 
_reflns_shell.pdbx_diffrn_id         1 
# 
_refine.entry_id                                 4MDN 
_refine.ls_d_res_high                            1.9050 
_refine.ls_d_res_low                             50.5440 
_refine.pdbx_ls_sigma_F                          1.340 
_refine.pdbx_data_cutoff_high_absF               ? 
_refine.pdbx_data_cutoff_low_absF                ? 
_refine.ls_percent_reflns_obs                    94.7000 
_refine.ls_number_reflns_obs                     13246 
_refine.ls_number_reflns_all                     ? 
_refine.pdbx_ls_cross_valid_method               ? 
_refine.pdbx_R_Free_selection_details            ? 
_refine.details                                  ? 
_refine.ls_R_factor_all                          ? 
_refine.ls_R_factor_obs                          0.1813 
_refine.ls_R_factor_R_work                       0.1802 
_refine.ls_wR_factor_R_work                      ? 
_refine.ls_R_factor_R_free                       0.2030 
_refine.ls_wR_factor_R_free                      ? 
_refine.ls_percent_reflns_R_free                 4.9700 
_refine.ls_number_reflns_R_free                  658 
_refine.ls_R_factor_R_free_error                 ? 
_refine.B_iso_mean                               42.7075 
_refine.solvent_model_param_bsol                 ? 
_refine.solvent_model_param_ksol                 ? 
_refine.pdbx_isotropic_thermal_model             ? 
_refine.aniso_B[1][1]                            ? 
_refine.aniso_B[2][2]                            ? 
_refine.aniso_B[3][3]                            ? 
_refine.aniso_B[1][2]                            ? 
_refine.aniso_B[1][3]                            ? 
_refine.aniso_B[2][3]                            ? 
_refine.correlation_coeff_Fo_to_Fc               ? 
_refine.correlation_coeff_Fo_to_Fc_free          ? 
_refine.overall_SU_R_Cruickshank_DPI             ? 
_refine.overall_SU_R_free                        ? 
_refine.pdbx_overall_ESU_R                       ? 
_refine.pdbx_overall_ESU_R_Free                  ? 
_refine.overall_SU_ML                            0.2100 
_refine.overall_SU_B                             ? 
_refine.solvent_model_details                    'FLAT BULK SOLVENT MODEL' 
_refine.pdbx_solvent_vdw_probe_radii             1.1100 
_refine.pdbx_solvent_ion_probe_radii             ? 
_refine.pdbx_solvent_shrinkage_radii             0.9000 
_refine.ls_number_parameters                     ? 
_refine.ls_number_restraints                     ? 
_refine.pdbx_starting_model                      ? 
_refine.pdbx_method_to_determine_struct          'MOLECULAR REPLACEMENT' 
_refine.pdbx_stereochemistry_target_values       ML 
_refine.pdbx_stereochem_target_val_spec_case     ? 
_refine.overall_FOM_work_R_set                   0.8324 
_refine.B_iso_max                                123.600 
_refine.B_iso_min                                24.060 
_refine.pdbx_overall_phase_error                 22.6500 
_refine.occupancy_max                            1.000 
_refine.occupancy_min                            0.240 
_refine.pdbx_ls_sigma_I                          ? 
_refine.ls_redundancy_reflns_obs                 ? 
_refine.ls_R_factor_R_free_error_details         ? 
_refine.pdbx_data_cutoff_high_rms_absF           ? 
_refine.overall_FOM_free_R_set                   ? 
_refine.pdbx_diffrn_id                           1 
_refine.pdbx_refine_id                           'X-RAY DIFFRACTION' 
_refine.pdbx_TLS_residual_ADP_flag               ? 
_refine.pdbx_overall_SU_R_free_Cruickshank_DPI   ? 
_refine.pdbx_overall_SU_R_Blow_DPI               ? 
_refine.pdbx_overall_SU_R_free_Blow_DPI          ? 
# 
_refine_hist.pdbx_refine_id                   'X-RAY DIFFRACTION' 
_refine_hist.cycle_id                         LAST 
_refine_hist.pdbx_number_atoms_protein        773 
_refine_hist.pdbx_number_atoms_nucleic_acid   0 
_refine_hist.pdbx_number_atoms_ligand         50 
_refine_hist.number_atoms_solvent             71 
_refine_hist.number_atoms_total               894 
_refine_hist.d_res_high                       1.9050 
_refine_hist.d_res_low                        50.5440 
# 
loop_
_refine_ls_restr.type 
_refine_ls_restr.number 
_refine_ls_restr.dev_ideal 
_refine_ls_restr.dev_ideal_target 
_refine_ls_restr.weight 
_refine_ls_restr.pdbx_restraint_function 
_refine_ls_restr.pdbx_refine_id 
f_bond_d           862  0.008  ? ? ? 'X-RAY DIFFRACTION' 
f_angle_d          1177 1.876  ? ? ? 'X-RAY DIFFRACTION' 
f_chiral_restr     128  0.102  ? ? ? 'X-RAY DIFFRACTION' 
f_plane_restr      142  0.008  ? ? ? 'X-RAY DIFFRACTION' 
f_dihedral_angle_d 328  13.411 ? ? ? 'X-RAY DIFFRACTION' 
# 
loop_
_refine_ls_shell.d_res_high 
_refine_ls_shell.d_res_low 
_refine_ls_shell.pdbx_total_number_of_bins_used 
_refine_ls_shell.percent_reflns_obs 
_refine_ls_shell.number_reflns_R_work 
_refine_ls_shell.R_factor_all 
_refine_ls_shell.R_factor_R_work 
_refine_ls_shell.R_factor_R_free 
_refine_ls_shell.percent_reflns_R_free 
_refine_ls_shell.number_reflns_R_free 
_refine_ls_shell.R_factor_R_free_error 
_refine_ls_shell.number_reflns_all 
_refine_ls_shell.number_reflns_obs 
_refine_ls_shell.redundancy_reflns_obs 
_refine_ls_shell.pdbx_refine_id 
1.905  2.0516  5 94.0 2441 . 0.2597 0.3301 . 127 . 2568 . . 'X-RAY DIFFRACTION' 
2.0516 2.2581  5 97.0 2527 . 0.2133 0.2288 . 129 . 2656 . . 'X-RAY DIFFRACTION' 
2.2581 2.5848  5 95.0 2490 . 0.2036 0.2714 . 152 . 2642 . . 'X-RAY DIFFRACTION' 
2.5848 3.2565  5 95.0 2546 . 0.1929 0.2253 . 118 . 2664 . . 'X-RAY DIFFRACTION' 
3.2565 50.5622 5 92.0 2584 . 0.1573 0.1597 . 132 . 2716 . . 'X-RAY DIFFRACTION' 
# 
_struct.entry_id                  4MDN 
_struct.title                     'Structure of a novel submicromolar MDM2 inhibitor' 
_struct.pdbx_model_details        ? 
_struct.pdbx_CASP_flag            ? 
_struct.pdbx_model_type_details   ? 
# 
_struct_keywords.entry_id        4MDN 
_struct_keywords.text            'MDM2, p53, cancer, small molecule, LIGASE-LIGASE INHIBITOR complex' 
_struct_keywords.pdbx_keywords   'LIGASE/LIGASE INHIBITOR' 
# 
loop_
_struct_asym.id 
_struct_asym.pdbx_blank_PDB_chainid_flag 
_struct_asym.pdbx_modified 
_struct_asym.entity_id 
_struct_asym.details 
A N N 1 ? 
B N N 2 ? 
C N N 3 ? 
D N N 3 ? 
E N N 4 ? 
# 
_struct_ref.id                         1 
_struct_ref.db_name                    UNP 
_struct_ref.db_code                    MDM2_HUMAN 
_struct_ref.pdbx_db_accession          Q00987 
_struct_ref.entity_id                  1 
_struct_ref.pdbx_seq_one_letter_code   
;QIPASEQETLVRPKPLLLKLLKSVGAQKDTYTMKEVLFYLGQYIMTKRLYDEKQQHIVYCSNDLLGDLFGVPSFSVKEHR
KIYTMIYRNLVVV
;
_struct_ref.pdbx_align_begin           18 
_struct_ref.pdbx_db_isoform            ? 
# 
_struct_ref_seq.align_id                      1 
_struct_ref_seq.ref_id                        1 
_struct_ref_seq.pdbx_PDB_id_code              4MDN 
_struct_ref_seq.pdbx_strand_id                A 
_struct_ref_seq.seq_align_beg                 2 
_struct_ref_seq.pdbx_seq_align_beg_ins_code   ? 
_struct_ref_seq.seq_align_end                 94 
_struct_ref_seq.pdbx_seq_align_end_ins_code   ? 
_struct_ref_seq.pdbx_db_accession             Q00987 
_struct_ref_seq.db_align_beg                  18 
_struct_ref_seq.pdbx_db_align_beg_ins_code    ? 
_struct_ref_seq.db_align_end                  110 
_struct_ref_seq.pdbx_db_align_end_ins_code    ? 
_struct_ref_seq.pdbx_auth_seq_align_beg       18 
_struct_ref_seq.pdbx_auth_seq_align_end       110 
# 
_struct_ref_seq_dif.align_id                     1 
_struct_ref_seq_dif.pdbx_pdb_id_code             4MDN 
_struct_ref_seq_dif.mon_id                       MET 
_struct_ref_seq_dif.pdbx_pdb_strand_id           A 
_struct_ref_seq_dif.seq_num                      1 
_struct_ref_seq_dif.pdbx_pdb_ins_code            ? 
_struct_ref_seq_dif.pdbx_seq_db_name             UNP 
_struct_ref_seq_dif.pdbx_seq_db_accession_code   Q00987 
_struct_ref_seq_dif.db_mon_id                    ? 
_struct_ref_seq_dif.pdbx_seq_db_seq_num          ? 
_struct_ref_seq_dif.details                      'initiating methionine' 
_struct_ref_seq_dif.pdbx_auth_seq_num            17 
_struct_ref_seq_dif.pdbx_ordinal                 1 
# 
_pdbx_struct_assembly.id                   1 
_pdbx_struct_assembly.details              author_and_software_defined_assembly 
_pdbx_struct_assembly.method_details       PISA 
_pdbx_struct_assembly.oligomeric_details   monomeric 
_pdbx_struct_assembly.oligomeric_count     1 
# 
_pdbx_struct_assembly_gen.assembly_id       1 
_pdbx_struct_assembly_gen.oper_expression   1 
_pdbx_struct_assembly_gen.asym_id_list      A,B,C,D,E 
# 
_pdbx_struct_oper_list.id                   1 
_pdbx_struct_oper_list.type                 'identity operation' 
_pdbx_struct_oper_list.name                 1_555 
_pdbx_struct_oper_list.symmetry_operation   x,y,z 
_pdbx_struct_oper_list.matrix[1][1]         1.0000000000 
_pdbx_struct_oper_list.matrix[1][2]         0.0000000000 
_pdbx_struct_oper_list.matrix[1][3]         0.0000000000 
_pdbx_struct_oper_list.vector[1]            0.0000000000 
_pdbx_struct_oper_list.matrix[2][1]         0.0000000000 
_pdbx_struct_oper_list.matrix[2][2]         1.0000000000 
_pdbx_struct_oper_list.matrix[2][3]         0.0000000000 
_pdbx_struct_oper_list.vector[2]            0.0000000000 
_pdbx_struct_oper_list.matrix[3][1]         0.0000000000 
_pdbx_struct_oper_list.matrix[3][2]         0.0000000000 
_pdbx_struct_oper_list.matrix[3][3]         1.0000000000 
_pdbx_struct_oper_list.vector[3]            0.0000000000 
# 
_struct_biol.id        1 
_struct_biol.details   ? 
# 
loop_
_struct_conf.conf_type_id 
_struct_conf.id 
_struct_conf.pdbx_PDB_helix_id 
_struct_conf.beg_label_comp_id 
_struct_conf.beg_label_asym_id 
_struct_conf.beg_label_seq_id 
_struct_conf.pdbx_beg_PDB_ins_code 
_struct_conf.end_label_comp_id 
_struct_conf.end_label_asym_id 
_struct_conf.end_label_seq_id 
_struct_conf.pdbx_end_PDB_ins_code 
_struct_conf.beg_auth_comp_id 
_struct_conf.beg_auth_asym_id 
_struct_conf.beg_auth_seq_id 
_struct_conf.end_auth_comp_id 
_struct_conf.end_auth_asym_id 
_struct_conf.end_auth_seq_id 
_struct_conf.pdbx_PDB_helix_class 
_struct_conf.details 
_struct_conf.pdbx_PDB_helix_length 
HELX_P HELX_P1 1 PRO A 4  ? GLU A 9  ? PRO A 20 GLU A 25  5 ? 6  
HELX_P HELX_P2 2 LYS A 15 ? VAL A 25 ? LYS A 31 VAL A 41  1 ? 11 
HELX_P HELX_P3 3 MET A 34 ? LYS A 48 ? MET A 50 LYS A 64  1 ? 15 
HELX_P HELX_P4 4 ASP A 64 ? GLY A 71 ? ASP A 80 GLY A 87  1 ? 8  
HELX_P HELX_P5 5 GLU A 79 ? ARG A 89 ? GLU A 95 ARG A 105 1 ? 11 
# 
_struct_conf_type.id          HELX_P 
_struct_conf_type.criteria    ? 
_struct_conf_type.reference   ? 
# 
loop_
_struct_sheet.id 
_struct_sheet.type 
_struct_sheet.number_strands 
_struct_sheet.details 
A ? 3 ? 
B ? 2 ? 
# 
loop_
_struct_sheet_order.sheet_id 
_struct_sheet_order.range_id_1 
_struct_sheet_order.range_id_2 
_struct_sheet_order.offset 
_struct_sheet_order.sense 
A 1 2 ? anti-parallel 
A 2 3 ? anti-parallel 
B 1 2 ? anti-parallel 
# 
loop_
_struct_sheet_range.sheet_id 
_struct_sheet_range.id 
_struct_sheet_range.beg_label_comp_id 
_struct_sheet_range.beg_label_asym_id 
_struct_sheet_range.beg_label_seq_id 
_struct_sheet_range.pdbx_beg_PDB_ins_code 
_struct_sheet_range.end_label_comp_id 
_struct_sheet_range.end_label_asym_id 
_struct_sheet_range.end_label_seq_id 
_struct_sheet_range.pdbx_end_PDB_ins_code 
_struct_sheet_range.beg_auth_comp_id 
_struct_sheet_range.beg_auth_asym_id 
_struct_sheet_range.beg_auth_seq_id 
_struct_sheet_range.end_auth_comp_id 
_struct_sheet_range.end_auth_asym_id 
_struct_sheet_range.end_auth_seq_id 
A 1 TYR A 32 ? THR A 33 ? TYR A 48  THR A 49  
A 2 LEU A 11 ? PRO A 14 ? LEU A 27  PRO A 30  
A 3 LEU A 91 ? VAL A 93 ? LEU A 107 VAL A 109 
B 1 ILE A 58 ? TYR A 60 ? ILE A 74  TYR A 76  
B 2 SER A 74 ? SER A 76 ? SER A 90  SER A 92  
# 
loop_
_pdbx_struct_sheet_hbond.sheet_id 
_pdbx_struct_sheet_hbond.range_id_1 
_pdbx_struct_sheet_hbond.range_id_2 
_pdbx_struct_sheet_hbond.range_1_label_atom_id 
_pdbx_struct_sheet_hbond.range_1_label_comp_id 
_pdbx_struct_sheet_hbond.range_1_label_asym_id 
_pdbx_struct_sheet_hbond.range_1_label_seq_id 
_pdbx_struct_sheet_hbond.range_1_PDB_ins_code 
_pdbx_struct_sheet_hbond.range_1_auth_atom_id 
_pdbx_struct_sheet_hbond.range_1_auth_comp_id 
_pdbx_struct_sheet_hbond.range_1_auth_asym_id 
_pdbx_struct_sheet_hbond.range_1_auth_seq_id 
_pdbx_struct_sheet_hbond.range_2_label_atom_id 
_pdbx_struct_sheet_hbond.range_2_label_comp_id 
_pdbx_struct_sheet_hbond.range_2_label_asym_id 
_pdbx_struct_sheet_hbond.range_2_label_seq_id 
_pdbx_struct_sheet_hbond.range_2_PDB_ins_code 
_pdbx_struct_sheet_hbond.range_2_auth_atom_id 
_pdbx_struct_sheet_hbond.range_2_auth_comp_id 
_pdbx_struct_sheet_hbond.range_2_auth_asym_id 
_pdbx_struct_sheet_hbond.range_2_auth_seq_id 
A 1 2 O TYR A 32 ? O TYR A 48 N VAL A 12 ? N VAL A 28  
A 2 3 N ARG A 13 ? N ARG A 29 O VAL A 92 ? O VAL A 108 
B 1 2 N VAL A 59 ? N VAL A 75 O PHE A 75 ? O PHE A 91  
# 
loop_
_struct_site.id 
_struct_site.pdbx_evidence_code 
_struct_site.pdbx_auth_asym_id 
_struct_site.pdbx_auth_comp_id 
_struct_site.pdbx_auth_seq_id 
_struct_site.pdbx_auth_ins_code 
_struct_site.pdbx_num_residues 
_struct_site.details 
AC1 Software A Y30 201 ? 13 'BINDING SITE FOR RESIDUE Y30 A 201' 
AC2 Software A SO4 202 ? 4  'BINDING SITE FOR RESIDUE SO4 A 202' 
AC3 Software A SO4 203 ? 2  'BINDING SITE FOR RESIDUE SO4 A 203' 
# 
loop_
_struct_site_gen.id 
_struct_site_gen.site_id 
_struct_site_gen.pdbx_num_res 
_struct_site_gen.label_comp_id 
_struct_site_gen.label_asym_id 
_struct_site_gen.label_seq_id 
_struct_site_gen.pdbx_auth_ins_code 
_struct_site_gen.auth_comp_id 
_struct_site_gen.auth_asym_id 
_struct_site_gen.auth_seq_id 
_struct_site_gen.label_atom_id 
_struct_site_gen.label_alt_id 
_struct_site_gen.symmetry 
_struct_site_gen.details 
1  AC1 13 GLU A 7  ? GLU A 23  . ? 1_555 ? 
2  AC1 13 LYS A 35 ? LYS A 51  . ? 7_555 ? 
3  AC1 13 LEU A 38 ? LEU A 54  . ? 1_555 ? 
4  AC1 13 PHE A 39 ? PHE A 55  . ? 1_555 ? 
5  AC1 13 GLY A 42 ? GLY A 58  . ? 1_555 ? 
6  AC1 13 ILE A 45 ? ILE A 61  . ? 1_555 ? 
7  AC1 13 MET A 46 ? MET A 62  . ? 1_555 ? 
8  AC1 13 VAL A 77 ? VAL A 93  . ? 1_555 ? 
9  AC1 13 HIS A 80 ? HIS A 96  . ? 1_555 ? 
10 AC1 13 TYR A 84 ? TYR A 100 . ? 1_555 ? 
11 AC1 13 HOH E .  ? HOH A 328 . ? 1_555 ? 
12 AC1 13 HOH E .  ? HOH A 349 . ? 1_555 ? 
13 AC1 13 HOH E .  ? HOH A 356 . ? 1_555 ? 
14 AC2 4  MET A 1  ? MET A 17  . ? 1_555 ? 
15 AC2 4  GLN A 2  ? GLN A 18  . ? 1_555 ? 
16 AC2 4  HIS A 80 ? HIS A 96  . ? 1_555 ? 
17 AC2 4  HOH E .  ? HOH A 342 . ? 1_555 ? 
18 AC3 2  ARG A 81 ? ARG A 97  . ? 3_455 ? 
19 AC3 2  HOH E .  ? HOH A 327 . ? 3_455 ? 
# 
loop_
_pdbx_validate_symm_contact.id 
_pdbx_validate_symm_contact.PDB_model_num 
_pdbx_validate_symm_contact.auth_atom_id_1 
_pdbx_validate_symm_contact.auth_asym_id_1 
_pdbx_validate_symm_contact.auth_comp_id_1 
_pdbx_validate_symm_contact.auth_seq_id_1 
_pdbx_validate_symm_contact.PDB_ins_code_1 
_pdbx_validate_symm_contact.label_alt_id_1 
_pdbx_validate_symm_contact.site_symmetry_1 
_pdbx_validate_symm_contact.auth_atom_id_2 
_pdbx_validate_symm_contact.auth_asym_id_2 
_pdbx_validate_symm_contact.auth_comp_id_2 
_pdbx_validate_symm_contact.auth_seq_id_2 
_pdbx_validate_symm_contact.PDB_ins_code_2 
_pdbx_validate_symm_contact.label_alt_id_2 
_pdbx_validate_symm_contact.site_symmetry_2 
_pdbx_validate_symm_contact.dist 
1 1 NH2 A ARG 97 ? B 1_555 O3  A SO4 203 ? ? 4_444 2.03 
2 1 OG1 A THR 26 ? ? 1_555 ND2 A ASN 79  ? B 4_444 2.15 
# 
_pdbx_validate_torsion.id              1 
_pdbx_validate_torsion.PDB_model_num   1 
_pdbx_validate_torsion.auth_comp_id    CYS 
_pdbx_validate_torsion.auth_asym_id    A 
_pdbx_validate_torsion.auth_seq_id     77 
_pdbx_validate_torsion.PDB_ins_code    ? 
_pdbx_validate_torsion.label_alt_id    ? 
_pdbx_validate_torsion.phi             -158.73 
_pdbx_validate_torsion.psi             32.88 
# 
_pdbx_refine_tls.pdbx_refine_id   'X-RAY DIFFRACTION' 
_pdbx_refine_tls.id               1 
_pdbx_refine_tls.details          ? 
_pdbx_refine_tls.method           refined 
_pdbx_refine_tls.origin_x         -0.4795 
_pdbx_refine_tls.origin_y         -0.3246 
_pdbx_refine_tls.origin_z         0.7890 
_pdbx_refine_tls.T[1][1]          0.2584 
_pdbx_refine_tls.T[2][2]          0.1849 
_pdbx_refine_tls.T[3][3]          0.1638 
_pdbx_refine_tls.T[1][2]          -0.0050 
_pdbx_refine_tls.T[1][3]          0.0096 
_pdbx_refine_tls.T[2][3]          0.0241 
_pdbx_refine_tls.L[1][1]          5.1186 
_pdbx_refine_tls.L[2][2]          5.2817 
_pdbx_refine_tls.L[3][3]          2.8887 
_pdbx_refine_tls.L[1][2]          -0.9825 
_pdbx_refine_tls.L[1][3]          0.6363 
_pdbx_refine_tls.L[2][3]          0.3328 
_pdbx_refine_tls.S[1][1]          0.0335 
_pdbx_refine_tls.S[2][2]          -0.0936 
_pdbx_refine_tls.S[3][3]          0.0362 
_pdbx_refine_tls.S[1][2]          0.1848 
_pdbx_refine_tls.S[1][3]          -0.0011 
_pdbx_refine_tls.S[2][3]          0.0206 
_pdbx_refine_tls.S[2][1]          -0.0859 
_pdbx_refine_tls.S[3][1]          -0.0723 
_pdbx_refine_tls.S[3][2]          -0.0795 
# 
_pdbx_refine_tls_group.pdbx_refine_id      'X-RAY DIFFRACTION' 
_pdbx_refine_tls_group.id                  1 
_pdbx_refine_tls_group.refine_tls_id       1 
_pdbx_refine_tls_group.beg_auth_asym_id    A 
_pdbx_refine_tls_group.beg_auth_seq_id     17 
_pdbx_refine_tls_group.end_auth_asym_id    A 
_pdbx_refine_tls_group.end_auth_seq_id     371 
_pdbx_refine_tls_group.selection_details   all 
_pdbx_refine_tls_group.beg_label_asym_id   ? 
_pdbx_refine_tls_group.beg_label_seq_id    ? 
_pdbx_refine_tls_group.end_label_asym_id   ? 
_pdbx_refine_tls_group.end_label_seq_id    ? 
_pdbx_refine_tls_group.selection           ? 
# 
loop_
_chem_comp_atom.comp_id 
_chem_comp_atom.atom_id 
_chem_comp_atom.type_symbol 
_chem_comp_atom.pdbx_aromatic_flag 
_chem_comp_atom.pdbx_stereo_config 
_chem_comp_atom.pdbx_ordinal 
ALA N    N  N N 1   
ALA CA   C  N S 2   
ALA C    C  N N 3   
ALA O    O  N N 4   
ALA CB   C  N N 5   
ALA OXT  O  N N 6   
ALA H    H  N N 7   
ALA H2   H  N N 8   
ALA HA   H  N N 9   
ALA HB1  H  N N 10  
ALA HB2  H  N N 11  
ALA HB3  H  N N 12  
ALA HXT  H  N N 13  
ARG N    N  N N 14  
ARG CA   C  N S 15  
ARG C    C  N N 16  
ARG O    O  N N 17  
ARG CB   C  N N 18  
ARG CG   C  N N 19  
ARG CD   C  N N 20  
ARG NE   N  N N 21  
ARG CZ   C  N N 22  
ARG NH1  N  N N 23  
ARG NH2  N  N N 24  
ARG OXT  O  N N 25  
ARG H    H  N N 26  
ARG H2   H  N N 27  
ARG HA   H  N N 28  
ARG HB2  H  N N 29  
ARG HB3  H  N N 30  
ARG HG2  H  N N 31  
ARG HG3  H  N N 32  
ARG HD2  H  N N 33  
ARG HD3  H  N N 34  
ARG HE   H  N N 35  
ARG HH11 H  N N 36  
ARG HH12 H  N N 37  
ARG HH21 H  N N 38  
ARG HH22 H  N N 39  
ARG HXT  H  N N 40  
ASN N    N  N N 41  
ASN CA   C  N S 42  
ASN C    C  N N 43  
ASN O    O  N N 44  
ASN CB   C  N N 45  
ASN CG   C  N N 46  
ASN OD1  O  N N 47  
ASN ND2  N  N N 48  
ASN OXT  O  N N 49  
ASN H    H  N N 50  
ASN H2   H  N N 51  
ASN HA   H  N N 52  
ASN HB2  H  N N 53  
ASN HB3  H  N N 54  
ASN HD21 H  N N 55  
ASN HD22 H  N N 56  
ASN HXT  H  N N 57  
ASP N    N  N N 58  
ASP CA   C  N S 59  
ASP C    C  N N 60  
ASP O    O  N N 61  
ASP CB   C  N N 62  
ASP CG   C  N N 63  
ASP OD1  O  N N 64  
ASP OD2  O  N N 65  
ASP OXT  O  N N 66  
ASP H    H  N N 67  
ASP H2   H  N N 68  
ASP HA   H  N N 69  
ASP HB2  H  N N 70  
ASP HB3  H  N N 71  
ASP HD2  H  N N 72  
ASP HXT  H  N N 73  
CYS N    N  N N 74  
CYS CA   C  N R 75  
CYS C    C  N N 76  
CYS O    O  N N 77  
CYS CB   C  N N 78  
CYS SG   S  N N 79  
CYS OXT  O  N N 80  
CYS H    H  N N 81  
CYS H2   H  N N 82  
CYS HA   H  N N 83  
CYS HB2  H  N N 84  
CYS HB3  H  N N 85  
CYS HG   H  N N 86  
CYS HXT  H  N N 87  
GLN N    N  N N 88  
GLN CA   C  N S 89  
GLN C    C  N N 90  
GLN O    O  N N 91  
GLN CB   C  N N 92  
GLN CG   C  N N 93  
GLN CD   C  N N 94  
GLN OE1  O  N N 95  
GLN NE2  N  N N 96  
GLN OXT  O  N N 97  
GLN H    H  N N 98  
GLN H2   H  N N 99  
GLN HA   H  N N 100 
GLN HB2  H  N N 101 
GLN HB3  H  N N 102 
GLN HG2  H  N N 103 
GLN HG3  H  N N 104 
GLN HE21 H  N N 105 
GLN HE22 H  N N 106 
GLN HXT  H  N N 107 
GLU N    N  N N 108 
GLU CA   C  N S 109 
GLU C    C  N N 110 
GLU O    O  N N 111 
GLU CB   C  N N 112 
GLU CG   C  N N 113 
GLU CD   C  N N 114 
GLU OE1  O  N N 115 
GLU OE2  O  N N 116 
GLU OXT  O  N N 117 
GLU H    H  N N 118 
GLU H2   H  N N 119 
GLU HA   H  N N 120 
GLU HB2  H  N N 121 
GLU HB3  H  N N 122 
GLU HG2  H  N N 123 
GLU HG3  H  N N 124 
GLU HE2  H  N N 125 
GLU HXT  H  N N 126 
GLY N    N  N N 127 
GLY CA   C  N N 128 
GLY C    C  N N 129 
GLY O    O  N N 130 
GLY OXT  O  N N 131 
GLY H    H  N N 132 
GLY H2   H  N N 133 
GLY HA2  H  N N 134 
GLY HA3  H  N N 135 
GLY HXT  H  N N 136 
HIS N    N  N N 137 
HIS CA   C  N S 138 
HIS C    C  N N 139 
HIS O    O  N N 140 
HIS CB   C  N N 141 
HIS CG   C  Y N 142 
HIS ND1  N  Y N 143 
HIS CD2  C  Y N 144 
HIS CE1  C  Y N 145 
HIS NE2  N  Y N 146 
HIS OXT  O  N N 147 
HIS H    H  N N 148 
HIS H2   H  N N 149 
HIS HA   H  N N 150 
HIS HB2  H  N N 151 
HIS HB3  H  N N 152 
HIS HD1  H  N N 153 
HIS HD2  H  N N 154 
HIS HE1  H  N N 155 
HIS HE2  H  N N 156 
HIS HXT  H  N N 157 
HOH O    O  N N 158 
HOH H1   H  N N 159 
HOH H2   H  N N 160 
ILE N    N  N N 161 
ILE CA   C  N S 162 
ILE C    C  N N 163 
ILE O    O  N N 164 
ILE CB   C  N S 165 
ILE CG1  C  N N 166 
ILE CG2  C  N N 167 
ILE CD1  C  N N 168 
ILE OXT  O  N N 169 
ILE H    H  N N 170 
ILE H2   H  N N 171 
ILE HA   H  N N 172 
ILE HB   H  N N 173 
ILE HG12 H  N N 174 
ILE HG13 H  N N 175 
ILE HG21 H  N N 176 
ILE HG22 H  N N 177 
ILE HG23 H  N N 178 
ILE HD11 H  N N 179 
ILE HD12 H  N N 180 
ILE HD13 H  N N 181 
ILE HXT  H  N N 182 
LEU N    N  N N 183 
LEU CA   C  N S 184 
LEU C    C  N N 185 
LEU O    O  N N 186 
LEU CB   C  N N 187 
LEU CG   C  N N 188 
LEU CD1  C  N N 189 
LEU CD2  C  N N 190 
LEU OXT  O  N N 191 
LEU H    H  N N 192 
LEU H2   H  N N 193 
LEU HA   H  N N 194 
LEU HB2  H  N N 195 
LEU HB3  H  N N 196 
LEU HG   H  N N 197 
LEU HD11 H  N N 198 
LEU HD12 H  N N 199 
LEU HD13 H  N N 200 
LEU HD21 H  N N 201 
LEU HD22 H  N N 202 
LEU HD23 H  N N 203 
LEU HXT  H  N N 204 
LYS N    N  N N 205 
LYS CA   C  N S 206 
LYS C    C  N N 207 
LYS O    O  N N 208 
LYS CB   C  N N 209 
LYS CG   C  N N 210 
LYS CD   C  N N 211 
LYS CE   C  N N 212 
LYS NZ   N  N N 213 
LYS OXT  O  N N 214 
LYS H    H  N N 215 
LYS H2   H  N N 216 
LYS HA   H  N N 217 
LYS HB2  H  N N 218 
LYS HB3  H  N N 219 
LYS HG2  H  N N 220 
LYS HG3  H  N N 221 
LYS HD2  H  N N 222 
LYS HD3  H  N N 223 
LYS HE2  H  N N 224 
LYS HE3  H  N N 225 
LYS HZ1  H  N N 226 
LYS HZ2  H  N N 227 
LYS HZ3  H  N N 228 
LYS HXT  H  N N 229 
MET N    N  N N 230 
MET CA   C  N S 231 
MET C    C  N N 232 
MET O    O  N N 233 
MET CB   C  N N 234 
MET CG   C  N N 235 
MET SD   S  N N 236 
MET CE   C  N N 237 
MET OXT  O  N N 238 
MET H    H  N N 239 
MET H2   H  N N 240 
MET HA   H  N N 241 
MET HB2  H  N N 242 
MET HB3  H  N N 243 
MET HG2  H  N N 244 
MET HG3  H  N N 245 
MET HE1  H  N N 246 
MET HE2  H  N N 247 
MET HE3  H  N N 248 
MET HXT  H  N N 249 
PHE N    N  N N 250 
PHE CA   C  N S 251 
PHE C    C  N N 252 
PHE O    O  N N 253 
PHE CB   C  N N 254 
PHE CG   C  Y N 255 
PHE CD1  C  Y N 256 
PHE CD2  C  Y N 257 
PHE CE1  C  Y N 258 
PHE CE2  C  Y N 259 
PHE CZ   C  Y N 260 
PHE OXT  O  N N 261 
PHE H    H  N N 262 
PHE H2   H  N N 263 
PHE HA   H  N N 264 
PHE HB2  H  N N 265 
PHE HB3  H  N N 266 
PHE HD1  H  N N 267 
PHE HD2  H  N N 268 
PHE HE1  H  N N 269 
PHE HE2  H  N N 270 
PHE HZ   H  N N 271 
PHE HXT  H  N N 272 
PRO N    N  N N 273 
PRO CA   C  N S 274 
PRO C    C  N N 275 
PRO O    O  N N 276 
PRO CB   C  N N 277 
PRO CG   C  N N 278 
PRO CD   C  N N 279 
PRO OXT  O  N N 280 
PRO H    H  N N 281 
PRO HA   H  N N 282 
PRO HB2  H  N N 283 
PRO HB3  H  N N 284 
PRO HG2  H  N N 285 
PRO HG3  H  N N 286 
PRO HD2  H  N N 287 
PRO HD3  H  N N 288 
PRO HXT  H  N N 289 
SER N    N  N N 290 
SER CA   C  N S 291 
SER C    C  N N 292 
SER O    O  N N 293 
SER CB   C  N N 294 
SER OG   O  N N 295 
SER OXT  O  N N 296 
SER H    H  N N 297 
SER H2   H  N N 298 
SER HA   H  N N 299 
SER HB2  H  N N 300 
SER HB3  H  N N 301 
SER HG   H  N N 302 
SER HXT  H  N N 303 
SO4 S    S  N N 304 
SO4 O1   O  N N 305 
SO4 O2   O  N N 306 
SO4 O3   O  N N 307 
SO4 O4   O  N N 308 
THR N    N  N N 309 
THR CA   C  N S 310 
THR C    C  N N 311 
THR O    O  N N 312 
THR CB   C  N R 313 
THR OG1  O  N N 314 
THR CG2  C  N N 315 
THR OXT  O  N N 316 
THR H    H  N N 317 
THR H2   H  N N 318 
THR HA   H  N N 319 
THR HB   H  N N 320 
THR HG1  H  N N 321 
THR HG21 H  N N 322 
THR HG22 H  N N 323 
THR HG23 H  N N 324 
THR HXT  H  N N 325 
TYR N    N  N N 326 
TYR CA   C  N S 327 
TYR C    C  N N 328 
TYR O    O  N N 329 
TYR CB   C  N N 330 
TYR CG   C  Y N 331 
TYR CD1  C  Y N 332 
TYR CD2  C  Y N 333 
TYR CE1  C  Y N 334 
TYR CE2  C  Y N 335 
TYR CZ   C  Y N 336 
TYR OH   O  N N 337 
TYR OXT  O  N N 338 
TYR H    H  N N 339 
TYR H2   H  N N 340 
TYR HA   H  N N 341 
TYR HB2  H  N N 342 
TYR HB3  H  N N 343 
TYR HD1  H  N N 344 
TYR HD2  H  N N 345 
TYR HE1  H  N N 346 
TYR HE2  H  N N 347 
TYR HH   H  N N 348 
TYR HXT  H  N N 349 
VAL N    N  N N 350 
VAL CA   C  N S 351 
VAL C    C  N N 352 
VAL O    O  N N 353 
VAL CB   C  N N 354 
VAL CG1  C  N N 355 
VAL CG2  C  N N 356 
VAL OXT  O  N N 357 
VAL H    H  N N 358 
VAL H2   H  N N 359 
VAL HA   H  N N 360 
VAL HB   H  N N 361 
VAL HG11 H  N N 362 
VAL HG12 H  N N 363 
VAL HG13 H  N N 364 
VAL HG21 H  N N 365 
VAL HG22 H  N N 366 
VAL HG23 H  N N 367 
VAL HXT  H  N N 368 
Y30 OAE  O  N N 369 
Y30 CBA  C  N N 370 
Y30 OAG  O  N N 371 
Y30 CBH  C  Y N 372 
Y30 NAY  N  Y N 373 
Y30 CBJ  C  Y N 374 
Y30 CAU  C  Y N 375 
Y30 CBD  C  Y N 376 
Y30 CLI  CL N N 377 
Y30 CAQ  C  Y N 378 
Y30 CAT  C  Y N 379 
Y30 CBK  C  Y N 380 
Y30 CBI  C  Y N 381 
Y30 CA   C  N S 382 
Y30 C    C  N N 383 
Y30 NAX  N  N N 384 
Y30 CBN  C  N N 385 
Y30 CAA  C  N N 386 
Y30 CAC  C  N N 387 
Y30 CAB  C  N N 388 
Y30 O    O  N N 389 
Y30 N    N  N N 390 
Y30 CAJ  C  N N 391 
Y30 OAD  O  N N 392 
Y30 CAW  C  N N 393 
Y30 CBF  C  Y N 394 
Y30 CAP  C  Y N 395 
Y30 CAS  C  Y N 396 
Y30 CAO  C  Y N 397 
Y30 CAR  C  Y N 398 
Y30 CBG  C  Y N 399 
Y30 OAZ  O  N N 400 
Y30 CAV  C  N N 401 
Y30 CBE  C  Y N 402 
Y30 CAM  C  Y N 403 
Y30 CAN  C  Y N 404 
Y30 CAL  C  Y N 405 
Y30 CBC  C  Y N 406 
Y30 CLH  CL N N 407 
Y30 CAK  C  Y N 408 
Y30 H1   H  N N 409 
Y30 H2   H  N N 410 
Y30 H3   H  N N 411 
Y30 H4   H  N N 412 
Y30 H5   H  N N 413 
Y30 H6   H  N N 414 
Y30 H7   H  N N 415 
Y30 H8   H  N N 416 
Y30 H9   H  N N 417 
Y30 H10  H  N N 418 
Y30 H11  H  N N 419 
Y30 H12  H  N N 420 
Y30 H13  H  N N 421 
Y30 H14  H  N N 422 
Y30 H15  H  N N 423 
Y30 H16  H  N N 424 
Y30 H17  H  N N 425 
Y30 H18  H  N N 426 
Y30 H19  H  N N 427 
Y30 H20  H  N N 428 
Y30 H21  H  N N 429 
Y30 H22  H  N N 430 
Y30 H23  H  N N 431 
Y30 H24  H  N N 432 
Y30 H25  H  N N 433 
Y30 H26  H  N N 434 
Y30 H27  H  N N 435 
Y30 H28  H  N N 436 
Y30 H29  H  N N 437 
# 
loop_
_chem_comp_bond.comp_id 
_chem_comp_bond.atom_id_1 
_chem_comp_bond.atom_id_2 
_chem_comp_bond.value_order 
_chem_comp_bond.pdbx_aromatic_flag 
_chem_comp_bond.pdbx_stereo_config 
_chem_comp_bond.pdbx_ordinal 
ALA N   CA   sing N N 1   
ALA N   H    sing N N 2   
ALA N   H2   sing N N 3   
ALA CA  C    sing N N 4   
ALA CA  CB   sing N N 5   
ALA CA  HA   sing N N 6   
ALA C   O    doub N N 7   
ALA C   OXT  sing N N 8   
ALA CB  HB1  sing N N 9   
ALA CB  HB2  sing N N 10  
ALA CB  HB3  sing N N 11  
ALA OXT HXT  sing N N 12  
ARG N   CA   sing N N 13  
ARG N   H    sing N N 14  
ARG N   H2   sing N N 15  
ARG CA  C    sing N N 16  
ARG CA  CB   sing N N 17  
ARG CA  HA   sing N N 18  
ARG C   O    doub N N 19  
ARG C   OXT  sing N N 20  
ARG CB  CG   sing N N 21  
ARG CB  HB2  sing N N 22  
ARG CB  HB3  sing N N 23  
ARG CG  CD   sing N N 24  
ARG CG  HG2  sing N N 25  
ARG CG  HG3  sing N N 26  
ARG CD  NE   sing N N 27  
ARG CD  HD2  sing N N 28  
ARG CD  HD3  sing N N 29  
ARG NE  CZ   sing N N 30  
ARG NE  HE   sing N N 31  
ARG CZ  NH1  sing N N 32  
ARG CZ  NH2  doub N N 33  
ARG NH1 HH11 sing N N 34  
ARG NH1 HH12 sing N N 35  
ARG NH2 HH21 sing N N 36  
ARG NH2 HH22 sing N N 37  
ARG OXT HXT  sing N N 38  
ASN N   CA   sing N N 39  
ASN N   H    sing N N 40  
ASN N   H2   sing N N 41  
ASN CA  C    sing N N 42  
ASN CA  CB   sing N N 43  
ASN CA  HA   sing N N 44  
ASN C   O    doub N N 45  
ASN C   OXT  sing N N 46  
ASN CB  CG   sing N N 47  
ASN CB  HB2  sing N N 48  
ASN CB  HB3  sing N N 49  
ASN CG  OD1  doub N N 50  
ASN CG  ND2  sing N N 51  
ASN ND2 HD21 sing N N 52  
ASN ND2 HD22 sing N N 53  
ASN OXT HXT  sing N N 54  
ASP N   CA   sing N N 55  
ASP N   H    sing N N 56  
ASP N   H2   sing N N 57  
ASP CA  C    sing N N 58  
ASP CA  CB   sing N N 59  
ASP CA  HA   sing N N 60  
ASP C   O    doub N N 61  
ASP C   OXT  sing N N 62  
ASP CB  CG   sing N N 63  
ASP CB  HB2  sing N N 64  
ASP CB  HB3  sing N N 65  
ASP CG  OD1  doub N N 66  
ASP CG  OD2  sing N N 67  
ASP OD2 HD2  sing N N 68  
ASP OXT HXT  sing N N 69  
CYS N   CA   sing N N 70  
CYS N   H    sing N N 71  
CYS N   H2   sing N N 72  
CYS CA  C    sing N N 73  
CYS CA  CB   sing N N 74  
CYS CA  HA   sing N N 75  
CYS C   O    doub N N 76  
CYS C   OXT  sing N N 77  
CYS CB  SG   sing N N 78  
CYS CB  HB2  sing N N 79  
CYS CB  HB3  sing N N 80  
CYS SG  HG   sing N N 81  
CYS OXT HXT  sing N N 82  
GLN N   CA   sing N N 83  
GLN N   H    sing N N 84  
GLN N   H2   sing N N 85  
GLN CA  C    sing N N 86  
GLN CA  CB   sing N N 87  
GLN CA  HA   sing N N 88  
GLN C   O    doub N N 89  
GLN C   OXT  sing N N 90  
GLN CB  CG   sing N N 91  
GLN CB  HB2  sing N N 92  
GLN CB  HB3  sing N N 93  
GLN CG  CD   sing N N 94  
GLN CG  HG2  sing N N 95  
GLN CG  HG3  sing N N 96  
GLN CD  OE1  doub N N 97  
GLN CD  NE2  sing N N 98  
GLN NE2 HE21 sing N N 99  
GLN NE2 HE22 sing N N 100 
GLN OXT HXT  sing N N 101 
GLU N   CA   sing N N 102 
GLU N   H    sing N N 103 
GLU N   H2   sing N N 104 
GLU CA  C    sing N N 105 
GLU CA  CB   sing N N 106 
GLU CA  HA   sing N N 107 
GLU C   O    doub N N 108 
GLU C   OXT  sing N N 109 
GLU CB  CG   sing N N 110 
GLU CB  HB2  sing N N 111 
GLU CB  HB3  sing N N 112 
GLU CG  CD   sing N N 113 
GLU CG  HG2  sing N N 114 
GLU CG  HG3  sing N N 115 
GLU CD  OE1  doub N N 116 
GLU CD  OE2  sing N N 117 
GLU OE2 HE2  sing N N 118 
GLU OXT HXT  sing N N 119 
GLY N   CA   sing N N 120 
GLY N   H    sing N N 121 
GLY N   H2   sing N N 122 
GLY CA  C    sing N N 123 
GLY CA  HA2  sing N N 124 
GLY CA  HA3  sing N N 125 
GLY C   O    doub N N 126 
GLY C   OXT  sing N N 127 
GLY OXT HXT  sing N N 128 
HIS N   CA   sing N N 129 
HIS N   H    sing N N 130 
HIS N   H2   sing N N 131 
HIS CA  C    sing N N 132 
HIS CA  CB   sing N N 133 
HIS CA  HA   sing N N 134 
HIS C   O    doub N N 135 
HIS C   OXT  sing N N 136 
HIS CB  CG   sing N N 137 
HIS CB  HB2  sing N N 138 
HIS CB  HB3  sing N N 139 
HIS CG  ND1  sing Y N 140 
HIS CG  CD2  doub Y N 141 
HIS ND1 CE1  doub Y N 142 
HIS ND1 HD1  sing N N 143 
HIS CD2 NE2  sing Y N 144 
HIS CD2 HD2  sing N N 145 
HIS CE1 NE2  sing Y N 146 
HIS CE1 HE1  sing N N 147 
HIS NE2 HE2  sing N N 148 
HIS OXT HXT  sing N N 149 
HOH O   H1   sing N N 150 
HOH O   H2   sing N N 151 
ILE N   CA   sing N N 152 
ILE N   H    sing N N 153 
ILE N   H2   sing N N 154 
ILE CA  C    sing N N 155 
ILE CA  CB   sing N N 156 
ILE CA  HA   sing N N 157 
ILE C   O    doub N N 158 
ILE C   OXT  sing N N 159 
ILE CB  CG1  sing N N 160 
ILE CB  CG2  sing N N 161 
ILE CB  HB   sing N N 162 
ILE CG1 CD1  sing N N 163 
ILE CG1 HG12 sing N N 164 
ILE CG1 HG13 sing N N 165 
ILE CG2 HG21 sing N N 166 
ILE CG2 HG22 sing N N 167 
ILE CG2 HG23 sing N N 168 
ILE CD1 HD11 sing N N 169 
ILE CD1 HD12 sing N N 170 
ILE CD1 HD13 sing N N 171 
ILE OXT HXT  sing N N 172 
LEU N   CA   sing N N 173 
LEU N   H    sing N N 174 
LEU N   H2   sing N N 175 
LEU CA  C    sing N N 176 
LEU CA  CB   sing N N 177 
LEU CA  HA   sing N N 178 
LEU C   O    doub N N 179 
LEU C   OXT  sing N N 180 
LEU CB  CG   sing N N 181 
LEU CB  HB2  sing N N 182 
LEU CB  HB3  sing N N 183 
LEU CG  CD1  sing N N 184 
LEU CG  CD2  sing N N 185 
LEU CG  HG   sing N N 186 
LEU CD1 HD11 sing N N 187 
LEU CD1 HD12 sing N N 188 
LEU CD1 HD13 sing N N 189 
LEU CD2 HD21 sing N N 190 
LEU CD2 HD22 sing N N 191 
LEU CD2 HD23 sing N N 192 
LEU OXT HXT  sing N N 193 
LYS N   CA   sing N N 194 
LYS N   H    sing N N 195 
LYS N   H2   sing N N 196 
LYS CA  C    sing N N 197 
LYS CA  CB   sing N N 198 
LYS CA  HA   sing N N 199 
LYS C   O    doub N N 200 
LYS C   OXT  sing N N 201 
LYS CB  CG   sing N N 202 
LYS CB  HB2  sing N N 203 
LYS CB  HB3  sing N N 204 
LYS CG  CD   sing N N 205 
LYS CG  HG2  sing N N 206 
LYS CG  HG3  sing N N 207 
LYS CD  CE   sing N N 208 
LYS CD  HD2  sing N N 209 
LYS CD  HD3  sing N N 210 
LYS CE  NZ   sing N N 211 
LYS CE  HE2  sing N N 212 
LYS CE  HE3  sing N N 213 
LYS NZ  HZ1  sing N N 214 
LYS NZ  HZ2  sing N N 215 
LYS NZ  HZ3  sing N N 216 
LYS OXT HXT  sing N N 217 
MET N   CA   sing N N 218 
MET N   H    sing N N 219 
MET N   H2   sing N N 220 
MET CA  C    sing N N 221 
MET CA  CB   sing N N 222 
MET CA  HA   sing N N 223 
MET C   O    doub N N 224 
MET C   OXT  sing N N 225 
MET CB  CG   sing N N 226 
MET CB  HB2  sing N N 227 
MET CB  HB3  sing N N 228 
MET CG  SD   sing N N 229 
MET CG  HG2  sing N N 230 
MET CG  HG3  sing N N 231 
MET SD  CE   sing N N 232 
MET CE  HE1  sing N N 233 
MET CE  HE2  sing N N 234 
MET CE  HE3  sing N N 235 
MET OXT HXT  sing N N 236 
PHE N   CA   sing N N 237 
PHE N   H    sing N N 238 
PHE N   H2   sing N N 239 
PHE CA  C    sing N N 240 
PHE CA  CB   sing N N 241 
PHE CA  HA   sing N N 242 
PHE C   O    doub N N 243 
PHE C   OXT  sing N N 244 
PHE CB  CG   sing N N 245 
PHE CB  HB2  sing N N 246 
PHE CB  HB3  sing N N 247 
PHE CG  CD1  doub Y N 248 
PHE CG  CD2  sing Y N 249 
PHE CD1 CE1  sing Y N 250 
PHE CD1 HD1  sing N N 251 
PHE CD2 CE2  doub Y N 252 
PHE CD2 HD2  sing N N 253 
PHE CE1 CZ   doub Y N 254 
PHE CE1 HE1  sing N N 255 
PHE CE2 CZ   sing Y N 256 
PHE CE2 HE2  sing N N 257 
PHE CZ  HZ   sing N N 258 
PHE OXT HXT  sing N N 259 
PRO N   CA   sing N N 260 
PRO N   CD   sing N N 261 
PRO N   H    sing N N 262 
PRO CA  C    sing N N 263 
PRO CA  CB   sing N N 264 
PRO CA  HA   sing N N 265 
PRO C   O    doub N N 266 
PRO C   OXT  sing N N 267 
PRO CB  CG   sing N N 268 
PRO CB  HB2  sing N N 269 
PRO CB  HB3  sing N N 270 
PRO CG  CD   sing N N 271 
PRO CG  HG2  sing N N 272 
PRO CG  HG3  sing N N 273 
PRO CD  HD2  sing N N 274 
PRO CD  HD3  sing N N 275 
PRO OXT HXT  sing N N 276 
SER N   CA   sing N N 277 
SER N   H    sing N N 278 
SER N   H2   sing N N 279 
SER CA  C    sing N N 280 
SER CA  CB   sing N N 281 
SER CA  HA   sing N N 282 
SER C   O    doub N N 283 
SER C   OXT  sing N N 284 
SER CB  OG   sing N N 285 
SER CB  HB2  sing N N 286 
SER CB  HB3  sing N N 287 
SER OG  HG   sing N N 288 
SER OXT HXT  sing N N 289 
SO4 S   O1   doub N N 290 
SO4 S   O2   doub N N 291 
SO4 S   O3   sing N N 292 
SO4 S   O4   sing N N 293 
THR N   CA   sing N N 294 
THR N   H    sing N N 295 
THR N   H2   sing N N 296 
THR CA  C    sing N N 297 
THR CA  CB   sing N N 298 
THR CA  HA   sing N N 299 
THR C   O    doub N N 300 
THR C   OXT  sing N N 301 
THR CB  OG1  sing N N 302 
THR CB  CG2  sing N N 303 
THR CB  HB   sing N N 304 
THR OG1 HG1  sing N N 305 
THR CG2 HG21 sing N N 306 
THR CG2 HG22 sing N N 307 
THR CG2 HG23 sing N N 308 
THR OXT HXT  sing N N 309 
TYR N   CA   sing N N 310 
TYR N   H    sing N N 311 
TYR N   H2   sing N N 312 
TYR CA  C    sing N N 313 
TYR CA  CB   sing N N 314 
TYR CA  HA   sing N N 315 
TYR C   O    doub N N 316 
TYR C   OXT  sing N N 317 
TYR CB  CG   sing N N 318 
TYR CB  HB2  sing N N 319 
TYR CB  HB3  sing N N 320 
TYR CG  CD1  doub Y N 321 
TYR CG  CD2  sing Y N 322 
TYR CD1 CE1  sing Y N 323 
TYR CD1 HD1  sing N N 324 
TYR CD2 CE2  doub Y N 325 
TYR CD2 HD2  sing N N 326 
TYR CE1 CZ   doub Y N 327 
TYR CE1 HE1  sing N N 328 
TYR CE2 CZ   sing Y N 329 
TYR CE2 HE2  sing N N 330 
TYR CZ  OH   sing N N 331 
TYR OH  HH   sing N N 332 
TYR OXT HXT  sing N N 333 
VAL N   CA   sing N N 334 
VAL N   H    sing N N 335 
VAL N   H2   sing N N 336 
VAL CA  C    sing N N 337 
VAL CA  CB   sing N N 338 
VAL CA  HA   sing N N 339 
VAL C   O    doub N N 340 
VAL C   OXT  sing N N 341 
VAL CB  CG1  sing N N 342 
VAL CB  CG2  sing N N 343 
VAL CB  HB   sing N N 344 
VAL CG1 HG11 sing N N 345 
VAL CG1 HG12 sing N N 346 
VAL CG1 HG13 sing N N 347 
VAL CG2 HG21 sing N N 348 
VAL CG2 HG22 sing N N 349 
VAL CG2 HG23 sing N N 350 
VAL OXT HXT  sing N N 351 
Y30 CLH CBC  sing N N 352 
Y30 CBC CAL  doub Y N 353 
Y30 CBC CAK  sing Y N 354 
Y30 CAL CAN  sing Y N 355 
Y30 CAK CAM  doub Y N 356 
Y30 CAN CBE  doub Y N 357 
Y30 CAM CBE  sing Y N 358 
Y30 CBE CAV  sing N N 359 
Y30 CAV OAZ  sing N N 360 
Y30 OAZ CBG  sing N N 361 
Y30 CBG CAS  doub Y N 362 
Y30 CBG CAR  sing Y N 363 
Y30 CLI CBD  sing N N 364 
Y30 CAS CAP  sing Y N 365 
Y30 CAR CAO  doub Y N 366 
Y30 CAU CBD  doub Y N 367 
Y30 CAU CBJ  sing Y N 368 
Y30 CBD CAQ  sing Y N 369 
Y30 NAY CBJ  sing Y N 370 
Y30 NAY CBH  sing Y N 371 
Y30 CBJ CBK  doub Y N 372 
Y30 CAP CBF  doub Y N 373 
Y30 CAO CBF  sing Y N 374 
Y30 OAE CBA  doub N N 375 
Y30 CAQ CAT  doub Y N 376 
Y30 CBF CAW  sing N N 377 
Y30 CBH CBA  sing N N 378 
Y30 CBH CBI  doub Y N 379 
Y30 CBK CAT  sing Y N 380 
Y30 CBK CBI  sing Y N 381 
Y30 CBA OAG  sing N N 382 
Y30 CBI CA   sing N N 383 
Y30 CAW N    sing N N 384 
Y30 CA  N    sing N N 385 
Y30 CA  C    sing N N 386 
Y30 N   CAJ  sing N N 387 
Y30 CAJ OAD  doub N N 388 
Y30 C   NAX  sing N N 389 
Y30 C   O    doub N N 390 
Y30 NAX CBN  sing N N 391 
Y30 CAA CBN  sing N N 392 
Y30 CBN CAC  sing N N 393 
Y30 CBN CAB  sing N N 394 
Y30 OAG H1   sing N N 395 
Y30 NAY H2   sing N N 396 
Y30 CAU H3   sing N N 397 
Y30 CAQ H4   sing N N 398 
Y30 CAT H5   sing N N 399 
Y30 NAX H6   sing N N 400 
Y30 CAA H7   sing N N 401 
Y30 CAA H8   sing N N 402 
Y30 CAA H9   sing N N 403 
Y30 CAC H10  sing N N 404 
Y30 CAC H11  sing N N 405 
Y30 CAC H12  sing N N 406 
Y30 CAB H13  sing N N 407 
Y30 CAB H14  sing N N 408 
Y30 CAB H15  sing N N 409 
Y30 CAP H16  sing N N 410 
Y30 CAS H17  sing N N 411 
Y30 CAO H18  sing N N 412 
Y30 CAR H19  sing N N 413 
Y30 CAV H20  sing N N 414 
Y30 CAV H21  sing N N 415 
Y30 CAM H22  sing N N 416 
Y30 CAN H23  sing N N 417 
Y30 CAL H24  sing N N 418 
Y30 CAK H25  sing N N 419 
Y30 CA  H26  sing N N 420 
Y30 CAJ H27  sing N N 421 
Y30 CAW H28  sing N N 422 
Y30 CAW H29  sing N N 423 
# 
_atom_sites.entry_id                    4MDN 
_atom_sites.fract_transf_matrix[1][1]   0.01548553 
_atom_sites.fract_transf_matrix[1][2]   -0.00103472 
_atom_sites.fract_transf_matrix[1][3]   0.00082555 
_atom_sites.fract_transf_matrix[2][1]   0.00132179 
_atom_sites.fract_transf_matrix[2][2]   0.01260794 
_atom_sites.fract_transf_matrix[2][3]   -0.00899146 
_atom_sites.fract_transf_matrix[3][1]   -0.00005599 
_atom_sites.fract_transf_matrix[3][2]   0.00711189 
_atom_sites.fract_transf_matrix[3][3]   0.00996416 
_atom_sites.fract_transf_vector[1]      -0.247222 
_atom_sites.fract_transf_vector[2]      0.012430 
_atom_sites.fract_transf_vector[3]      -0.035251 
# 
loop_
_atom_type.symbol 
C  
CL 
N  
O  
S  
# 
loop_
_atom_site.group_PDB 
_atom_site.id 
_atom_site.type_symbol 
_atom_site.label_atom_id 
_atom_site.label_alt_id 
_atom_site.label_comp_id 
_atom_site.label_asym_id 
_atom_site.label_entity_id 
_atom_site.label_seq_id 
_atom_site.pdbx_PDB_ins_code 
_atom_site.Cartn_x 
_atom_site.Cartn_y 
_atom_site.Cartn_z 
_atom_site.occupancy 
_atom_site.B_iso_or_equiv 
_atom_site.pdbx_formal_charge 
_atom_site.auth_seq_id 
_atom_site.auth_comp_id 
_atom_site.auth_asym_id 
_atom_site.auth_atom_id 
_atom_site.pdbx_PDB_model_num 
ATOM   1   N  N   . MET A 1 1  ? -9.982  -12.807 9.799   1.00 55.62  ? 17  MET A N   1 
ATOM   2   C  CA  . MET A 1 1  ? -9.478  -11.632 9.088   1.00 57.62  ? 17  MET A CA  1 
ATOM   3   C  C   . MET A 1 1  ? -10.225 -11.475 7.769   1.00 53.98  ? 17  MET A C   1 
ATOM   4   O  O   . MET A 1 1  ? -10.765 -12.453 7.251   1.00 56.49  ? 17  MET A O   1 
ATOM   5   C  CB  . MET A 1 1  ? -7.973  -11.744 8.855   1.00 57.93  ? 17  MET A CB  1 
ATOM   6   C  CG  . MET A 1 1  ? -7.537  -13.053 8.214   1.00 64.56  ? 17  MET A CG  1 
ATOM   7   S  SD  . MET A 1 1  ? -5.770  -13.341 8.431   1.00 96.43  ? 17  MET A SD  1 
ATOM   8   C  CE  . MET A 1 1  ? -5.127  -11.669 8.351   1.00 49.41  ? 17  MET A CE  1 
ATOM   9   N  N   . GLN A 1 2  ? -10.255 -10.255 7.230   1.00 42.72  ? 18  GLN A N   1 
ATOM   10  C  CA  . GLN A 1 2  ? -11.109 -9.954  6.076   1.00 41.48  ? 18  GLN A CA  1 
ATOM   11  C  C   . GLN A 1 2  ? -10.730 -10.736 4.821   1.00 38.60  ? 18  GLN A C   1 
ATOM   12  O  O   . GLN A 1 2  ? -11.597 -11.243 4.116   1.00 39.82  ? 18  GLN A O   1 
ATOM   13  C  CB  . GLN A 1 2  ? -11.092 -8.463  5.756   1.00 35.72  ? 18  GLN A CB  1 
ATOM   14  C  CG  . GLN A 1 2  ? -11.828 -7.607  6.779   1.00 41.44  ? 18  GLN A CG  1 
ATOM   15  C  CD  . GLN A 1 2  ? -11.732 -6.131  6.456   1.00 40.13  ? 18  GLN A CD  1 
ATOM   16  O  OE1 . GLN A 1 2  ? -11.935 -5.720  5.313   1.00 40.19  ? 18  GLN A OE1 1 
ATOM   17  N  NE2 . GLN A 1 2  ? -11.409 -5.323  7.463   1.00 41.20  ? 18  GLN A NE2 1 
ATOM   18  N  N   . ILE A 1 3  ? -9.433  -10.801 4.549   1.00 37.85  ? 19  ILE A N   1 
ATOM   19  C  CA  . ILE A 1 3  ? -8.910  -11.488 3.371   1.00 34.67  ? 19  ILE A CA  1 
ATOM   20  C  C   . ILE A 1 3  ? -8.084  -12.656 3.879   1.00 37.65  ? 19  ILE A C   1 
ATOM   21  O  O   . ILE A 1 3  ? -7.356  -12.502 4.856   1.00 39.56  ? 19  ILE A O   1 
ATOM   22  C  CB  . ILE A 1 3  ? -8.019  -10.524 2.581   1.00 33.04  ? 19  ILE A CB  1 
ATOM   23  C  CG1 . ILE A 1 3  ? -8.836  -9.298  2.157   1.00 31.72  ? 19  ILE A CG1 1 
ATOM   24  C  CG2 . ILE A 1 3  ? -7.336  -11.226 1.398   1.00 31.98  ? 19  ILE A CG2 1 
ATOM   25  C  CD1 . ILE A 1 3  ? -8.082  -8.353  1.251   1.00 29.44  ? 19  ILE A CD1 1 
ATOM   26  N  N   . PRO A 1 4  ? -8.207  -13.842 3.250   1.00 33.36  ? 20  PRO A N   1 
ATOM   27  C  CA  . PRO A 1 4  ? -7.524  -14.989 3.856   1.00 34.83  ? 20  PRO A CA  1 
ATOM   28  C  C   . PRO A 1 4  ? -6.023  -14.791 3.863   1.00 35.87  ? 20  PRO A C   1 
ATOM   29  O  O   . PRO A 1 4  ? -5.476  -14.128 2.978   1.00 34.00  ? 20  PRO A O   1 
ATOM   30  C  CB  . PRO A 1 4  ? -7.949  -16.187 2.977   1.00 39.86  ? 20  PRO A CB  1 
ATOM   31  C  CG  . PRO A 1 4  ? -8.497  -15.587 1.727   1.00 42.33  ? 20  PRO A CG  1 
ATOM   32  C  CD  . PRO A 1 4  ? -9.002  -14.209 2.069   1.00 36.00  ? 20  PRO A CD  1 
ATOM   33  N  N   . ALA A 1 5  ? -5.366  -15.332 4.886   1.00 42.58  ? 21  ALA A N   1 
ATOM   34  C  CA  . ALA A 1 5  ? -3.939  -15.096 5.102   1.00 42.15  ? 21  ALA A CA  1 
ATOM   35  C  C   . ALA A 1 5  ? -3.073  -15.602 3.943   1.00 43.27  ? 21  ALA A C   1 
ATOM   36  O  O   . ALA A 1 5  ? -2.007  -15.044 3.663   1.00 37.89  ? 21  ALA A O   1 
ATOM   37  C  CB  . ALA A 1 5  ? -3.500  -15.747 6.414   1.00 48.77  ? 21  ALA A CB  1 
ATOM   38  N  N   . SER A 1 6  ? -3.539  -16.650 3.269   1.00 41.75  ? 22  SER A N   1 
ATOM   39  C  CA  . SER A 1 6  ? -2.788  -17.232 2.165   1.00 41.51  ? 22  SER A CA  1 
ATOM   40  C  C   . SER A 1 6  ? -2.539  -16.201 1.074   1.00 40.66  ? 22  SER A C   1 
ATOM   41  O  O   . SER A 1 6  ? -1.547  -16.286 0.363   1.00 42.86  ? 22  SER A O   1 
ATOM   42  C  CB  . SER A 1 6  ? -3.494  -18.463 1.603   1.00 45.32  ? 22  SER A CB  1 
ATOM   43  O  OG  . SER A 1 6  ? -4.749  -18.122 1.041   1.00 47.29  ? 22  SER A OG  1 
ATOM   44  N  N   . GLU A 1 7  ? -3.412  -15.202 0.971   1.00 33.17  ? 23  GLU A N   1 
ATOM   45  C  CA  . GLU A 1 7  ? -3.232  -14.141 -0.018  1.00 33.41  ? 23  GLU A CA  1 
ATOM   46  C  C   . GLU A 1 7  ? -1.982  -13.305 0.209   1.00 41.12  ? 23  GLU A C   1 
ATOM   47  O  O   . GLU A 1 7  ? -1.467  -12.696 -0.721  1.00 45.30  ? 23  GLU A O   1 
ATOM   48  C  CB  . GLU A 1 7  ? -4.437  -13.196 -0.062  1.00 38.11  ? 23  GLU A CB  1 
ATOM   49  C  CG  . GLU A 1 7  ? -5.648  -13.790 -0.730  1.00 34.07  ? 23  GLU A CG  1 
ATOM   50  C  CD  . GLU A 1 7  ? -5.474  -14.023 -2.229  1.00 41.97  ? 23  GLU A CD  1 
ATOM   51  O  OE1 . GLU A 1 7  ? -5.805  -15.131 -2.676  1.00 44.01  ? 23  GLU A OE1 1 
ATOM   52  O  OE2 . GLU A 1 7  ? -5.041  -13.108 -2.964  1.00 42.34  ? 23  GLU A OE2 1 
ATOM   53  N  N   . GLN A 1 8  ? -1.500  -13.252 1.442   1.00 38.16  ? 24  GLN A N   1 
ATOM   54  C  CA  . GLN A 1 8  ? -0.354  -12.409 1.721   1.00 36.39  ? 24  GLN A CA  1 
ATOM   55  C  C   . GLN A 1 8  ? 0.936   -13.048 1.237   1.00 37.19  ? 24  GLN A C   1 
ATOM   56  O  O   . GLN A 1 8  ? 1.965   -12.391 1.128   1.00 36.88  ? 24  GLN A O   1 
ATOM   57  C  CB  . GLN A 1 8  ? -0.284  -12.087 3.208   1.00 38.63  ? 24  GLN A CB  1 
ATOM   58  C  CG  . GLN A 1 8  ? -1.427  -11.195 3.637   1.00 41.77  ? 24  GLN A CG  1 
ATOM   59  C  CD  . GLN A 1 8  ? -1.194  -10.597 4.993   1.00 46.16  ? 24  GLN A CD  1 
ATOM   60  O  OE1 . GLN A 1 8  ? -0.060  -10.300 5.359   1.00 48.99  ? 24  GLN A OE1 1 
ATOM   61  N  NE2 . GLN A 1 8  ? -2.264  -10.433 5.760   1.00 49.70  ? 24  GLN A NE2 1 
ATOM   62  N  N   . GLU A 1 9  ? 0.871   -14.329 0.921   1.00 34.30  ? 25  GLU A N   1 
ATOM   63  C  CA  . GLU A 1 9  ? 2.058   -15.051 0.501   1.00 40.05  ? 25  GLU A CA  1 
ATOM   64  C  C   . GLU A 1 9  ? 2.316   -14.937 -1.002  1.00 42.40  ? 25  GLU A C   1 
ATOM   65  O  O   . GLU A 1 9  ? 3.363   -15.337 -1.474  1.00 43.73  ? 25  GLU A O   1 
ATOM   66  C  CB  . GLU A 1 9  ? 1.942   -16.518 0.921   1.00 51.16  ? 25  GLU A CB  1 
ATOM   67  C  CG  . GLU A 1 9  ? 1.825   -16.699 2.424   1.00 56.97  ? 25  GLU A CG  1 
ATOM   68  C  CD  . GLU A 1 9  ? 2.992   -16.071 3.167   1.00 69.40  ? 25  GLU A CD  1 
ATOM   69  O  OE1 . GLU A 1 9  ? 4.154   -16.330 2.774   1.00 75.99  ? 25  GLU A OE1 1 
ATOM   70  O  OE2 . GLU A 1 9  ? 2.754   -15.302 4.127   1.00 72.16  ? 25  GLU A OE2 1 
ATOM   71  N  N   . THR A 1 10 ? 1.367   -14.384 -1.749  1.00 43.44  ? 26  THR A N   1 
ATOM   72  C  CA  . THR A 1 10 ? 1.530   -14.270 -3.194  1.00 39.27  ? 26  THR A CA  1 
ATOM   73  C  C   . THR A 1 10 ? 2.721   -13.397 -3.539  1.00 39.80  ? 26  THR A C   1 
ATOM   74  O  O   . THR A 1 10 ? 2.868   -12.296 -3.014  1.00 37.69  ? 26  THR A O   1 
ATOM   75  C  CB  . THR A 1 10 ? 0.272   -13.694 -3.864  1.00 41.09  ? 26  THR A CB  1 
ATOM   76  O  OG1 . THR A 1 10 ? -0.822  -14.581 -3.622  1.00 45.29  ? 26  THR A OG1 1 
ATOM   77  C  CG2 . THR A 1 10 ? 0.469   -13.550 -5.377  1.00 46.67  ? 26  THR A CG2 1 
ATOM   78  N  N   . LEU A 1 11 ? 3.576   -13.920 -4.409  1.00 34.76  ? 27  LEU A N   1 
ATOM   79  C  CA  . LEU A 1 11 ? 4.745   -13.222 -4.914  1.00 38.00  ? 27  LEU A CA  1 
ATOM   80  C  C   . LEU A 1 11 ? 4.330   -12.252 -6.021  1.00 44.32  ? 27  LEU A C   1 
ATOM   81  O  O   . LEU A 1 11 ? 3.665   -12.653 -6.983  1.00 49.68  ? 27  LEU A O   1 
ATOM   82  C  CB  . LEU A 1 11 ? 5.707   -14.257 -5.487  1.00 46.46  ? 27  LEU A CB  1 
ATOM   83  C  CG  . LEU A 1 11 ? 7.187   -14.108 -5.188  1.00 54.15  ? 27  LEU A CG  1 
ATOM   84  C  CD1 . LEU A 1 11 ? 7.402   -13.843 -3.712  1.00 55.71  ? 27  LEU A CD1 1 
ATOM   85  C  CD2 . LEU A 1 11 ? 7.905   -15.385 -5.618  1.00 57.25  ? 27  LEU A CD2 1 
ATOM   86  N  N   . VAL A 1 12 ? 4.715   -10.984 -5.894  1.00 39.54  ? 28  VAL A N   1 
ATOM   87  C  CA  . VAL A 1 12 ? 4.314   -9.957  -6.855  1.00 39.55  ? 28  VAL A CA  1 
ATOM   88  C  C   . VAL A 1 12 ? 5.461   -9.043  -7.297  1.00 40.00  ? 28  VAL A C   1 
ATOM   89  O  O   . VAL A 1 12 ? 6.464   -8.892  -6.598  1.00 41.42  ? 28  VAL A O   1 
ATOM   90  C  CB  . VAL A 1 12 ? 3.143   -9.096  -6.319  1.00 37.49  ? 28  VAL A CB  1 
ATOM   91  C  CG1 . VAL A 1 12 ? 1.955   -9.979  -5.988  1.00 39.91  ? 28  VAL A CG1 1 
ATOM   92  C  CG2 . VAL A 1 12 ? 3.562   -8.321  -5.086  1.00 39.09  ? 28  VAL A CG2 1 
ATOM   93  N  N   . ARG A 1 13 ? 5.293   -8.419  -8.459  1.00 38.09  ? 29  ARG A N   1 
ATOM   94  C  CA  . ARG A 1 13 ? 6.312   -7.531  -9.007  1.00 41.13  ? 29  ARG A CA  1 
ATOM   95  C  C   . ARG A 1 13 ? 5.755   -6.117  -9.175  1.00 42.11  ? 29  ARG A C   1 
ATOM   96  O  O   . ARG A 1 13 ? 5.001   -5.859  -10.113 1.00 42.95  ? 29  ARG A O   1 
ATOM   97  C  CB  . ARG A 1 13 ? 6.797   -8.082  -10.357 1.00 50.21  ? 29  ARG A CB  1 
ATOM   98  C  CG  . ARG A 1 13 ? 7.886   -7.275  -11.019 1.00 53.93  ? 29  ARG A CG  1 
ATOM   99  C  CD  . ARG A 1 13 ? 8.298   -7.899  -12.372 1.00 60.42  ? 29  ARG A CD  1 
ATOM   100 N  NE  . ARG A 1 13 ? 8.867   -9.234  -12.205 1.00 61.25  ? 29  ARG A NE  1 
ATOM   101 C  CZ  . ARG A 1 13 ? 10.137  -9.462  -11.881 1.00 65.33  ? 29  ARG A CZ  1 
ATOM   102 N  NH1 . ARG A 1 13 ? 10.971  -8.443  -11.696 1.00 61.82  ? 29  ARG A NH1 1 
ATOM   103 N  NH2 . ARG A 1 13 ? 10.572  -10.705 -11.741 1.00 72.38  ? 29  ARG A NH2 1 
ATOM   104 N  N   . PRO A 1 14 ? 6.115   -5.193  -8.262  1.00 40.82  ? 30  PRO A N   1 
ATOM   105 C  CA  . PRO A 1 14 ? 5.582   -3.825  -8.336  1.00 36.91  ? 30  PRO A CA  1 
ATOM   106 C  C   . PRO A 1 14 ? 5.940   -3.096  -9.616  1.00 39.20  ? 30  PRO A C   1 
ATOM   107 O  O   . PRO A 1 14 ? 7.078   -3.173  -10.084 1.00 41.04  ? 30  PRO A O   1 
ATOM   108 C  CB  . PRO A 1 14 ? 6.258   -3.128  -7.156  1.00 35.69  ? 30  PRO A CB  1 
ATOM   109 C  CG  . PRO A 1 14 ? 6.476   -4.225  -6.171  1.00 39.69  ? 30  PRO A CG  1 
ATOM   110 C  CD  . PRO A 1 14 ? 6.889   -5.401  -7.026  1.00 37.72  ? 30  PRO A CD  1 
ATOM   111 N  N   . LYS A 1 15 ? 4.972   -2.377  -10.172 1.00 39.98  ? 31  LYS A N   1 
ATOM   112 C  CA  . LYS A 1 15 ? 5.233   -1.518  -11.332 1.00 43.63  ? 31  LYS A CA  1 
ATOM   113 C  C   . LYS A 1 15 ? 6.183   -0.381  -10.930 1.00 41.36  ? 31  LYS A C   1 
ATOM   114 O  O   . LYS A 1 15 ? 6.411   -0.158  -9.734  1.00 42.50  ? 31  LYS A O   1 
ATOM   115 C  CB  . LYS A 1 15 ? 3.908   -0.987  -11.892 1.00 44.28  ? 31  LYS A CB  1 
ATOM   116 C  CG  . LYS A 1 15 ? 3.056   -2.059  -12.563 1.00 48.95  ? 31  LYS A CG  1 
ATOM   117 C  CD  . LYS A 1 15 ? 1.670   -1.528  -12.908 1.00 50.49  ? 31  LYS A CD  1 
ATOM   118 C  CE  . LYS A 1 15 ? 0.847   -2.548  -13.663 1.00 56.11  ? 31  LYS A CE  1 
ATOM   119 N  NZ  . LYS A 1 15 ? -0.480  -1.999  -14.054 1.00 61.01  ? 31  LYS A NZ  1 
ATOM   120 N  N   . PRO A 1 16 ? 6.766   0.321   -11.914 1.00 46.81  ? 32  PRO A N   1 
ATOM   121 C  CA  . PRO A 1 16 ? 7.819   1.297   -11.600 1.00 48.18  ? 32  PRO A CA  1 
ATOM   122 C  C   . PRO A 1 16 ? 7.514   2.357   -10.525 1.00 48.96  ? 32  PRO A C   1 
ATOM   123 O  O   . PRO A 1 16 ? 8.365   2.567   -9.666  1.00 49.36  ? 32  PRO A O   1 
ATOM   124 C  CB  . PRO A 1 16 ? 8.091   1.934   -12.953 1.00 50.89  ? 32  PRO A CB  1 
ATOM   125 C  CG  . PRO A 1 16 ? 7.895   0.801   -13.899 1.00 51.32  ? 32  PRO A CG  1 
ATOM   126 C  CD  . PRO A 1 16 ? 6.705   0.055   -13.368 1.00 41.93  ? 32  PRO A CD  1 
ATOM   127 N  N   . LEU A 1 17 ? 6.352   2.998   -10.549 1.00 41.10  ? 33  LEU A N   1 
ATOM   128 C  CA  . LEU A 1 17 ? 6.074   4.034   -9.555  1.00 43.34  ? 33  LEU A CA  1 
ATOM   129 C  C   . LEU A 1 17 ? 5.974   3.466   -8.158  1.00 42.11  ? 33  LEU A C   1 
ATOM   130 O  O   . LEU A 1 17 ? 6.541   4.024   -7.218  1.00 41.84  ? 33  LEU A O   1 
ATOM   131 C  CB  . LEU A 1 17 ? 4.823   4.844   -9.909  1.00 43.97  ? 33  LEU A CB  1 
ATOM   132 C  CG  . LEU A 1 17 ? 5.071   5.824   -11.064 1.00 56.22  ? 33  LEU A CG  1 
ATOM   133 C  CD1 . LEU A 1 17 ? 3.820   6.605   -11.442 1.00 56.10  ? 33  LEU A CD1 1 
ATOM   134 C  CD2 . LEU A 1 17 ? 6.190   6.774   -10.693 1.00 62.00  ? 33  LEU A CD2 1 
ATOM   135 N  N   . LEU A 1 18 ? 5.265   2.350   -8.012  1.00 40.04  ? 34  LEU A N   1 
ATOM   136 C  CA  . LEU A 1 18 ? 5.141   1.712   -6.712  1.00 34.76  ? 34  LEU A CA  1 
ATOM   137 C  C   . LEU A 1 18 ? 6.480   1.188   -6.207  1.00 37.62  ? 34  LEU A C   1 
ATOM   138 O  O   . LEU A 1 18 ? 6.789   1.295   -5.016  1.00 35.91  ? 34  LEU A O   1 
ATOM   139 C  CB  . LEU A 1 18 ? 4.131   0.564   -6.755  1.00 34.51  ? 34  LEU A CB  1 
ATOM   140 C  CG  . LEU A 1 18 ? 4.099   -0.230  -5.443  1.00 32.49  ? 34  LEU A CG  1 
ATOM   141 C  CD1 . LEU A 1 18 ? 3.711   0.668   -4.275  1.00 35.14  ? 34  LEU A CD1 1 
ATOM   142 C  CD2 . LEU A 1 18 ? 3.131   -1.410  -5.552  1.00 33.67  ? 34  LEU A CD2 1 
ATOM   143 N  N   . LEU A 1 19 ? 7.273   0.618   -7.105  1.00 40.43  ? 35  LEU A N   1 
ATOM   144 C  CA  . LEU A 1 19 ? 8.599   0.138   -6.729  1.00 39.84  ? 35  LEU A CA  1 
ATOM   145 C  C   . LEU A 1 19 ? 9.451   1.275   -6.186  1.00 42.62  ? 35  LEU A C   1 
ATOM   146 O  O   . LEU A 1 19 ? 10.167  1.100   -5.197  1.00 42.08  ? 35  LEU A O   1 
ATOM   147 C  CB  . LEU A 1 19 ? 9.325   -0.496  -7.916  1.00 38.36  ? 35  LEU A CB  1 
ATOM   148 C  CG  . LEU A 1 19 ? 10.650  -1.145  -7.503  1.00 38.77  ? 35  LEU A CG  1 
ATOM   149 C  CD1 . LEU A 1 19 ? 10.371  -2.287  -6.536  1.00 38.28  ? 35  LEU A CD1 1 
ATOM   150 C  CD2 . LEU A 1 19 ? 11.435  -1.642  -8.705  1.00 44.31  ? 35  LEU A CD2 1 
ATOM   151 N  N   . LYS A 1 20 ? 9.381   2.436   -6.842  1.00 39.51  ? 36  LYS A N   1 
ATOM   152 C  CA  . LYS A 1 20 ? 10.119  3.605   -6.381  1.00 41.83  ? 36  LYS A CA  1 
ATOM   153 C  C   . LYS A 1 20 ? 9.668   3.979   -4.980  1.00 39.91  ? 36  LYS A C   1 
ATOM   154 O  O   . LYS A 1 20 ? 10.488  4.305   -4.119  1.00 45.25  ? 36  LYS A O   1 
ATOM   155 C  CB  . LYS A 1 20 ? 9.925   4.800   -7.318  1.00 48.15  ? 36  LYS A CB  1 
ATOM   156 C  CG  . LYS A 1 20 ? 10.881  5.952   -7.010  1.00 51.63  ? 36  LYS A CG  1 
ATOM   157 C  CD  . LYS A 1 20 ? 10.743  7.112   -7.984  1.00 57.59  ? 36  LYS A CD  1 
ATOM   158 C  CE  . LYS A 1 20 ? 11.762  8.213   -7.668  1.00 64.44  ? 36  LYS A CE  1 
ATOM   159 N  NZ  . LYS A 1 20 ? 11.764  9.320   -8.674  1.00 72.19  ? 36  LYS A NZ  1 
ATOM   160 N  N   . LEU A 1 21 ? 8.363   3.924   -4.755  1.00 35.22  ? 37  LEU A N   1 
ATOM   161 C  CA  . LEU A 1 21 ? 7.814   4.277   -3.448  1.00 36.00  ? 37  LEU A CA  1 
ATOM   162 C  C   . LEU A 1 21 ? 8.327   3.327   -2.368  1.00 36.85  ? 37  LEU A C   1 
ATOM   163 O  O   . LEU A 1 21 ? 8.764   3.767   -1.305  1.00 34.93  ? 37  LEU A O   1 
ATOM   164 C  CB  . LEU A 1 21 ? 6.287   4.275   -3.475  1.00 34.84  ? 37  LEU A CB  1 
ATOM   165 C  CG  . LEU A 1 21 ? 5.551   4.662   -2.182  1.00 39.95  ? 37  LEU A CG  1 
ATOM   166 C  CD1 . LEU A 1 21 ? 4.246   5.363   -2.514  1.00 45.13  ? 37  LEU A CD1 1 
ATOM   167 C  CD2 . LEU A 1 21 ? 5.278   3.475   -1.278  1.00 34.41  ? 37  LEU A CD2 1 
ATOM   168 N  N   . LEU A 1 22 ? 8.269   2.028   -2.645  1.00 36.03  ? 38  LEU A N   1 
ATOM   169 C  CA  . LEU A 1 22 ? 8.719   1.026   -1.688  1.00 35.87  ? 38  LEU A CA  1 
ATOM   170 C  C   . LEU A 1 22 ? 10.183  1.227   -1.348  1.00 36.79  ? 38  LEU A C   1 
ATOM   171 O  O   . LEU A 1 22 ? 10.576  1.180   -0.185  1.00 35.22  ? 38  LEU A O   1 
ATOM   172 C  CB  . LEU A 1 22 ? 8.521   -0.378  -2.252  1.00 34.31  ? 38  LEU A CB  1 
ATOM   173 C  CG  . LEU A 1 22 ? 7.066   -0.769  -2.512  1.00 36.50  ? 38  LEU A CG  1 
ATOM   174 C  CD1 . LEU A 1 22 ? 6.985   -2.164  -3.140  1.00 35.61  ? 38  LEU A CD1 1 
ATOM   175 C  CD2 . LEU A 1 22 ? 6.233   -0.707  -1.217  1.00 30.71  ? 38  LEU A CD2 1 
ATOM   176 N  N   . LYS A 1 23 ? 10.999  1.457   -2.370  1.00 36.01  ? 39  LYS A N   1 
ATOM   177 C  CA  . LYS A 1 23 ? 12.426  1.595   -2.141  1.00 36.82  ? 39  LYS A CA  1 
ATOM   178 C  C   . LYS A 1 23 ? 12.737  2.866   -1.358  1.00 43.01  ? 39  LYS A C   1 
ATOM   179 O  O   . LYS A 1 23 ? 13.741  2.924   -0.651  1.00 42.12  ? 39  LYS A O   1 
ATOM   180 C  CB  . LYS A 1 23 ? 13.201  1.548   -3.459  1.00 40.32  ? 39  LYS A CB  1 
ATOM   181 C  CG  . LYS A 1 23 ? 13.105  0.189   -4.137  1.00 44.42  ? 39  LYS A CG  1 
ATOM   182 C  CD  . LYS A 1 23 ? 14.207  -0.036  -5.131  1.00 49.98  ? 39  LYS A CD  1 
ATOM   183 C  CE  . LYS A 1 23 ? 14.177  -1.466  -5.638  1.00 54.30  ? 39  LYS A CE  1 
ATOM   184 N  NZ  . LYS A 1 23 ? 15.292  -1.729  -6.588  1.00 55.27  ? 39  LYS A NZ  1 
ATOM   185 N  N   . SER A 1 24 ? 11.872  3.873   -1.474  1.00 38.22  ? 40  SER A N   1 
ATOM   186 C  CA  . SER A 1 24 ? 12.107  5.149   -0.795  1.00 40.07  ? 40  SER A CA  1 
ATOM   187 C  C   . SER A 1 24 ? 11.983  4.996   0.716   1.00 39.76  ? 40  SER A C   1 
ATOM   188 O  O   . SER A 1 24 ? 12.476  5.829   1.467   1.00 39.96  ? 40  SER A O   1 
ATOM   189 C  CB  . SER A 1 24 ? 11.141  6.231   -1.287  1.00 41.89  ? 40  SER A CB  1 
ATOM   190 O  OG  . SER A 1 24 ? 9.831   6.055   -0.749  1.00 41.25  ? 40  SER A OG  1 
ATOM   191 N  N   . VAL A 1 25 ? 11.324  3.933   1.165   1.00 35.67  ? 41  VAL A N   1 
ATOM   192 C  CA  . VAL A 1 25 ? 11.254  3.654   2.600   1.00 35.22  ? 41  VAL A CA  1 
ATOM   193 C  C   . VAL A 1 25 ? 12.121  2.450   2.999   1.00 36.72  ? 41  VAL A C   1 
ATOM   194 O  O   . VAL A 1 25 ? 11.970  1.891   4.086   1.00 39.32  ? 41  VAL A O   1 
ATOM   195 C  CB  . VAL A 1 25 ? 9.790   3.476   3.105   1.00 40.14  ? 41  VAL A CB  1 
ATOM   196 C  CG1 . VAL A 1 25 ? 9.051   4.803   3.042   1.00 44.23  ? 41  VAL A CG1 1 
ATOM   197 C  CG2 . VAL A 1 25 ? 9.047   2.388   2.318   1.00 35.15  ? 41  VAL A CG2 1 
ATOM   198 N  N   . GLY A 1 26 ? 13.036  2.059   2.118   1.00 34.96  ? 42  GLY A N   1 
ATOM   199 C  CA  . GLY A 1 26 ? 14.031  1.066   2.471   1.00 36.11  ? 42  GLY A CA  1 
ATOM   200 C  C   . GLY A 1 26 ? 13.839  -0.353  1.957   1.00 40.22  ? 42  GLY A C   1 
ATOM   201 O  O   . GLY A 1 26 ? 14.590  -1.253  2.348   1.00 39.38  ? 42  GLY A O   1 
ATOM   202 N  N   . ALA A 1 27 ? 12.857  -0.576  1.087   1.00 34.19  ? 43  ALA A N   1 
ATOM   203 C  CA  . ALA A 1 27 ? 12.709  -1.890  0.475   1.00 33.94  ? 43  ALA A CA  1 
ATOM   204 C  C   . ALA A 1 27 ? 13.896  -2.164  -0.464  1.00 40.08  ? 43  ALA A C   1 
ATOM   205 O  O   . ALA A 1 27 ? 14.454  -1.241  -1.056  1.00 39.85  ? 43  ALA A O   1 
ATOM   206 C  CB  . ALA A 1 27 ? 11.377  -2.006  -0.262  1.00 30.37  ? 43  ALA A CB  1 
ATOM   207 N  N   . GLN A 1 28 ? 14.283  -3.428  -0.587  1.00 40.52  ? 44  GLN A N   1 
ATOM   208 C  CA  . GLN A 1 28 ? 15.558  -3.777  -1.210  1.00 40.78  ? 44  GLN A CA  1 
ATOM   209 C  C   . GLN A 1 28 ? 15.476  -4.647  -2.465  1.00 45.33  ? 44  GLN A C   1 
ATOM   210 O  O   . GLN A 1 28 ? 16.506  -4.932  -3.066  1.00 47.51  ? 44  GLN A O   1 
ATOM   211 C  CB  . GLN A 1 28 ? 16.451  -4.499  -0.197  1.00 46.07  ? 44  GLN A CB  1 
ATOM   212 C  CG  . GLN A 1 28 ? 16.678  -3.752  1.098   1.00 50.12  ? 44  GLN A CG  1 
ATOM   213 C  CD  . GLN A 1 28 ? 17.625  -2.595  0.943   1.00 58.11  ? 44  GLN A CD  1 
ATOM   214 O  OE1 . GLN A 1 28 ? 18.684  -2.721  0.330   1.00 70.57  ? 44  GLN A OE1 1 
ATOM   215 N  NE2 . GLN A 1 28 ? 17.248  -1.448  1.488   1.00 52.17  ? 44  GLN A NE2 1 
ATOM   216 N  N   . LYS A 1 29 ? 14.280  -5.062  -2.866  1.00 42.24  ? 45  LYS A N   1 
ATOM   217 C  CA  . LYS A 1 29 ? 14.136  -6.084  -3.910  1.00 46.21  ? 45  LYS A CA  1 
ATOM   218 C  C   . LYS A 1 29 ? 13.285  -5.609  -5.073  1.00 44.82  ? 45  LYS A C   1 
ATOM   219 O  O   . LYS A 1 29 ? 12.739  -4.504  -5.054  1.00 41.69  ? 45  LYS A O   1 
ATOM   220 C  CB  . LYS A 1 29 ? 13.505  -7.356  -3.330  1.00 49.12  ? 45  LYS A CB  1 
ATOM   221 C  CG  . LYS A 1 29 ? 14.022  -7.732  -1.957  1.00 51.63  ? 45  LYS A CG  1 
ATOM   222 C  CD  . LYS A 1 29 ? 13.433  -9.041  -1.442  1.00 45.89  ? 45  LYS A CD  1 
ATOM   223 C  CE  . LYS A 1 29 ? 11.992  -8.869  -0.984  1.00 43.87  ? 45  LYS A CE  1 
ATOM   224 N  NZ  . LYS A 1 29 ? 11.496  -10.129 -0.364  1.00 49.82  ? 45  LYS A NZ  1 
ATOM   225 N  N   . ASP A 1 30 ? 13.170  -6.455  -6.091  1.00 45.38  ? 46  ASP A N   1 
ATOM   226 C  CA  . ASP A 1 30 ? 12.310  -6.166  -7.226  1.00 44.67  ? 46  ASP A CA  1 
ATOM   227 C  C   . ASP A 1 30 ? 10.991  -6.907  -7.112  1.00 43.49  ? 46  ASP A C   1 
ATOM   228 O  O   . ASP A 1 30 ? 9.993   -6.505  -7.706  1.00 44.81  ? 46  ASP A O   1 
ATOM   229 C  CB  . ASP A 1 30 ? 12.986  -6.552  -8.540  1.00 50.14  ? 46  ASP A CB  1 
ATOM   230 C  CG  . ASP A 1 30 ? 14.123  -5.617  -8.910  1.00 61.60  ? 46  ASP A CG  1 
ATOM   231 O  OD1 . ASP A 1 30 ? 14.096  -4.440  -8.486  1.00 59.57  ? 46  ASP A OD1 1 
ATOM   232 O  OD2 . ASP A 1 30 ? 15.046  -6.065  -9.627  1.00 72.53  ? 46  ASP A OD2 1 
ATOM   233 N  N   . THR A 1 31 ? 10.986  -8.009  -6.375  1.00 41.71  ? 47  THR A N   1 
ATOM   234 C  CA  . THR A 1 31 ? 9.753   -8.756  -6.167  1.00 42.05  ? 47  THR A CA  1 
ATOM   235 C  C   . THR A 1 31 ? 9.530   -8.975  -4.677  1.00 43.57  ? 47  THR A C   1 
ATOM   236 O  O   . THR A 1 31 ? 10.487  -9.085  -3.909  1.00 45.12  ? 47  THR A O   1 
ATOM   237 C  CB  . THR A 1 31 ? 9.772   -10.123 -6.879  1.00 45.42  ? 47  THR A CB  1 
ATOM   238 O  OG1 . THR A 1 31 ? 10.742  -10.962 -6.256  1.00 43.47  ? 47  THR A OG1 1 
ATOM   239 C  CG2 . THR A 1 31 ? 10.131  -9.972  -8.356  1.00 48.82  ? 47  THR A CG2 1 
ATOM   240 N  N   . TYR A 1 32 ? 8.262   -9.050  -4.283  1.00 37.83  ? 48  TYR A N   1 
ATOM   241 C  CA  . TYR A 1 32 ? 7.866   -9.094  -2.870  1.00 35.93  ? 48  TYR A CA  1 
ATOM   242 C  C   . TYR A 1 32 ? 6.714   -10.052 -2.679  1.00 37.85  ? 48  TYR A C   1 
ATOM   243 O  O   . TYR A 1 32 ? 5.997   -10.358 -3.629  1.00 41.59  ? 48  TYR A O   1 
ATOM   244 C  CB  . TYR A 1 32 ? 7.390   -7.700  -2.416  1.00 31.03  ? 48  TYR A CB  1 
ATOM   245 C  CG  . TYR A 1 32 ? 8.468   -6.669  -2.495  1.00 32.67  ? 48  TYR A CG  1 
ATOM   246 C  CD1 . TYR A 1 32 ? 8.692   -5.959  -3.667  1.00 37.33  ? 48  TYR A CD1 1 
ATOM   247 C  CD2 . TYR A 1 32 ? 9.304   -6.435  -1.415  1.00 37.21  ? 48  TYR A CD2 1 
ATOM   248 C  CE1 . TYR A 1 32 ? 9.706   -5.028  -3.751  1.00 35.36  ? 48  TYR A CE1 1 
ATOM   249 C  CE2 . TYR A 1 32 ? 10.324  -5.510  -1.490  1.00 36.45  ? 48  TYR A CE2 1 
ATOM   250 C  CZ  . TYR A 1 32 ? 10.524  -4.811  -2.663  1.00 36.54  ? 48  TYR A CZ  1 
ATOM   251 O  OH  . TYR A 1 32 ? 11.541  -3.882  -2.748  1.00 40.85  ? 48  TYR A OH  1 
ATOM   252 N  N   . THR A 1 33 ? 6.510   -10.517 -1.451  1.00 34.80  ? 49  THR A N   1 
ATOM   253 C  CA  . THR A 1 33 ? 5.217   -11.095 -1.120  1.00 31.89  ? 49  THR A CA  1 
ATOM   254 C  C   . THR A 1 33 ? 4.260   -9.941  -0.837  1.00 29.79  ? 49  THR A C   1 
ATOM   255 O  O   . THR A 1 33 ? 4.680   -8.810  -0.574  1.00 30.24  ? 49  THR A O   1 
ATOM   256 C  CB  . THR A 1 33 ? 5.284   -11.996 0.114   1.00 36.25  ? 49  THR A CB  1 
ATOM   257 O  OG1 . THR A 1 33 ? 5.792   -11.227 1.212   1.00 36.38  ? 49  THR A OG1 1 
ATOM   258 C  CG2 . THR A 1 33 ? 6.199   -13.178 -0.141  1.00 35.70  ? 49  THR A CG2 1 
ATOM   259 N  N   . MET A 1 34 ? 2.964   -10.212 -0.879  1.00 31.30  ? 50  MET A N   1 
ATOM   260 C  CA  . MET A 1 34 ? 1.997   -9.159  -0.592  1.00 27.43  ? 50  MET A CA  1 
ATOM   261 C  C   . MET A 1 34 ? 2.170   -8.673  0.853   1.00 30.93  ? 50  MET A C   1 
ATOM   262 O  O   . MET A 1 34 ? 1.965   -7.494  1.140   1.00 31.24  ? 50  MET A O   1 
ATOM   263 C  CB  . MET A 1 34 ? 0.575   -9.655  -0.859  1.00 35.13  ? 50  MET A CB  1 
ATOM   264 C  CG  . MET A 1 34 ? 0.190   -9.611  -2.341  1.00 32.73  ? 50  MET A CG  1 
ATOM   265 S  SD  . MET A 1 34 ? 0.067   -7.901  -2.919  1.00 41.18  ? 50  MET A SD  1 
ATOM   266 C  CE  . MET A 1 34 ? -1.260  -7.231  -1.924  1.00 39.82  ? 50  MET A CE  1 
ATOM   267 N  N   . LYS A 1 35 ? 2.575   -9.575  1.746   1.00 29.05  ? 51  LYS A N   1 
ATOM   268 C  CA  . LYS A 1 35 ? 2.821   -9.195  3.144   1.00 29.97  ? 51  LYS A CA  1 
ATOM   269 C  C   . LYS A 1 35 ? 3.923   -8.130  3.240   1.00 24.92  ? 51  LYS A C   1 
ATOM   270 O  O   . LYS A 1 35 ? 3.801   -7.155  3.977   1.00 28.79  ? 51  LYS A O   1 
ATOM   271 C  CB  . LYS A 1 35 ? 3.183   -10.441 3.963   1.00 34.87  ? 51  LYS A CB  1 
ATOM   272 C  CG  . LYS A 1 35 ? 3.419   -10.188 5.444   1.00 37.31  ? 51  LYS A CG  1 
ATOM   273 C  CD  . LYS A 1 35 ? 3.738   -11.497 6.169   1.00 51.97  ? 51  LYS A CD  1 
ATOM   274 C  CE  . LYS A 1 35 ? 4.991   -11.387 7.028   1.00 65.30  ? 51  LYS A CE  1 
ATOM   275 N  NZ  . LYS A 1 35 ? 5.089   -12.528 8.006   1.00 70.15  ? 51  LYS A NZ  1 
ATOM   276 N  N   . GLU A 1 36 ? 4.992   -8.311  2.469   1.00 30.59  ? 52  GLU A N   1 
ATOM   277 C  CA  . GLU A 1 36 ? 6.083   -7.338  2.412   1.00 26.29  ? 52  GLU A CA  1 
ATOM   278 C  C   . GLU A 1 36 ? 5.632   -6.004  1.816   1.00 32.33  ? 52  GLU A C   1 
ATOM   279 O  O   . GLU A 1 36 ? 5.977   -4.935  2.319   1.00 29.75  ? 52  GLU A O   1 
ATOM   280 C  CB  . GLU A 1 36 ? 7.266   -7.909  1.621   1.00 28.88  ? 52  GLU A CB  1 
ATOM   281 C  CG  . GLU A 1 36 ? 7.955   -9.071  2.364   1.00 30.39  ? 52  GLU A CG  1 
ATOM   282 C  CD  . GLU A 1 36 ? 8.870   -9.934  1.484   1.00 40.71  ? 52  GLU A CD  1 
ATOM   283 O  OE1 . GLU A 1 36 ? 8.820   -9.829  0.236   1.00 37.05  ? 52  GLU A OE1 1 
ATOM   284 O  OE2 . GLU A 1 36 ? 9.631   -10.733 2.061   1.00 40.66  ? 52  GLU A OE2 1 
ATOM   285 N  N   . VAL A 1 37 ? 4.865   -6.054  0.739   1.00 28.28  ? 53  VAL A N   1 
ATOM   286 C  CA  . VAL A 1 37 ? 4.373   -4.811  0.155   1.00 24.06  ? 53  VAL A CA  1 
ATOM   287 C  C   . VAL A 1 37 ? 3.541   -4.050  1.195   1.00 27.16  ? 53  VAL A C   1 
ATOM   288 O  O   . VAL A 1 37 ? 3.687   -2.849  1.333   1.00 28.25  ? 53  VAL A O   1 
ATOM   289 C  CB  . VAL A 1 37 ? 3.516   -5.086  -1.063  1.00 24.69  ? 53  VAL A CB  1 
ATOM   290 C  CG1 . VAL A 1 37 ? 2.918   -3.769  -1.615  1.00 27.03  ? 53  VAL A CG1 1 
ATOM   291 C  CG2 . VAL A 1 37 ? 4.354   -5.784  -2.145  1.00 28.43  ? 53  VAL A CG2 1 
ATOM   292 N  N   . LEU A 1 38 ? 2.667   -4.756  1.918   1.00 25.21  ? 54  LEU A N   1 
ATOM   293 C  CA  . LEU A 1 38 ? 1.841   -4.110  2.944   1.00 26.63  ? 54  LEU A CA  1 
ATOM   294 C  C   . LEU A 1 38 ? 2.704   -3.483  4.033   1.00 26.96  ? 54  LEU A C   1 
ATOM   295 O  O   . LEU A 1 38 ? 2.424   -2.389  4.513   1.00 27.90  ? 54  LEU A O   1 
ATOM   296 C  CB  . LEU A 1 38 ? 0.911   -5.146  3.589   1.00 28.36  ? 54  LEU A CB  1 
ATOM   297 C  CG  . LEU A 1 38 ? -0.218  -5.602  2.665   1.00 31.10  ? 54  LEU A CG  1 
ATOM   298 C  CD1 . LEU A 1 38 ? -0.889  -6.874  3.210   1.00 30.54  ? 54  LEU A CD1 1 
ATOM   299 C  CD2 . LEU A 1 38 ? -1.225  -4.473  2.485   1.00 29.20  ? 54  LEU A CD2 1 
ATOM   300 N  N   . PHE A 1 39 ? 3.753   -4.193  4.437   1.00 25.24  ? 55  PHE A N   1 
ATOM   301 C  CA  . PHE A 1 39 ? 4.615   -3.673  5.486   1.00 27.15  ? 55  PHE A CA  1 
ATOM   302 C  C   . PHE A 1 39 ? 5.232   -2.347  5.075   1.00 32.85  ? 55  PHE A C   1 
ATOM   303 O  O   . PHE A 1 39 ? 5.225   -1.366  5.847   1.00 28.94  ? 55  PHE A O   1 
ATOM   304 C  CB  . PHE A 1 39 ? 5.719   -4.657  5.843   1.00 25.80  ? 55  PHE A CB  1 
ATOM   305 C  CG  . PHE A 1 39 ? 6.651   -4.134  6.891   1.00 28.03  ? 55  PHE A CG  1 
ATOM   306 C  CD1 . PHE A 1 39 ? 6.350   -4.291  8.231   1.00 29.69  ? 55  PHE A CD1 1 
ATOM   307 C  CD2 . PHE A 1 39 ? 7.805   -3.445  6.538   1.00 27.64  ? 55  PHE A CD2 1 
ATOM   308 C  CE1 . PHE A 1 39 ? 7.205   -3.805  9.206   1.00 30.99  ? 55  PHE A CE1 1 
ATOM   309 C  CE2 . PHE A 1 39 ? 8.646   -2.921  7.517   1.00 29.60  ? 55  PHE A CE2 1 
ATOM   310 C  CZ  . PHE A 1 39 ? 8.351   -3.118  8.842   1.00 31.79  ? 55  PHE A CZ  1 
ATOM   311 N  N   . TYR A 1 40 ? 5.756   -2.306  3.859   1.00 27.46  ? 56  TYR A N   1 
ATOM   312 C  CA  . TYR A 1 40 ? 6.459   -1.107  3.407   1.00 27.78  ? 56  TYR A CA  1 
ATOM   313 C  C   . TYR A 1 40 ? 5.485   0.037   3.162   1.00 28.12  ? 56  TYR A C   1 
ATOM   314 O  O   . TYR A 1 40 ? 5.803   1.185   3.448   1.00 28.23  ? 56  TYR A O   1 
ATOM   315 C  CB  . TYR A 1 40 ? 7.319   -1.381  2.160   1.00 27.72  ? 56  TYR A CB  1 
ATOM   316 C  CG  . TYR A 1 40 ? 8.528   -2.228  2.462   1.00 30.03  ? 56  TYR A CG  1 
ATOM   317 C  CD1 . TYR A 1 40 ? 9.534   -1.756  3.302   1.00 29.26  ? 56  TYR A CD1 1 
ATOM   318 C  CD2 . TYR A 1 40 ? 8.678   -3.496  1.907   1.00 28.19  ? 56  TYR A CD2 1 
ATOM   319 C  CE1 . TYR A 1 40 ? 10.653  -2.520  3.587   1.00 30.07  ? 56  TYR A CE1 1 
ATOM   320 C  CE2 . TYR A 1 40 ? 9.799   -4.276  2.195   1.00 30.06  ? 56  TYR A CE2 1 
ATOM   321 C  CZ  . TYR A 1 40 ? 10.780  -3.784  3.032   1.00 29.66  ? 56  TYR A CZ  1 
ATOM   322 O  OH  . TYR A 1 40 ? 11.899  -4.548  3.332   1.00 30.89  ? 56  TYR A OH  1 
ATOM   323 N  N   . LEU A 1 41 ? 4.298   -0.262  2.638   1.00 25.69  ? 57  LEU A N   1 
ATOM   324 C  CA  . LEU A 1 41 ? 3.278   0.789   2.509   1.00 26.59  ? 57  LEU A CA  1 
ATOM   325 C  C   . LEU A 1 41 ? 2.938   1.370   3.872   1.00 26.60  ? 57  LEU A C   1 
ATOM   326 O  O   . LEU A 1 41 ? 2.724   2.574   4.017   1.00 30.55  ? 57  LEU A O   1 
ATOM   327 C  CB  . LEU A 1 41 ? 2.018   0.241   1.840   1.00 27.71  ? 57  LEU A CB  1 
ATOM   328 C  CG  . LEU A 1 41 ? 2.195   -0.011  0.344   1.00 28.52  ? 57  LEU A CG  1 
ATOM   329 C  CD1 . LEU A 1 41 ? 1.006   -0.775  -0.236  1.00 31.20  ? 57  LEU A CD1 1 
ATOM   330 C  CD2 . LEU A 1 41 ? 2.353   1.314   -0.360  1.00 29.23  ? 57  LEU A CD2 1 
ATOM   331 N  N   . GLY A 1 42 ? 2.897   0.517   4.884   1.00 24.55  ? 58  GLY A N   1 
ATOM   332 C  CA  . GLY A 1 42 ? 2.670   0.990   6.242   1.00 28.97  ? 58  GLY A CA  1 
ATOM   333 C  C   . GLY A 1 42 ? 3.765   1.949   6.682   1.00 34.11  ? 58  GLY A C   1 
ATOM   334 O  O   . GLY A 1 42 ? 3.486   2.967   7.317   1.00 29.78  ? 58  GLY A O   1 
ATOM   335 N  N   . GLN A 1 43 ? 5.020   1.626   6.363   1.00 31.45  ? 59  GLN A N   1 
ATOM   336 C  CA  . GLN A 1 43 ? 6.128   2.498   6.749   1.00 32.07  ? 59  GLN A CA  1 
ATOM   337 C  C   . GLN A 1 43 ? 6.033   3.838   6.019   1.00 27.53  ? 59  GLN A C   1 
ATOM   338 O  O   . GLN A 1 43 ? 6.347   4.883   6.584   1.00 32.51  ? 59  GLN A O   1 
ATOM   339 C  CB  . GLN A 1 43 ? 7.482   1.824   6.486   1.00 32.47  ? 59  GLN A CB  1 
ATOM   340 C  CG  . GLN A 1 43 ? 7.744   0.565   7.358   1.00 30.73  ? 59  GLN A CG  1 
ATOM   341 C  CD  . GLN A 1 43 ? 7.651   0.853   8.842   1.00 35.46  ? 59  GLN A CD  1 
ATOM   342 O  OE1 . GLN A 1 43 ? 6.919   0.179   9.581   1.00 42.63  ? 59  GLN A OE1 1 
ATOM   343 N  NE2 . GLN A 1 43 ? 8.395   1.849   9.294   1.00 30.76  ? 59  GLN A NE2 1 
ATOM   344 N  N   . TYR A 1 44 ? 5.617   3.802   4.755   1.00 27.46  ? 60  TYR A N   1 
ATOM   345 C  CA  . TYR A 1 44 ? 5.449   5.031   3.980   1.00 26.91  ? 60  TYR A CA  1 
ATOM   346 C  C   . TYR A 1 44 ? 4.410   5.942   4.623   1.00 30.88  ? 60  TYR A C   1 
ATOM   347 O  O   . TYR A 1 44 ? 4.625   7.150   4.813   1.00 30.85  ? 60  TYR A O   1 
ATOM   348 C  CB  . TYR A 1 44 ? 5.001   4.682   2.558   1.00 28.84  ? 60  TYR A CB  1 
ATOM   349 C  CG  . TYR A 1 44 ? 4.851   5.886   1.660   1.00 30.08  ? 60  TYR A CG  1 
ATOM   350 C  CD1 . TYR A 1 44 ? 5.953   6.448   1.030   1.00 27.03  ? 60  TYR A CD1 1 
ATOM   351 C  CD2 . TYR A 1 44 ? 3.603   6.464   1.445   1.00 28.77  ? 60  TYR A CD2 1 
ATOM   352 C  CE1 . TYR A 1 44 ? 5.822   7.562   0.197   1.00 30.02  ? 60  TYR A CE1 1 
ATOM   353 C  CE2 . TYR A 1 44 ? 3.459   7.577   0.627   1.00 30.02  ? 60  TYR A CE2 1 
ATOM   354 C  CZ  . TYR A 1 44 ? 4.572   8.124   0.012   1.00 33.59  ? 60  TYR A CZ  1 
ATOM   355 O  OH  . TYR A 1 44 ? 4.421   9.222   -0.798  1.00 36.04  ? 60  TYR A OH  1 
ATOM   356 N  N   . ILE A 1 45 ? 3.264   5.363   4.951   1.00 27.93  ? 61  ILE A N   1 
ATOM   357 C  CA  . ILE A 1 45 ? 2.154   6.149   5.494   1.00 26.85  ? 61  ILE A CA  1 
ATOM   358 C  C   . ILE A 1 45 ? 2.557   6.731   6.846   1.00 30.40  ? 61  ILE A C   1 
ATOM   359 O  O   . ILE A 1 45 ? 2.251   7.876   7.155   1.00 32.04  ? 61  ILE A O   1 
ATOM   360 C  CB  . ILE A 1 45 ? 0.879   5.255   5.627   1.00 25.50  ? 61  ILE A CB  1 
ATOM   361 C  CG1 . ILE A 1 45 ? 0.344   4.902   4.243   1.00 29.80  ? 61  ILE A CG1 1 
ATOM   362 C  CG2 . ILE A 1 45 ? -0.216  5.936   6.459   1.00 28.64  ? 61  ILE A CG2 1 
ATOM   363 C  CD1 . ILE A 1 45 ? -0.585  3.686   4.287   1.00 26.40  ? 61  ILE A CD1 1 
ATOM   364 N  N   . MET A 1 46 ? 3.277   5.947   7.644   1.00 31.90  ? 62  MET A N   1 
ATOM   365 C  CA  . MET A 1 46 ? 3.780   6.435   8.934   1.00 31.31  ? 62  MET A CA  1 
ATOM   366 C  C   . MET A 1 46 ? 4.742   7.594   8.759   1.00 38.33  ? 62  MET A C   1 
ATOM   367 O  O   . MET A 1 46 ? 4.597   8.648   9.387   1.00 39.22  ? 62  MET A O   1 
ATOM   368 C  CB  . MET A 1 46 ? 4.542   5.323   9.674   1.00 38.17  ? 62  MET A CB  1 
ATOM   369 C  CG  . MET A 1 46 ? 3.684   4.199   10.213  1.00 51.55  ? 62  MET A CG  1 
ATOM   370 S  SD  . MET A 1 46 ? 4.608   2.820   10.945  1.00 123.60 ? 62  MET A SD  1 
ATOM   371 C  CE  . MET A 1 46 ? 5.667   3.652   12.128  1.00 80.51  ? 62  MET A CE  1 
ATOM   372 N  N   . THR A 1 47 ? 5.742   7.372   7.919   1.00 37.83  ? 63  THR A N   1 
ATOM   373 C  CA  . THR A 1 47 ? 6.821   8.328   7.715   1.00 39.18  ? 63  THR A CA  1 
ATOM   374 C  C   . THR A 1 47 ? 6.323   9.683   7.222   1.00 41.35  ? 63  THR A C   1 
ATOM   375 O  O   . THR A 1 47 ? 6.805   10.728  7.652   1.00 43.62  ? 63  THR A O   1 
ATOM   376 C  CB  . THR A 1 47 ? 7.849   7.768   6.730   1.00 42.14  ? 63  THR A CB  1 
ATOM   377 O  OG1 . THR A 1 47 ? 8.398   6.570   7.281   1.00 48.09  ? 63  THR A OG1 1 
ATOM   378 C  CG2 . THR A 1 47 ? 8.978   8.752   6.512   1.00 46.79  ? 63  THR A CG2 1 
ATOM   379 N  N   . LYS A 1 48 ? 5.355   9.661   6.323   1.00 35.71  ? 64  LYS A N   1 
ATOM   380 C  CA  . LYS A 1 48 ? 4.808   10.890  5.780   1.00 40.51  ? 64  LYS A CA  1 
ATOM   381 C  C   . LYS A 1 48 ? 3.607   11.381  6.577   1.00 41.20  ? 64  LYS A C   1 
ATOM   382 O  O   . LYS A 1 48 ? 2.996   12.406  6.240   1.00 39.49  ? 64  LYS A O   1 
ATOM   383 C  CB  . LYS A 1 48 ? 4.449   10.677  4.319   1.00 42.02  ? 64  LYS A CB  1 
ATOM   384 C  CG  . LYS A 1 48 ? 5.666   10.261  3.507   1.00 45.28  ? 64  LYS A CG  1 
ATOM   385 C  CD  . LYS A 1 48 ? 5.470   10.536  2.044   1.00 47.78  ? 64  LYS A CD  1 
ATOM   386 C  CE  . LYS A 1 48 ? 5.668   11.994  1.691   1.00 50.46  ? 64  LYS A CE  1 
ATOM   387 N  NZ  . LYS A 1 48 ? 5.271   12.258  0.263   1.00 53.63  ? 64  LYS A NZ  1 
ATOM   388 N  N   . ARG A 1 49 ? 3.289   10.646  7.638   1.00 33.24  ? 65  ARG A N   1 
ATOM   389 C  CA  . ARG A 1 49 ? 2.224   11.019  8.561   1.00 38.24  ? 65  ARG A CA  1 
ATOM   390 C  C   . ARG A 1 49 ? 0.908   11.299  7.856   1.00 37.86  ? 65  ARG A C   1 
ATOM   391 O  O   . ARG A 1 49 ? 0.285   12.336  8.085   1.00 39.05  ? 65  ARG A O   1 
ATOM   392 C  CB  . ARG A 1 49 ? 2.645   12.254  9.351   1.00 45.47  ? 65  ARG A CB  1 
ATOM   393 C  CG  . ARG A 1 49 ? 3.883   12.049  10.187  1.00 53.69  ? 65  ARG A CG  1 
ATOM   394 C  CD  . ARG A 1 49 ? 3.528   11.588  11.597  1.00 69.21  ? 65  ARG A CD  1 
ATOM   395 N  NE  . ARG A 1 49 ? 4.721   11.371  12.418  1.00 81.99  ? 65  ARG A NE  1 
ATOM   396 C  CZ  . ARG A 1 49 ? 5.309   10.187  12.587  1.00 84.46  ? 65  ARG A CZ  1 
ATOM   397 N  NH1 . ARG A 1 49 ? 4.809   9.106   12.002  1.00 84.18  ? 65  ARG A NH1 1 
ATOM   398 N  NH2 . ARG A 1 49 ? 6.391   10.079  13.347  1.00 86.43  ? 65  ARG A NH2 1 
ATOM   399 N  N   . LEU A 1 50 ? 0.483   10.381  7.001   1.00 32.55  ? 66  LEU A N   1 
ATOM   400 C  CA  . LEU A 1 50 ? -0.686  10.631  6.174   1.00 33.03  ? 66  LEU A CA  1 
ATOM   401 C  C   . LEU A 1 50 ? -1.970  10.228  6.856   1.00 35.89  ? 66  LEU A C   1 
ATOM   402 O  O   . LEU A 1 50 ? -3.054  10.536  6.366   1.00 37.90  ? 66  LEU A O   1 
ATOM   403 C  CB  . LEU A 1 50 ? -0.576  9.866   4.863   1.00 31.12  ? 66  LEU A CB  1 
ATOM   404 C  CG  . LEU A 1 50 ? 0.566   10.327  3.961   1.00 36.18  ? 66  LEU A CG  1 
ATOM   405 C  CD1 . LEU A 1 50 ? 0.598   9.457   2.728   1.00 33.57  ? 66  LEU A CD1 1 
ATOM   406 C  CD2 . LEU A 1 50 ? 0.394   11.799  3.586   1.00 37.31  ? 66  LEU A CD2 1 
ATOM   407 N  N   . TYR A 1 51 ? -1.861  9.535   7.980   1.00 34.20  ? 67  TYR A N   1 
ATOM   408 C  CA  . TYR A 1 51 ? -3.053  9.096   8.704   1.00 31.91  ? 67  TYR A CA  1 
ATOM   409 C  C   . TYR A 1 51 ? -3.588  10.181  9.623   1.00 36.84  ? 67  TYR A C   1 
ATOM   410 O  O   . TYR A 1 51 ? -2.833  11.026  10.128  1.00 37.72  ? 67  TYR A O   1 
ATOM   411 C  CB  . TYR A 1 51 ? -2.751  7.820   9.497   1.00 36.17  ? 67  TYR A CB  1 
ATOM   412 C  CG  . TYR A 1 51 ? -1.683  7.994   10.553  1.00 41.08  ? 67  TYR A CG  1 
ATOM   413 C  CD1 . TYR A 1 51 ? -2.001  8.440   11.835  1.00 46.82  ? 67  TYR A CD1 1 
ATOM   414 C  CD2 . TYR A 1 51 ? -0.352  7.719   10.266  1.00 38.15  ? 67  TYR A CD2 1 
ATOM   415 C  CE1 . TYR A 1 51 ? -1.015  8.608   12.804  1.00 53.25  ? 67  TYR A CE1 1 
ATOM   416 C  CE2 . TYR A 1 51 ? 0.646   7.875   11.234  1.00 41.30  ? 67  TYR A CE2 1 
ATOM   417 C  CZ  . TYR A 1 51 ? 0.308   8.314   12.493  1.00 54.85  ? 67  TYR A CZ  1 
ATOM   418 O  OH  . TYR A 1 51 ? 1.299   8.470   13.438  1.00 59.23  ? 67  TYR A OH  1 
ATOM   419 N  N   . ASP A 1 52 ? -4.895  10.170  9.852   1.00 35.67  ? 68  ASP A N   1 
ATOM   420 C  CA  . ASP A 1 52 ? -5.485  11.157  10.738  1.00 36.77  ? 68  ASP A CA  1 
ATOM   421 C  C   . ASP A 1 52 ? -5.014  10.887  12.164  1.00 39.66  ? 68  ASP A C   1 
ATOM   422 O  O   . ASP A 1 52 ? -5.128  9.766   12.643  1.00 42.32  ? 68  ASP A O   1 
ATOM   423 C  CB  . ASP A 1 52 ? -7.011  11.114  10.673  1.00 39.72  ? 68  ASP A CB  1 
ATOM   424 C  CG  . ASP A 1 52 ? -7.647  12.291  11.369  1.00 44.58  ? 68  ASP A CG  1 
ATOM   425 O  OD1 . ASP A 1 52 ? -7.546  12.375  12.613  1.00 46.51  ? 68  ASP A OD1 1 
ATOM   426 O  OD2 . ASP A 1 52 ? -8.246  13.152  10.677  1.00 45.59  ? 68  ASP A OD2 1 
ATOM   427 N  N   . GLU A 1 53 ? -4.489  11.911  12.832  1.00 43.42  ? 69  GLU A N   1 
ATOM   428 C  CA  . GLU A 1 53 ? -3.902  11.736  14.158  1.00 50.66  ? 69  GLU A CA  1 
ATOM   429 C  C   . GLU A 1 53 ? -4.904  11.198  15.173  1.00 52.03  ? 69  GLU A C   1 
ATOM   430 O  O   . GLU A 1 53 ? -4.567  10.349  15.998  1.00 50.13  ? 69  GLU A O   1 
ATOM   431 C  CB  . GLU A 1 53 ? -3.297  13.047  14.678  1.00 56.71  ? 69  GLU A CB  1 
ATOM   432 C  CG  . GLU A 1 53 ? -1.829  13.248  14.316  1.00 61.84  ? 69  GLU A CG  1 
ATOM   433 C  CD  . GLU A 1 53 ? -1.268  14.574  14.822  1.00 75.08  ? 69  GLU A CD  1 
ATOM   434 O  OE1 . GLU A 1 53 ? -1.993  15.315  15.532  1.00 77.88  ? 69  GLU A OE1 1 
ATOM   435 O  OE2 . GLU A 1 53 ? -0.095  14.879  14.503  1.00 77.65  ? 69  GLU A OE2 1 
ATOM   436 N  N   . LYS A 1 54 ? -6.135  11.697  15.105  1.00 43.16  ? 70  LYS A N   1 
ATOM   437 C  CA  . LYS A 1 54 ? -7.163  11.319  16.065  1.00 44.71  ? 70  LYS A CA  1 
ATOM   438 C  C   . LYS A 1 54 ? -8.063  10.183  15.577  1.00 46.32  ? 70  LYS A C   1 
ATOM   439 O  O   . LYS A 1 54 ? -8.658  9.473   16.380  1.00 55.14  ? 70  LYS A O   1 
ATOM   440 C  CB  . LYS A 1 54 ? -7.998  12.540  16.475  1.00 47.05  ? 70  LYS A CB  1 
ATOM   441 C  CG  . LYS A 1 54 ? -7.223  13.608  17.269  1.00 49.93  ? 70  LYS A CG  1 
ATOM   442 C  CD  . LYS A 1 54 ? -8.119  14.768  17.668  1.00 53.81  ? 70  LYS A CD  1 
ATOM   443 C  CE  . LYS A 1 54 ? -7.413  15.778  18.591  1.00 57.43  ? 70  LYS A CE  1 
ATOM   444 N  NZ  . LYS A 1 54 ? -8.339  16.829  19.160  1.00 62.00  ? 70  LYS A NZ  1 
ATOM   445 N  N   . GLN A 1 55 ? -8.162  10.013  14.262  1.00 42.86  ? 71  GLN A N   1 
ATOM   446 C  CA  . GLN A 1 55 ? -8.975  8.952   13.684  1.00 45.59  ? 71  GLN A CA  1 
ATOM   447 C  C   . GLN A 1 55 ? -8.059  8.126   12.811  1.00 43.28  ? 71  GLN A C   1 
ATOM   448 O  O   . GLN A 1 55 ? -8.107  8.218   11.579  1.00 44.00  ? 71  GLN A O   1 
ATOM   449 C  CB  . GLN A 1 55 ? -10.114 9.550   12.851  1.00 44.34  ? 71  GLN A CB  1 
ATOM   450 C  CG  . GLN A 1 55 ? -10.939 10.567  13.591  1.00 45.67  ? 71  GLN A CG  1 
ATOM   451 C  CD  . GLN A 1 55 ? -11.675 9.966   14.764  1.00 52.69  ? 71  GLN A CD  1 
ATOM   452 O  OE1 . GLN A 1 55 ? -12.017 8.783   14.754  1.00 59.14  ? 71  GLN A OE1 1 
ATOM   453 N  NE2 . GLN A 1 55 ? -11.916 10.770  15.782  1.00 50.90  ? 71  GLN A NE2 1 
ATOM   454 N  N   . GLN A 1 56 ? -7.204  7.329   13.451  1.00 36.89  ? 72  GLN A N   1 
ATOM   455 C  CA  . GLN A 1 56 ? -6.037  6.762   12.766  1.00 34.56  ? 72  GLN A CA  1 
ATOM   456 C  C   . GLN A 1 56 ? -6.328  5.703   11.713  1.00 37.67  ? 72  GLN A C   1 
ATOM   457 O  O   . GLN A 1 56 ? -5.410  5.241   11.027  1.00 37.34  ? 72  GLN A O   1 
ATOM   458 C  CB  . GLN A 1 56 ? -5.010  6.263   13.787  1.00 40.60  ? 72  GLN A CB  1 
ATOM   459 C  CG  . GLN A 1 56 ? -4.656  7.347   14.800  1.00 42.45  ? 72  GLN A CG  1 
ATOM   460 C  CD  . GLN A 1 56 ? -3.441  7.026   15.646  1.00 49.65  ? 72  GLN A CD  1 
ATOM   461 O  OE1 . GLN A 1 56 ? -2.789  5.998   15.457  1.00 57.47  ? 72  GLN A OE1 1 
ATOM   462 N  NE2 . GLN A 1 56 ? -3.134  7.911   16.599  1.00 50.34  ? 72  GLN A NE2 1 
ATOM   463 N  N   . HIS A 1 57 ? -7.594  5.332   11.556  1.00 36.88  ? 73  HIS A N   1 
ATOM   464 C  CA  . HIS A 1 57 ? -7.959  4.448   10.443  1.00 38.70  ? 73  HIS A CA  1 
ATOM   465 C  C   . HIS A 1 57 ? -8.117  5.183   9.101   1.00 37.72  ? 73  HIS A C   1 
ATOM   466 O  O   . HIS A 1 57 ? -8.230  4.547   8.048   1.00 35.93  ? 73  HIS A O   1 
ATOM   467 C  CB  . HIS A 1 57 ? -9.229  3.674   10.771  1.00 41.84  ? 73  HIS A CB  1 
ATOM   468 C  CG  . HIS A 1 57 ? -10.425 4.546   10.953  1.00 45.74  ? 73  HIS A CG  1 
ATOM   469 N  ND1 . HIS A 1 57 ? -10.622 5.305   12.084  1.00 51.96  ? 73  HIS A ND1 1 
ATOM   470 C  CD2 . HIS A 1 57 ? -11.483 4.785   10.143  1.00 44.18  ? 73  HIS A CD2 1 
ATOM   471 C  CE1 . HIS A 1 57 ? -11.756 5.975   11.968  1.00 52.55  ? 73  HIS A CE1 1 
ATOM   472 N  NE2 . HIS A 1 57 ? -12.298 5.678   10.799  1.00 47.41  ? 73  HIS A NE2 1 
ATOM   473 N  N   . ILE A 1 58 ? -8.126  6.514   9.123   1.00 35.28  ? 74  ILE A N   1 
ATOM   474 C  CA  . ILE A 1 58 ? -8.229  7.265   7.871   1.00 33.09  ? 74  ILE A CA  1 
ATOM   475 C  C   . ILE A 1 58 ? -6.855  7.659   7.339   1.00 31.44  ? 74  ILE A C   1 
ATOM   476 O  O   . ILE A 1 58 ? -6.050  8.241   8.065   1.00 32.96  ? 74  ILE A O   1 
ATOM   477 C  CB  . ILE A 1 58 ? -9.060  8.543   8.067   1.00 37.85  ? 74  ILE A CB  1 
ATOM   478 C  CG1 . ILE A 1 58 ? -10.469 8.164   8.496   1.00 37.43  ? 74  ILE A CG1 1 
ATOM   479 C  CG2 . ILE A 1 58 ? -9.091  9.376   6.780   1.00 37.20  ? 74  ILE A CG2 1 
ATOM   480 C  CD1 . ILE A 1 58 ? -11.157 7.269   7.486   1.00 42.59  ? 74  ILE A CD1 1 
ATOM   481 N  N   . VAL A 1 59 ? -6.581  7.345   6.078   1.00 30.34  ? 75  VAL A N   1 
ATOM   482 C  CA  . VAL A 1 59 ? -5.340  7.791   5.464   1.00 29.08  ? 75  VAL A CA  1 
ATOM   483 C  C   . VAL A 1 59 ? -5.692  8.821   4.402   1.00 30.40  ? 75  VAL A C   1 
ATOM   484 O  O   . VAL A 1 59 ? -6.606  8.595   3.613   1.00 33.87  ? 75  VAL A O   1 
ATOM   485 C  CB  . VAL A 1 59 ? -4.617  6.616   4.797   1.00 32.81  ? 75  VAL A CB  1 
ATOM   486 C  CG1 . VAL A 1 59 ? -3.449  7.113   3.956   1.00 30.32  ? 75  VAL A CG1 1 
ATOM   487 C  CG2 . VAL A 1 59 ? -4.157  5.633   5.847   1.00 31.18  ? 75  VAL A CG2 1 
ATOM   488 N  N   . TYR A 1 60 ? -4.998  9.958   4.405   1.00 30.94  ? 76  TYR A N   1 
ATOM   489 C  CA  . TYR A 1 60 ? -5.254  11.018  3.442   1.00 33.42  ? 76  TYR A CA  1 
ATOM   490 C  C   . TYR A 1 60 ? -4.170  10.963  2.382   1.00 38.61  ? 76  TYR A C   1 
ATOM   491 O  O   . TYR A 1 60 ? -3.005  10.770  2.712   1.00 34.61  ? 76  TYR A O   1 
ATOM   492 C  CB  . TYR A 1 60 ? -5.170  12.374  4.115   1.00 34.47  ? 76  TYR A CB  1 
ATOM   493 C  CG  . TYR A 1 60 ? -6.213  12.619  5.191   1.00 29.57  ? 76  TYR A CG  1 
ATOM   494 C  CD1 . TYR A 1 60 ? -7.496  13.043  4.854   1.00 31.08  ? 76  TYR A CD1 1 
ATOM   495 C  CD2 . TYR A 1 60 ? -5.910  12.461  6.540   1.00 43.51  ? 76  TYR A CD2 1 
ATOM   496 C  CE1 . TYR A 1 60 ? -8.457  13.294  5.839   1.00 36.07  ? 76  TYR A CE1 1 
ATOM   497 C  CE2 . TYR A 1 60 ? -6.859  12.725  7.530   1.00 43.41  ? 76  TYR A CE2 1 
ATOM   498 C  CZ  . TYR A 1 60 ? -8.131  13.127  7.168   1.00 40.28  ? 76  TYR A CZ  1 
ATOM   499 O  OH  . TYR A 1 60 ? -9.086  13.378  8.139   1.00 43.63  ? 76  TYR A OH  1 
ATOM   500 N  N   . CYS A 1 61 ? -4.539  11.161  1.119   1.00 36.54  ? 77  CYS A N   1 
ATOM   501 C  CA  . CYS A 1 61 ? -3.546  11.108  0.050   1.00 34.61  ? 77  CYS A CA  1 
ATOM   502 C  C   . CYS A 1 61 ? -3.977  11.831  -1.212  1.00 41.12  ? 77  CYS A C   1 
ATOM   503 O  O   . CYS A 1 61 ? -3.591  11.444  -2.314  1.00 44.14  ? 77  CYS A O   1 
ATOM   504 C  CB  . CYS A 1 61 ? -3.197  9.643   -0.257  1.00 33.22  ? 77  CYS A CB  1 
ATOM   505 S  SG  . CYS A 1 61 ? -4.625  8.582   -0.602  1.00 37.72  ? 77  CYS A SG  1 
ATOM   506 N  N   . SER A 1 62 ? -4.742  12.908  -1.071  1.00 41.24  ? 78  SER A N   1 
ATOM   507 C  CA  . SER A 1 62 ? -5.270  13.578  -2.261  1.00 44.84  ? 78  SER A CA  1 
ATOM   508 C  C   . SER A 1 62 ? -4.186  14.365  -2.993  1.00 45.49  ? 78  SER A C   1 
ATOM   509 O  O   . SER A 1 62 ? -4.344  14.717  -4.165  1.00 52.44  ? 78  SER A O   1 
ATOM   510 C  CB  . SER A 1 62 ? -6.491  14.455  -1.931  1.00 44.83  ? 78  SER A CB  1 
ATOM   511 O  OG  . SER A 1 62 ? -6.121  15.586  -1.177  1.00 52.94  ? 78  SER A OG  1 
ATOM   512 N  N   A ASN A 1 63 ? -3.093  14.610  -2.278  0.55 39.02  ? 79  ASN A N   1 
ATOM   513 N  N   B ASN A 1 63 ? -3.071  14.649  -2.324  0.45 39.60  ? 79  ASN A N   1 
ATOM   514 C  CA  A ASN A 1 63 ? -1.980  15.383  -2.791  0.55 40.65  ? 79  ASN A CA  1 
ATOM   515 C  CA  B ASN A 1 63 ? -1.961  15.336  -2.994  0.45 41.16  ? 79  ASN A CA  1 
ATOM   516 C  C   A ASN A 1 63 ? -0.683  14.662  -2.444  0.55 42.31  ? 79  ASN A C   1 
ATOM   517 C  C   B ASN A 1 63 ? -0.627  14.692  -2.702  0.45 42.65  ? 79  ASN A C   1 
ATOM   518 O  O   A ASN A 1 63 ? 0.237   15.256  -1.880  0.55 47.14  ? 79  ASN A O   1 
ATOM   519 O  O   B ASN A 1 63 ? 0.363   15.372  -2.435  0.45 47.34  ? 79  ASN A O   1 
ATOM   520 C  CB  A ASN A 1 63 ? -2.008  16.798  -2.185  0.55 41.25  ? 79  ASN A CB  1 
ATOM   521 C  CB  B ASN A 1 63 ? -1.904  16.813  -2.617  0.45 42.57  ? 79  ASN A CB  1 
ATOM   522 C  CG  A ASN A 1 63 ? -1.081  17.753  -2.891  0.55 45.20  ? 79  ASN A CG  1 
ATOM   523 C  CG  B ASN A 1 63 ? -3.078  17.583  -3.142  0.45 46.30  ? 79  ASN A CG  1 
ATOM   524 O  OD1 A ASN A 1 63 ? -0.601  17.461  -3.982  0.55 50.03  ? 79  ASN A OD1 1 
ATOM   525 O  OD1 B ASN A 1 63 ? -3.327  17.639  -4.354  0.45 41.68  ? 79  ASN A OD1 1 
ATOM   526 N  ND2 A ASN A 1 63 ? -0.830  18.912  -2.279  0.55 45.19  ? 79  ASN A ND2 1 
ATOM   527 N  ND2 B ASN A 1 63 ? -3.825  18.178  -2.230  0.45 45.17  ? 79  ASN A ND2 1 
ATOM   528 N  N   . ASP A 1 64 ? -0.619  13.369  -2.767  1.00 38.16  ? 80  ASP A N   1 
ATOM   529 C  CA  . ASP A 1 64 ? 0.558   12.575  -2.464  1.00 39.42  ? 80  ASP A CA  1 
ATOM   530 C  C   . ASP A 1 64 ? 0.696   11.501  -3.537  1.00 43.32  ? 80  ASP A C   1 
ATOM   531 O  O   . ASP A 1 64 ? -0.294  11.081  -4.127  1.00 39.03  ? 80  ASP A O   1 
ATOM   532 C  CB  . ASP A 1 64 ? 0.390   11.909  -1.098  1.00 37.70  ? 80  ASP A CB  1 
ATOM   533 C  CG  . ASP A 1 64 ? 1.675   11.289  -0.585  1.00 39.34  ? 80  ASP A CG  1 
ATOM   534 O  OD1 . ASP A 1 64 ? 1.923   10.093  -0.866  1.00 37.04  ? 80  ASP A OD1 1 
ATOM   535 O  OD2 . ASP A 1 64 ? 2.439   11.998  0.095   1.00 39.27  ? 80  ASP A OD2 1 
ATOM   536 N  N   . LEU A 1 65 ? 1.918   11.040  -3.766  1.00 45.75  ? 81  LEU A N   1 
ATOM   537 C  CA  . LEU A 1 65 ? 2.156   9.987   -4.742  1.00 42.48  ? 81  LEU A CA  1 
ATOM   538 C  C   . LEU A 1 65 ? 1.273   8.781   -4.459  1.00 40.46  ? 81  LEU A C   1 
ATOM   539 O  O   . LEU A 1 65 ? 0.774   8.130   -5.379  1.00 44.47  ? 81  LEU A O   1 
ATOM   540 C  CB  . LEU A 1 65 ? 3.623   9.565   -4.717  1.00 44.68  ? 81  LEU A CB  1 
ATOM   541 C  CG  . LEU A 1 65 ? 3.983   8.326   -5.549  1.00 49.03  ? 81  LEU A CG  1 
ATOM   542 C  CD1 . LEU A 1 65 ? 3.617   8.523   -7.018  1.00 47.25  ? 81  LEU A CD1 1 
ATOM   543 C  CD2 . LEU A 1 65 ? 5.465   8.003   -5.394  1.00 50.03  ? 81  LEU A CD2 1 
ATOM   544 N  N   . LEU A 1 66 ? 1.073   8.483   -3.181  1.00 34.72  ? 82  LEU A N   1 
ATOM   545 C  CA  . LEU A 1 66 ? 0.245   7.348   -2.813  1.00 32.32  ? 82  LEU A CA  1 
ATOM   546 C  C   . LEU A 1 66 ? -1.161  7.457   -3.414  1.00 33.65  ? 82  LEU A C   1 
ATOM   547 O  O   . LEU A 1 66 ? -1.741  6.454   -3.870  1.00 35.73  ? 82  LEU A O   1 
ATOM   548 C  CB  . LEU A 1 66 ? 0.187   7.192   -1.281  1.00 30.34  ? 82  LEU A CB  1 
ATOM   549 C  CG  . LEU A 1 66 ? -0.549  5.934   -0.801  1.00 31.66  ? 82  LEU A CG  1 
ATOM   550 C  CD1 . LEU A 1 66 ? 0.179   4.662   -1.248  1.00 28.64  ? 82  LEU A CD1 1 
ATOM   551 C  CD2 . LEU A 1 66 ? -0.714  5.931   0.705   1.00 33.13  ? 82  LEU A CD2 1 
ATOM   552 N  N   . GLY A 1 67 ? -1.695  8.675   -3.451  1.00 35.40  ? 83  GLY A N   1 
ATOM   553 C  CA  . GLY A 1 67 ? -3.023  8.904   -3.998  1.00 37.09  ? 83  GLY A CA  1 
ATOM   554 C  C   . GLY A 1 67 ? -3.059  8.702   -5.498  1.00 39.96  ? 83  GLY A C   1 
ATOM   555 O  O   . GLY A 1 67 ? -4.044  8.207   -6.036  1.00 43.95  ? 83  GLY A O   1 
ATOM   556 N  N   . ASP A 1 68 ? -1.979  9.087   -6.168  1.00 41.47  ? 84  ASP A N   1 
ATOM   557 C  CA  . ASP A 1 68 ? -1.814  8.835   -7.601  1.00 43.36  ? 84  ASP A CA  1 
ATOM   558 C  C   . ASP A 1 68 ? -1.861  7.339   -7.901  1.00 42.71  ? 84  ASP A C   1 
ATOM   559 O  O   . ASP A 1 68 ? -2.577  6.896   -8.796  1.00 47.40  ? 84  ASP A O   1 
ATOM   560 C  CB  . ASP A 1 68 ? -0.480  9.398   -8.081  1.00 48.09  ? 84  ASP A CB  1 
ATOM   561 C  CG  . ASP A 1 68 ? -0.391  10.902  -7.917  1.00 60.29  ? 84  ASP A CG  1 
ATOM   562 O  OD1 . ASP A 1 68 ? -1.450  11.535  -7.708  1.00 65.41  ? 84  ASP A OD1 1 
ATOM   563 O  OD2 . ASP A 1 68 ? 0.735   11.446  -7.997  1.00 60.86  ? 84  ASP A OD2 1 
ATOM   564 N  N   . LEU A 1 69 ? -1.096  6.568   -7.137  1.00 41.09  ? 85  LEU A N   1 
ATOM   565 C  CA  . LEU A 1 69 ? -1.036  5.126   -7.321  1.00 38.29  ? 85  LEU A CA  1 
ATOM   566 C  C   . LEU A 1 69 ? -2.353  4.435   -6.976  1.00 41.61  ? 85  LEU A C   1 
ATOM   567 O  O   . LEU A 1 69 ? -2.830  3.581   -7.724  1.00 41.31  ? 85  LEU A O   1 
ATOM   568 C  CB  . LEU A 1 69 ? 0.107   4.539   -6.501  1.00 37.56  ? 85  LEU A CB  1 
ATOM   569 C  CG  . LEU A 1 69 ? 1.462   5.135   -6.890  1.00 45.42  ? 85  LEU A CG  1 
ATOM   570 C  CD1 . LEU A 1 69 ? 2.598   4.529   -6.092  1.00 44.77  ? 85  LEU A CD1 1 
ATOM   571 C  CD2 . LEU A 1 69 ? 1.690   4.933   -8.374  1.00 52.65  ? 85  LEU A CD2 1 
ATOM   572 N  N   . PHE A 1 70 ? -2.942  4.810   -5.847  1.00 32.18  ? 86  PHE A N   1 
ATOM   573 C  CA  . PHE A 1 70 ? -4.165  4.167   -5.379  1.00 33.95  ? 86  PHE A CA  1 
ATOM   574 C  C   . PHE A 1 70 ? -5.437  4.647   -6.110  1.00 40.15  ? 86  PHE A C   1 
ATOM   575 O  O   . PHE A 1 70 ? -6.443  3.933   -6.158  1.00 36.21  ? 86  PHE A O   1 
ATOM   576 C  CB  . PHE A 1 70 ? -4.320  4.369   -3.877  1.00 34.78  ? 86  PHE A CB  1 
ATOM   577 C  CG  . PHE A 1 70 ? -3.521  3.404   -3.037  1.00 33.43  ? 86  PHE A CG  1 
ATOM   578 C  CD1 . PHE A 1 70 ? -2.598  2.549   -3.610  1.00 34.81  ? 86  PHE A CD1 1 
ATOM   579 C  CD2 . PHE A 1 70 ? -3.719  3.341   -1.664  1.00 30.72  ? 86  PHE A CD2 1 
ATOM   580 C  CE1 . PHE A 1 70 ? -1.872  1.657   -2.813  1.00 33.53  ? 86  PHE A CE1 1 
ATOM   581 C  CE2 . PHE A 1 70 ? -2.999  2.457   -0.874  1.00 36.25  ? 86  PHE A CE2 1 
ATOM   582 C  CZ  . PHE A 1 70 ? -2.074  1.612   -1.459  1.00 35.17  ? 86  PHE A CZ  1 
ATOM   583 N  N   . GLY A 1 71 ? -5.395  5.865   -6.643  1.00 39.67  ? 87  GLY A N   1 
ATOM   584 C  CA  . GLY A 1 71 ? -6.505  6.416   -7.413  1.00 41.54  ? 87  GLY A CA  1 
ATOM   585 C  C   . GLY A 1 71 ? -7.657  6.908   -6.555  1.00 44.41  ? 87  GLY A C   1 
ATOM   586 O  O   . GLY A 1 71 ? -8.820  6.866   -6.970  1.00 43.43  ? 87  GLY A O   1 
ATOM   587 N  N   . VAL A 1 72 ? -7.334  7.369   -5.349  1.00 42.24  ? 88  VAL A N   1 
ATOM   588 C  CA  . VAL A 1 72 ? -8.334  7.852   -4.397  1.00 39.75  ? 88  VAL A CA  1 
ATOM   589 C  C   . VAL A 1 72 ? -7.737  9.029   -3.640  1.00 41.32  ? 88  VAL A C   1 
ATOM   590 O  O   . VAL A 1 72 ? -6.516  9.148   -3.564  1.00 41.10  ? 88  VAL A O   1 
ATOM   591 C  CB  . VAL A 1 72 ? -8.729  6.757   -3.374  1.00 39.44  ? 88  VAL A CB  1 
ATOM   592 C  CG1 . VAL A 1 72 ? -9.427  5.570   -4.059  1.00 40.28  ? 88  VAL A CG1 1 
ATOM   593 C  CG2 . VAL A 1 72 ? -7.512  6.294   -2.580  1.00 34.94  ? 88  VAL A CG2 1 
ATOM   594 N  N   . PRO A 1 73 ? -8.591  9.907   -3.083  1.00 43.08  ? 89  PRO A N   1 
ATOM   595 C  CA  . PRO A 1 73 ? -8.120  11.044  -2.290  1.00 41.33  ? 89  PRO A CA  1 
ATOM   596 C  C   . PRO A 1 73 ? -7.898  10.671  -0.817  1.00 43.33  ? 89  PRO A C   1 
ATOM   597 O  O   . PRO A 1 73 ? -7.203  11.393  -0.105  1.00 37.94  ? 89  PRO A O   1 
ATOM   598 C  CB  . PRO A 1 73 ? -9.281  12.029  -2.400  1.00 40.88  ? 89  PRO A CB  1 
ATOM   599 C  CG  . PRO A 1 73 ? -10.466 11.168  -2.506  1.00 43.76  ? 89  PRO A CG  1 
ATOM   600 C  CD  . PRO A 1 73 ? -10.039 10.006  -3.353  1.00 43.15  ? 89  PRO A CD  1 
ATOM   601 N  N   . SER A 1 74 ? -8.494  9.565   -0.372  1.00 38.16  ? 90  SER A N   1 
ATOM   602 C  CA  . SER A 1 74 ? -8.361  9.112   1.008   1.00 38.05  ? 90  SER A CA  1 
ATOM   603 C  C   . SER A 1 74 ? -8.986  7.736   1.115   1.00 38.45  ? 90  SER A C   1 
ATOM   604 O  O   . SER A 1 74 ? -9.794  7.356   0.273   1.00 40.72  ? 90  SER A O   1 
ATOM   605 C  CB  . SER A 1 74 ? -9.088  10.059  1.963   1.00 46.48  ? 90  SER A CB  1 
ATOM   606 O  OG  . SER A 1 74 ? -10.491 9.921   1.801   1.00 46.49  ? 90  SER A OG  1 
ATOM   607 N  N   . PHE A 1 75 ? -8.613  6.975   2.134   1.00 29.09  ? 91  PHE A N   1 
ATOM   608 C  CA  . PHE A 1 75 ? -9.220  5.664   2.327   1.00 30.37  ? 91  PHE A CA  1 
ATOM   609 C  C   . PHE A 1 75 ? -9.197  5.245   3.783   1.00 34.75  ? 91  PHE A C   1 
ATOM   610 O  O   . PHE A 1 75 ? -8.464  5.817   4.594   1.00 35.55  ? 91  PHE A O   1 
ATOM   611 C  CB  . PHE A 1 75 ? -8.545  4.602   1.446   1.00 32.15  ? 91  PHE A CB  1 
ATOM   612 C  CG  . PHE A 1 75 ? -7.091  4.389   1.753   1.00 33.66  ? 91  PHE A CG  1 
ATOM   613 C  CD1 . PHE A 1 75 ? -6.123  5.228   1.214   1.00 36.39  ? 91  PHE A CD1 1 
ATOM   614 C  CD2 . PHE A 1 75 ? -6.687  3.328   2.558   1.00 32.34  ? 91  PHE A CD2 1 
ATOM   615 C  CE1 . PHE A 1 75 ? -4.784  5.034   1.501   1.00 32.22  ? 91  PHE A CE1 1 
ATOM   616 C  CE2 . PHE A 1 75 ? -5.350  3.127   2.846   1.00 31.96  ? 91  PHE A CE2 1 
ATOM   617 C  CZ  . PHE A 1 75 ? -4.394  3.978   2.311   1.00 32.69  ? 91  PHE A CZ  1 
ATOM   618 N  N   . SER A 1 76 ? -10.024 4.262   4.118   1.00 33.66  ? 92  SER A N   1 
ATOM   619 C  CA  . SER A 1 76 ? -10.034 3.714   5.464   1.00 34.53  ? 92  SER A CA  1 
ATOM   620 C  C   . SER A 1 76 ? -9.231  2.414   5.497   1.00 37.28  ? 92  SER A C   1 
ATOM   621 O  O   . SER A 1 76 ? -9.431  1.539   4.655   1.00 35.11  ? 92  SER A O   1 
ATOM   622 C  CB  . SER A 1 76 ? -11.467 3.456   5.926   1.00 39.10  ? 92  SER A CB  1 
ATOM   623 O  OG  . SER A 1 76 ? -11.464 2.621   7.071   1.00 37.75  ? 92  SER A OG  1 
ATOM   624 N  N   . VAL A 1 77 ? -8.334  2.267   6.472   1.00 32.46  ? 93  VAL A N   1 
ATOM   625 C  CA  . VAL A 1 77 ? -7.539  1.050   6.551   1.00 30.56  ? 93  VAL A CA  1 
ATOM   626 C  C   . VAL A 1 77 ? -8.386  -0.132  7.012   1.00 35.86  ? 93  VAL A C   1 
ATOM   627 O  O   . VAL A 1 77 ? -7.910  -1.268  7.035   1.00 35.84  ? 93  VAL A O   1 
ATOM   628 C  CB  . VAL A 1 77 ? -6.345  1.193   7.517   1.00 33.89  ? 93  VAL A CB  1 
ATOM   629 C  CG1 . VAL A 1 77 ? -5.561  2.477   7.203   1.00 32.27  ? 93  VAL A CG1 1 
ATOM   630 C  CG2 . VAL A 1 77 ? -6.830  1.203   8.946   1.00 37.24  ? 93  VAL A CG2 1 
ATOM   631 N  N   . LYS A 1 78 ? -9.628  0.135   7.401   1.00 31.29  ? 94  LYS A N   1 
ATOM   632 C  CA  . LYS A 1 78 ? -10.522 -0.929  7.845   1.00 36.49  ? 94  LYS A CA  1 
ATOM   633 C  C   . LYS A 1 78 ? -11.205 -1.672  6.690   1.00 34.34  ? 94  LYS A C   1 
ATOM   634 O  O   . LYS A 1 78 ? -11.835 -2.704  6.917   1.00 35.29  ? 94  LYS A O   1 
ATOM   635 C  CB  . LYS A 1 78 ? -11.603 -0.373  8.776   1.00 41.27  ? 94  LYS A CB  1 
ATOM   636 C  CG  . LYS A 1 78 ? -11.076 0.187   10.078  1.00 50.32  ? 94  LYS A CG  1 
ATOM   637 C  CD  . LYS A 1 78 ? -10.235 -0.841  10.807  1.00 57.90  ? 94  LYS A CD  1 
ATOM   638 C  CE  . LYS A 1 78 ? -9.887  -0.337  12.199  1.00 66.32  ? 94  LYS A CE  1 
ATOM   639 N  NZ  . LYS A 1 78 ? -11.067 0.329   12.807  1.00 70.54  ? 94  LYS A NZ  1 
ATOM   640 N  N   . GLU A 1 79 ? -11.115 -1.125  5.479   1.00 35.92  ? 95  GLU A N   1 
ATOM   641 C  CA  . GLU A 1 79 ? -11.794 -1.703  4.318   1.00 38.49  ? 95  GLU A CA  1 
ATOM   642 C  C   . GLU A 1 79 ? -10.765 -2.372  3.414   1.00 35.67  ? 95  GLU A C   1 
ATOM   643 O  O   . GLU A 1 79 ? -10.264 -1.776  2.453   1.00 31.94  ? 95  GLU A O   1 
ATOM   644 C  CB  . GLU A 1 79 ? -12.565 -0.630  3.550   1.00 36.43  ? 95  GLU A CB  1 
ATOM   645 C  CG  . GLU A 1 79 ? -13.571 0.174   4.411   1.00 40.56  ? 95  GLU A CG  1 
ATOM   646 C  CD  . GLU A 1 79 ? -14.673 -0.690  5.032   1.00 55.25  ? 95  GLU A CD  1 
ATOM   647 O  OE1 . GLU A 1 79 ? -14.958 -1.786  4.497   1.00 56.74  ? 95  GLU A OE1 1 
ATOM   648 O  OE2 . GLU A 1 79 ? -15.262 -0.277  6.062   1.00 60.68  ? 95  GLU A OE2 1 
ATOM   649 N  N   . HIS A 1 80 ? -10.459 -3.622  3.731   1.00 35.97  ? 96  HIS A N   1 
ATOM   650 C  CA  . HIS A 1 80 ? -9.332  -4.304  3.112   1.00 35.64  ? 96  HIS A CA  1 
ATOM   651 C  C   . HIS A 1 80 ? -9.493  -4.640  1.619   1.00 32.19  ? 96  HIS A C   1 
ATOM   652 O  O   . HIS A 1 80 ? -8.505  -4.645  0.884   1.00 33.24  ? 96  HIS A O   1 
ATOM   653 C  CB  . HIS A 1 80 ? -8.992  -5.558  3.914   1.00 31.18  ? 96  HIS A CB  1 
ATOM   654 C  CG  . HIS A 1 80 ? -8.555  -5.258  5.312   1.00 32.91  ? 96  HIS A CG  1 
ATOM   655 N  ND1 . HIS A 1 80 ? -8.221  -6.241  6.219   1.00 35.07  ? 96  HIS A ND1 1 
ATOM   656 C  CD2 . HIS A 1 80 ? -8.414  -4.081  5.968   1.00 34.70  ? 96  HIS A CD2 1 
ATOM   657 C  CE1 . HIS A 1 80 ? -7.876  -5.683  7.364   1.00 37.78  ? 96  HIS A CE1 1 
ATOM   658 N  NE2 . HIS A 1 80 ? -7.987  -4.372  7.241   1.00 32.69  ? 96  HIS A NE2 1 
ATOM   659 N  N   A ARG A 1 81 ? -10.723 -4.930  1.190   0.76 31.58  ? 97  ARG A N   1 
ATOM   660 N  N   B ARG A 1 81 ? -10.704 -4.930  1.174   0.24 33.30  ? 97  ARG A N   1 
ATOM   661 C  CA  A ARG A 1 81 ? -10.977 -5.253  -0.226  0.76 36.59  ? 97  ARG A CA  1 
ATOM   662 C  CA  B ARG A 1 81 ? -10.863 -5.287  -0.225  0.24 36.26  ? 97  ARG A CA  1 
ATOM   663 C  C   A ARG A 1 81 ? -10.445 -4.139  -1.121  0.76 37.87  ? 97  ARG A C   1 
ATOM   664 C  C   B ARG A 1 81 ? -10.434 -4.136  -1.139  0.24 37.38  ? 97  ARG A C   1 
ATOM   665 O  O   A ARG A 1 81 ? -9.782  -4.385  -2.125  0.76 38.36  ? 97  ARG A O   1 
ATOM   666 O  O   B ARG A 1 81 ? -9.831  -4.359  -2.189  0.24 37.89  ? 97  ARG A O   1 
ATOM   667 C  CB  A ARG A 1 81 ? -12.471 -5.456  -0.506  0.76 39.29  ? 97  ARG A CB  1 
ATOM   668 C  CB  B ARG A 1 81 ? -12.292 -5.699  -0.516  0.24 38.54  ? 97  ARG A CB  1 
ATOM   669 C  CG  A ARG A 1 81 ? -12.836 -5.516  -2.012  0.76 37.80  ? 97  ARG A CG  1 
ATOM   670 C  CG  B ARG A 1 81 ? -12.489 -6.184  -1.925  0.24 38.35  ? 97  ARG A CG  1 
ATOM   671 C  CD  A ARG A 1 81 ? -12.082 -6.635  -2.741  0.76 36.08  ? 97  ARG A CD  1 
ATOM   672 C  CD  B ARG A 1 81 ? -13.827 -5.729  -2.399  0.24 42.09  ? 97  ARG A CD  1 
ATOM   673 N  NE  A ARG A 1 81 ? -12.430 -6.766  -4.162  0.76 34.51  ? 97  ARG A NE  1 
ATOM   674 N  NE  B ARG A 1 81 ? -14.127 -6.135  -3.761  0.24 46.87  ? 97  ARG A NE  1 
ATOM   675 C  CZ  A ARG A 1 81 ? -11.748 -7.532  -5.013  0.76 34.32  ? 97  ARG A CZ  1 
ATOM   676 C  CZ  B ARG A 1 81 ? -15.361 -6.181  -4.243  0.24 51.82  ? 97  ARG A CZ  1 
ATOM   677 N  NH1 A ARG A 1 81 ? -10.704 -8.225  -4.587  0.76 33.38  ? 97  ARG A NH1 1 
ATOM   678 N  NH1 B ARG A 1 81 ? -16.386 -5.853  -3.473  0.24 51.72  ? 97  ARG A NH1 1 
ATOM   679 N  NH2 A ARG A 1 81 ? -12.104 -7.606  -6.287  0.76 35.97  ? 97  ARG A NH2 1 
ATOM   680 N  NH2 B ARG A 1 81 ? -15.567 -6.544  -5.498  0.24 55.17  ? 97  ARG A NH2 1 
ATOM   681 N  N   . LYS A 1 82 ? -10.733 -2.907  -0.728  1.00 37.47  ? 98  LYS A N   1 
ATOM   682 C  CA  . LYS A 1 82 ? -10.336 -1.740  -1.499  1.00 33.91  ? 98  LYS A CA  1 
ATOM   683 C  C   . LYS A 1 82 ? -8.812  -1.614  -1.469  1.00 33.82  ? 98  LYS A C   1 
ATOM   684 O  O   . LYS A 1 82 ? -8.199  -1.277  -2.474  1.00 35.87  ? 98  LYS A O   1 
ATOM   685 C  CB  . LYS A 1 82 ? -11.041 -0.491  -0.954  1.00 36.22  ? 98  LYS A CB  1 
ATOM   686 C  CG  . LYS A 1 82 ? -10.753 0.804   -1.694  1.00 40.33  ? 98  LYS A CG  1 
ATOM   687 C  CD  . LYS A 1 82 ? -11.355 0.821   -3.087  1.00 52.22  ? 98  LYS A CD  1 
ATOM   688 C  CE  . LYS A 1 82 ? -11.486 2.260   -3.598  1.00 61.87  ? 98  LYS A CE  1 
ATOM   689 N  NZ  . LYS A 1 82 ? -11.611 2.322   -5.077  1.00 68.64  ? 98  LYS A NZ  1 
ATOM   690 N  N   . ILE A 1 83 ? -8.190  -1.924  -0.337  1.00 33.89  ? 99  ILE A N   1 
ATOM   691 C  CA  . ILE A 1 83 ? -6.731  -1.849  -0.248  1.00 29.12  ? 99  ILE A CA  1 
ATOM   692 C  C   . ILE A 1 83 ? -6.090  -2.875  -1.197  1.00 32.09  ? 99  ILE A C   1 
ATOM   693 O  O   . ILE A 1 83 ? -5.155  -2.578  -1.943  1.00 33.39  ? 99  ILE A O   1 
ATOM   694 C  CB  . ILE A 1 83 ? -6.253  -2.059  1.188   1.00 30.23  ? 99  ILE A CB  1 
ATOM   695 C  CG1 . ILE A 1 83 ? -6.707  -0.884  2.063   1.00 33.28  ? 99  ILE A CG1 1 
ATOM   696 C  CG2 . ILE A 1 83 ? -4.724  -2.177  1.246   1.00 30.29  ? 99  ILE A CG2 1 
ATOM   697 C  CD1 . ILE A 1 83 ? -6.447  -1.117  3.527   1.00 36.64  ? 99  ILE A CD1 1 
ATOM   698 N  N   . TYR A 1 84 ? -6.625  -4.086  -1.171  1.00 29.86  ? 100 TYR A N   1 
ATOM   699 C  CA  . TYR A 1 84 ? -6.233  -5.125  -2.116  1.00 31.95  ? 100 TYR A CA  1 
ATOM   700 C  C   . TYR A 1 84 ? -6.304  -4.658  -3.572  1.00 31.95  ? 100 TYR A C   1 
ATOM   701 O  O   . TYR A 1 84 ? -5.339  -4.789  -4.321  1.00 34.36  ? 100 TYR A O   1 
ATOM   702 C  CB  . TYR A 1 84 ? -7.154  -6.322  -1.911  1.00 35.55  ? 100 TYR A CB  1 
ATOM   703 C  CG  . TYR A 1 84 ? -6.817  -7.546  -2.714  1.00 33.02  ? 100 TYR A CG  1 
ATOM   704 C  CD1 . TYR A 1 84 ? -7.314  -7.724  -4.001  1.00 37.31  ? 100 TYR A CD1 1 
ATOM   705 C  CD2 . TYR A 1 84 ? -6.037  -8.541  -2.172  1.00 35.49  ? 100 TYR A CD2 1 
ATOM   706 C  CE1 . TYR A 1 84 ? -7.018  -8.860  -4.726  1.00 43.88  ? 100 TYR A CE1 1 
ATOM   707 C  CE2 . TYR A 1 84 ? -5.743  -9.689  -2.889  1.00 41.79  ? 100 TYR A CE2 1 
ATOM   708 C  CZ  . TYR A 1 84 ? -6.229  -9.840  -4.159  1.00 45.89  ? 100 TYR A CZ  1 
ATOM   709 O  OH  . TYR A 1 84 ? -5.918  -10.990 -4.859  1.00 51.35  ? 100 TYR A OH  1 
ATOM   710 N  N   . THR A 1 85 ? -7.440  -4.110  -3.986  1.00 32.22  ? 101 THR A N   1 
ATOM   711 C  CA  . THR A 1 85 ? -7.567  -3.716  -5.379  1.00 34.45  ? 101 THR A CA  1 
ATOM   712 C  C   . THR A 1 85 ? -6.679  -2.522  -5.715  1.00 36.81  ? 101 THR A C   1 
ATOM   713 O  O   . THR A 1 85 ? -6.117  -2.459  -6.804  1.00 39.68  ? 101 THR A O   1 
ATOM   714 C  CB  . THR A 1 85 ? -9.024  -3.430  -5.783  1.00 37.73  ? 101 THR A CB  1 
ATOM   715 O  OG1 . THR A 1 85 ? -9.541  -2.374  -4.978  1.00 40.31  ? 101 THR A OG1 1 
ATOM   716 C  CG2 . THR A 1 85 ? -9.889  -4.669  -5.582  1.00 36.22  ? 101 THR A CG2 1 
ATOM   717 N  N   . MET A 1 86 ? -6.542  -1.586  -4.781  1.00 31.55  ? 102 MET A N   1 
ATOM   718 C  CA  . MET A 1 86 ? -5.718  -0.393  -5.008  1.00 32.60  ? 102 MET A CA  1 
ATOM   719 C  C   . MET A 1 86 ? -4.257  -0.771  -5.178  1.00 37.22  ? 102 MET A C   1 
ATOM   720 O  O   . MET A 1 86 ? -3.566  -0.253  -6.058  1.00 39.65  ? 102 MET A O   1 
ATOM   721 C  CB  . MET A 1 86 ? -5.876  0.610   -3.853  1.00 31.36  ? 102 MET A CB  1 
ATOM   722 C  CG  . MET A 1 86 ? -7.230  1.295   -3.859  1.00 35.03  ? 102 MET A CG  1 
ATOM   723 S  SD  . MET A 1 86 ? -7.333  2.596   -2.629  1.00 40.90  ? 102 MET A SD  1 
ATOM   724 C  CE  . MET A 1 86 ? -6.884  1.746   -1.128  1.00 32.95  ? 102 MET A CE  1 
ATOM   725 N  N   . ILE A 1 87 ? -3.779  -1.671  -4.329  1.00 34.48  ? 103 ILE A N   1 
ATOM   726 C  CA  . ILE A 1 87 ? -2.426  -2.199  -4.487  1.00 32.28  ? 103 ILE A CA  1 
ATOM   727 C  C   . ILE A 1 87 ? -2.247  -2.963  -5.801  1.00 38.56  ? 103 ILE A C   1 
ATOM   728 O  O   . ILE A 1 87 ? -1.296  -2.716  -6.545  1.00 39.70  ? 103 ILE A O   1 
ATOM   729 C  CB  . ILE A 1 87 ? -2.037  -3.102  -3.306  1.00 33.09  ? 103 ILE A CB  1 
ATOM   730 C  CG1 . ILE A 1 87 ? -1.953  -2.274  -2.029  1.00 30.39  ? 103 ILE A CG1 1 
ATOM   731 C  CG2 . ILE A 1 87 ? -0.695  -3.772  -3.567  1.00 35.11  ? 103 ILE A CG2 1 
ATOM   732 C  CD1 . ILE A 1 87 ? -1.747  -3.129  -0.809  1.00 34.46  ? 103 ILE A CD1 1 
ATOM   733 N  N   . TYR A 1 88 ? -3.164  -3.874  -6.104  1.00 36.00  ? 104 TYR A N   1 
ATOM   734 C  CA  . TYR A 1 88 ? -2.996  -4.698  -7.290  1.00 37.28  ? 104 TYR A CA  1 
ATOM   735 C  C   . TYR A 1 88 ? -2.999  -3.900  -8.602  1.00 42.61  ? 104 TYR A C   1 
ATOM   736 O  O   . TYR A 1 88 ? -2.504  -4.381  -9.614  1.00 42.37  ? 104 TYR A O   1 
ATOM   737 C  CB  . TYR A 1 88 ? -4.009  -5.845  -7.317  1.00 42.84  ? 104 TYR A CB  1 
ATOM   738 C  CG  . TYR A 1 88 ? -3.427  -7.163  -6.847  1.00 42.19  ? 104 TYR A CG  1 
ATOM   739 C  CD1 . TYR A 1 88 ? -2.731  -7.984  -7.725  1.00 45.15  ? 104 TYR A CD1 1 
ATOM   740 C  CD2 . TYR A 1 88 ? -3.566  -7.584  -5.530  1.00 40.10  ? 104 TYR A CD2 1 
ATOM   741 C  CE1 . TYR A 1 88 ? -2.185  -9.178  -7.309  1.00 43.23  ? 104 TYR A CE1 1 
ATOM   742 C  CE2 . TYR A 1 88 ? -3.025  -8.787  -5.106  1.00 40.15  ? 104 TYR A CE2 1 
ATOM   743 C  CZ  . TYR A 1 88 ? -2.334  -9.576  -6.002  1.00 44.76  ? 104 TYR A CZ  1 
ATOM   744 O  OH  . TYR A 1 88 ? -1.787  -10.772 -5.591  1.00 48.34  ? 104 TYR A OH  1 
ATOM   745 N  N   . ARG A 1 89 ? -3.538  -2.682  -8.579  1.00 43.31  ? 105 ARG A N   1 
ATOM   746 C  CA  . ARG A 1 89 ? -3.492  -1.793  -9.745  1.00 47.11  ? 105 ARG A CA  1 
ATOM   747 C  C   . ARG A 1 89 ? -2.047  -1.556  -10.156 1.00 42.01  ? 105 ARG A C   1 
ATOM   748 O  O   . ARG A 1 89 ? -1.751  -1.325  -11.330 1.00 46.94  ? 105 ARG A O   1 
ATOM   749 C  CB  . ARG A 1 89 ? -4.115  -0.439  -9.407  1.00 51.04  ? 105 ARG A CB  1 
ATOM   750 C  CG  . ARG A 1 89 ? -5.624  -0.362  -9.546  1.00 63.71  ? 105 ARG A CG  1 
ATOM   751 C  CD  . ARG A 1 89 ? -6.190  0.824   -8.750  1.00 64.72  ? 105 ARG A CD  1 
ATOM   752 N  NE  . ARG A 1 89 ? -5.438  2.055   -8.980  1.00 67.62  ? 105 ARG A NE  1 
ATOM   753 C  CZ  . ARG A 1 89 ? -5.698  2.924   -9.956  1.00 68.08  ? 105 ARG A CZ  1 
ATOM   754 N  NH1 . ARG A 1 89 ? -6.701  2.702   -10.791 1.00 63.99  ? 105 ARG A NH1 1 
ATOM   755 N  NH2 . ARG A 1 89 ? -4.960  4.019   -10.091 1.00 68.34  ? 105 ARG A NH2 1 
ATOM   756 N  N   . ASN A 1 90 ? -1.163  -1.607  -9.163  1.00 38.60  ? 106 ASN A N   1 
ATOM   757 C  CA  . ASN A 1 90 ? 0.249   -1.293  -9.325  1.00 40.71  ? 106 ASN A CA  1 
ATOM   758 C  C   . ASN A 1 90 ? 1.189   -2.500  -9.310  1.00 42.78  ? 106 ASN A C   1 
ATOM   759 O  O   . ASN A 1 90 ? 2.379   -2.349  -9.045  1.00 40.31  ? 106 ASN A O   1 
ATOM   760 C  CB  . ASN A 1 90 ? 0.662   -0.348  -8.200  1.00 41.56  ? 106 ASN A CB  1 
ATOM   761 C  CG  . ASN A 1 90 ? -0.118  0.944   -8.225  1.00 43.09  ? 106 ASN A CG  1 
ATOM   762 O  OD1 . ASN A 1 90 ? 0.247   1.872   -8.932  1.00 44.09  ? 106 ASN A OD1 1 
ATOM   763 N  ND2 . ASN A 1 90 ? -1.206  1.007   -7.456  1.00 43.39  ? 106 ASN A ND2 1 
ATOM   764 N  N   . LEU A 1 91 ? 0.666   -3.689  -9.600  1.00 41.91  ? 107 LEU A N   1 
ATOM   765 C  CA  . LEU A 1 91 ? 1.457   -4.916  -9.499  1.00 40.92  ? 107 LEU A CA  1 
ATOM   766 C  C   . LEU A 1 91 ? 1.253   -5.778  -10.716 1.00 49.04  ? 107 LEU A C   1 
ATOM   767 O  O   . LEU A 1 91 ? 0.261   -5.626  -11.426 1.00 53.56  ? 107 LEU A O   1 
ATOM   768 C  CB  . LEU A 1 91 ? 1.014   -5.752  -8.293  1.00 44.28  ? 107 LEU A CB  1 
ATOM   769 C  CG  . LEU A 1 91 ? 1.148   -5.258  -6.862  1.00 47.25  ? 107 LEU A CG  1 
ATOM   770 C  CD1 . LEU A 1 91 ? 0.524   -6.280  -5.938  1.00 46.76  ? 107 LEU A CD1 1 
ATOM   771 C  CD2 . LEU A 1 91 ? 2.596   -4.999  -6.470  1.00 47.12  ? 107 LEU A CD2 1 
ATOM   772 N  N   . VAL A 1 92 ? 2.202   -6.684  -10.950 1.00 52.69  ? 108 VAL A N   1 
ATOM   773 C  CA  . VAL A 1 92 ? 1.973   -7.870  -11.781 1.00 58.60  ? 108 VAL A CA  1 
ATOM   774 C  C   . VAL A 1 92 ? 2.430   -9.109  -10.999 1.00 60.42  ? 108 VAL A C   1 
ATOM   775 O  O   . VAL A 1 92 ? 3.392   -9.051  -10.233 1.00 54.12  ? 108 VAL A O   1 
ATOM   776 C  CB  . VAL A 1 92 ? 2.655   -7.781  -13.155 1.00 58.91  ? 108 VAL A CB  1 
ATOM   777 C  CG1 . VAL A 1 92 ? 2.017   -6.688  -13.982 1.00 61.36  ? 108 VAL A CG1 1 
ATOM   778 C  CG2 . VAL A 1 92 ? 4.137   -7.527  -13.011 1.00 62.45  ? 108 VAL A CG2 1 
ATOM   779 N  N   . VAL A 1 93 ? 1.708   -10.213 -11.145 1.00 66.04  ? 109 VAL A N   1 
ATOM   780 C  CA  . VAL A 1 93 ? 2.047   -11.434 -10.418 1.00 67.92  ? 109 VAL A CA  1 
ATOM   781 C  C   . VAL A 1 93 ? 3.221   -12.135 -11.103 1.00 68.20  ? 109 VAL A C   1 
ATOM   782 O  O   . VAL A 1 93 ? 3.297   -12.159 -12.335 1.00 69.48  ? 109 VAL A O   1 
ATOM   783 C  CB  . VAL A 1 93 ? 0.817   -12.371 -10.276 1.00 62.45  ? 109 VAL A CB  1 
ATOM   784 C  CG1 . VAL A 1 93 ? 1.234   -13.823 -10.117 1.00 65.23  ? 109 VAL A CG1 1 
ATOM   785 C  CG2 . VAL A 1 93 ? -0.041  -11.927 -9.099  1.00 55.43  ? 109 VAL A CG2 1 
ATOM   786 N  N   . VAL A 1 94 ? 4.148   -12.670 -10.304 1.00 61.09  ? 110 VAL A N   1 
ATOM   787 C  CA  . VAL A 1 94 ? 5.317   -13.356 -10.843 1.00 64.22  ? 110 VAL A CA  1 
ATOM   788 C  C   . VAL A 1 94 ? 4.972   -14.726 -11.438 1.00 67.11  ? 110 VAL A C   1 
ATOM   789 O  O   . VAL A 1 94 ? 4.174   -15.475 -10.877 1.00 66.97  ? 110 VAL A O   1 
ATOM   790 C  CB  . VAL A 1 94 ? 6.426   -13.510 -9.782  1.00 59.49  ? 110 VAL A CB  1 
ATOM   791 C  CG1 . VAL A 1 94 ? 7.611   -14.293 -10.367 1.00 66.28  ? 110 VAL A CG1 1 
ATOM   792 C  CG2 . VAL A 1 94 ? 6.877   -12.148 -9.288  1.00 53.29  ? 110 VAL A CG2 1 
HETATM 793 O  OAE . Y30 B 2 .  ? 2.090   -3.161  8.023   1.00 35.05  ? 201 Y30 A OAE 1 
HETATM 794 C  CBA . Y30 B 2 .  ? 1.179   -2.499  8.578   1.00 36.97  ? 201 Y30 A CBA 1 
HETATM 795 O  OAG . Y30 B 2 .  ? 1.002   -2.507  9.810   1.00 41.64  ? 201 Y30 A OAG 1 
HETATM 796 C  CBH . Y30 B 2 .  ? 0.290   -1.720  7.678   1.00 33.65  ? 201 Y30 A CBH 1 
HETATM 797 N  NAY . Y30 B 2 .  ? 0.465   -1.653  6.353   1.00 30.64  ? 201 Y30 A NAY 1 
HETATM 798 C  CBJ . Y30 B 2 .  ? -0.495  -0.876  5.819   1.00 29.75  ? 201 Y30 A CBJ 1 
HETATM 799 C  CAU . Y30 B 2 .  ? -0.732  -0.519  4.517   1.00 30.99  ? 201 Y30 A CAU 1 
HETATM 800 C  CBD . Y30 B 2 .  ? -1.802  0.291   4.229   1.00 33.82  ? 201 Y30 A CBD 1 
HETATM 801 CL CLI . Y30 B 2 .  ? -2.053  0.679   2.522   1.00 32.98  ? 201 Y30 A CLI 1 
HETATM 802 C  CAQ . Y30 B 2 .  ? -2.642  0.775   5.227   1.00 29.75  ? 201 Y30 A CAQ 1 
HETATM 803 C  CAT . Y30 B 2 .  ? -2.399  0.423   6.549   1.00 31.08  ? 201 Y30 A CAT 1 
HETATM 804 C  CBK . Y30 B 2 .  ? -1.324  -0.408  6.828   1.00 33.49  ? 201 Y30 A CBK 1 
HETATM 805 C  CBI . Y30 B 2 .  ? -0.807  -0.915  8.005   1.00 35.85  ? 201 Y30 A CBI 1 
HETATM 806 C  CA  . Y30 B 2 .  ? -1.614  -0.631  9.229   1.00 38.52  ? 201 Y30 A CA  1 
HETATM 807 C  C   . Y30 B 2 .  ? -1.850  0.793   9.698   1.00 38.99  ? 201 Y30 A C   1 
HETATM 808 N  NAX . Y30 B 2 .  ? -0.848  1.683   9.617   1.00 34.71  ? 201 Y30 A NAX 1 
HETATM 809 C  CBN . Y30 B 2 .  ? -0.955  3.100   9.984   1.00 37.43  ? 201 Y30 A CBN 1 
HETATM 810 C  CAA . Y30 B 2 .  ? -2.055  3.792   9.190   1.00 36.67  ? 201 Y30 A CAA 1 
HETATM 811 C  CAC . Y30 B 2 .  ? 0.327   3.802   9.572   1.00 36.81  ? 201 Y30 A CAC 1 
HETATM 812 C  CAB . Y30 B 2 .  ? -1.204  3.332   11.472  1.00 39.25  ? 201 Y30 A CAB 1 
HETATM 813 O  O   . Y30 B 2 .  ? -2.965  1.069   10.079  1.00 36.16  ? 201 Y30 A O   1 
HETATM 814 N  N   . Y30 B 2 .  ? -1.636  -1.828  10.096  1.00 44.93  ? 201 Y30 A N   1 
HETATM 815 C  CAJ . Y30 B 2 .  ? -2.851  -2.324  10.542  1.00 38.49  ? 201 Y30 A CAJ 1 
HETATM 816 O  OAD . Y30 B 2 .  ? -3.344  -3.181  11.222  1.00 44.02  ? 201 Y30 A OAD 1 
HETATM 817 C  CAW . Y30 B 2 .  ? -2.914  -1.524  9.305   1.00 32.11  ? 201 Y30 A CAW 1 
HETATM 818 C  CBF . Y30 B 2 .  ? -3.262  -2.503  8.143   1.00 43.99  ? 201 Y30 A CBF 1 
HETATM 819 C  CAP . Y30 B 2 .  ? -2.407  -3.526  7.730   1.00 41.02  ? 201 Y30 A CAP 1 
HETATM 820 C  CAS . Y30 B 2 .  ? -2.714  -4.410  6.684   1.00 39.33  ? 201 Y30 A CAS 1 
HETATM 821 C  CAO . Y30 B 2 .  ? -4.485  -2.465  7.449   1.00 38.39  ? 201 Y30 A CAO 1 
HETATM 822 C  CAR . Y30 B 2 .  ? -4.807  -3.349  6.386   1.00 40.64  ? 201 Y30 A CAR 1 
HETATM 823 C  CBG . Y30 B 2 .  ? -3.909  -4.345  5.972   1.00 42.59  ? 201 Y30 A CBG 1 
HETATM 824 O  OAZ . Y30 B 2 .  ? -4.107  -5.303  4.965   1.00 41.13  ? 201 Y30 A OAZ 1 
HETATM 825 C  CAV . Y30 B 2 .  ? -5.184  -5.407  3.996   1.00 42.11  ? 201 Y30 A CAV 1 
HETATM 826 C  CBE . Y30 B 2 .  ? -4.780  -6.487  3.006   1.00 36.13  ? 201 Y30 A CBE 1 
HETATM 827 C  CAM . Y30 B 2 .  ? -4.730  -7.822  3.412   1.00 36.90  ? 201 Y30 A CAM 1 
HETATM 828 C  CAN . Y30 B 2 .  ? -4.441  -6.156  1.699   1.00 37.62  ? 201 Y30 A CAN 1 
HETATM 829 C  CAL . Y30 B 2 .  ? -4.043  -7.143  0.803   1.00 31.57  ? 201 Y30 A CAL 1 
HETATM 830 C  CBC . Y30 B 2 .  ? -3.987  -8.470  1.231   1.00 34.77  ? 201 Y30 A CBC 1 
HETATM 831 CL CLH . Y30 B 2 .  ? -3.461  -9.729  0.078   1.00 57.70  ? 201 Y30 A CLH 1 
HETATM 832 C  CAK . Y30 B 2 .  ? -4.330  -8.824  2.532   1.00 35.71  ? 201 Y30 A CAK 1 
HETATM 833 S  S   . SO4 C 3 .  ? -9.712  -7.739  10.361  1.00 73.99  ? 202 SO4 A S   1 
HETATM 834 O  O1  . SO4 C 3 .  ? -9.148  -8.357  9.154   1.00 76.37  ? 202 SO4 A O1  1 
HETATM 835 O  O2  . SO4 C 3 .  ? -10.628 -8.692  10.990  1.00 72.83  ? 202 SO4 A O2  1 
HETATM 836 O  O3  . SO4 C 3 .  ? -8.589  -7.383  11.230  1.00 75.19  ? 202 SO4 A O3  1 
HETATM 837 O  O4  . SO4 C 3 .  ? -10.456 -6.518  10.044  1.00 67.40  ? 202 SO4 A O4  1 
HETATM 838 S  S   . SO4 D 3 .  ? -15.841 8.837   8.244   1.00 99.23  ? 203 SO4 A S   1 
HETATM 839 O  O1  . SO4 D 3 .  ? -15.151 8.399   7.025   1.00 94.86  ? 203 SO4 A O1  1 
HETATM 840 O  O2  . SO4 D 3 .  ? -17.287 8.944   7.989   1.00 104.22 ? 203 SO4 A O2  1 
HETATM 841 O  O3  . SO4 D 3 .  ? -15.625 7.834   9.287   1.00 96.98  ? 203 SO4 A O3  1 
HETATM 842 O  O4  . SO4 D 3 .  ? -15.324 10.139  8.651   1.00 101.35 ? 203 SO4 A O4  1 
HETATM 843 O  O   . HOH E 4 .  ? 4.493   -1.154  8.479   1.00 30.91  ? 301 HOH A O   1 
HETATM 844 O  O   . HOH E 4 .  ? 12.658  -0.358  5.578   1.00 33.35  ? 302 HOH A O   1 
HETATM 845 O  O   . HOH E 4 .  ? -9.308  14.569  13.572  1.00 45.62  ? 303 HOH A O   1 
HETATM 846 O  O   . HOH E 4 .  ? -2.623  -11.762 -3.123  1.00 40.76  ? 304 HOH A O   1 
HETATM 847 O  O   . HOH E 4 .  ? 13.077  -5.557  0.905   1.00 35.81  ? 305 HOH A O   1 
HETATM 848 O  O   . HOH E 4 .  ? -9.784  0.953   1.992   1.00 34.27  ? 306 HOH A O   1 
HETATM 849 O  O   . HOH E 4 .  ? -14.500 -3.745  2.607   1.00 43.42  ? 307 HOH A O   1 
HETATM 850 O  O   . HOH E 4 .  ? 2.134   -6.814  6.809   1.00 44.62  ? 308 HOH A O   1 
HETATM 851 O  O   . HOH E 4 .  ? -7.490  -8.900  5.939   1.00 44.71  ? 309 HOH A O   1 
HETATM 852 O  O   . HOH E 4 .  ? 2.912   1.695   -9.907  1.00 51.78  ? 310 HOH A O   1 
HETATM 853 O  O   . HOH E 4 .  ? -5.225  -17.480 -1.787  1.00 48.43  ? 311 HOH A O   1 
HETATM 854 O  O   . HOH E 4 .  ? -6.092  -20.588 1.368   1.00 51.91  ? 312 HOH A O   1 
HETATM 855 O  O   . HOH E 4 .  ? -11.688 -14.137 4.829   1.00 46.60  ? 313 HOH A O   1 
HETATM 856 O  O   . HOH E 4 .  ? 3.071   14.203  4.081   1.00 44.26  ? 314 HOH A O   1 
HETATM 857 O  O   . HOH E 4 .  ? -6.933  -1.321  11.640  1.00 45.12  ? 315 HOH A O   1 
HETATM 858 O  O   . HOH E 4 .  ? -5.710  -18.398 4.519   1.00 52.63  ? 316 HOH A O   1 
HETATM 859 O  O   . HOH E 4 .  ? -9.136  -0.020  -6.698  1.00 45.95  ? 317 HOH A O   1 
HETATM 860 O  O   . HOH E 4 .  ? -13.633 -2.155  0.398   1.00 40.32  ? 318 HOH A O   1 
HETATM 861 O  O   . HOH E 4 .  ? 4.256   2.713   -12.742 1.00 56.95  ? 319 HOH A O   1 
HETATM 862 O  O   . HOH E 4 .  ? 4.141   12.579  -2.720  1.00 50.77  ? 320 HOH A O   1 
HETATM 863 O  O   . HOH E 4 .  ? -4.930  2.892   12.299  1.00 57.50  ? 321 HOH A O   1 
HETATM 864 O  O   . HOH E 4 .  ? -7.590  -3.161  9.764   1.00 40.92  ? 322 HOH A O   1 
HETATM 865 O  O   . HOH E 4 .  ? 11.021  2.028   -10.187 1.00 51.91  ? 323 HOH A O   1 
HETATM 866 O  O   . HOH E 4 .  ? 12.801  1.739   -8.063  1.00 54.49  ? 324 HOH A O   1 
HETATM 867 O  O   . HOH E 4 .  ? -6.989  -3.801  -8.902  1.00 44.83  ? 325 HOH A O   1 
HETATM 868 O  O   . HOH E 4 .  ? 11.233  -11.774 -3.251  1.00 54.30  ? 326 HOH A O   1 
HETATM 869 O  O   . HOH E 4 .  ? -12.436 -2.318  -4.517  1.00 47.69  ? 327 HOH A O   1 
HETATM 870 O  O   . HOH E 4 .  ? 2.752   -5.496  8.782   1.00 57.01  ? 328 HOH A O   1 
HETATM 871 O  O   . HOH E 4 .  ? 14.644  0.009   -8.815  1.00 67.99  ? 329 HOH A O   1 
HETATM 872 O  O   . HOH E 4 .  ? -7.836  6.634   15.928  1.00 65.06  ? 330 HOH A O   1 
HETATM 873 O  O   . HOH E 4 .  ? 10.535  3.239   8.778   1.00 45.85  ? 331 HOH A O   1 
HETATM 874 O  O   . HOH E 4 .  ? -16.386 -1.644  8.296   1.00 64.69  ? 332 HOH A O   1 
HETATM 875 O  O   . HOH E 4 .  ? 13.071  4.943   -4.561  1.00 49.28  ? 333 HOH A O   1 
HETATM 876 O  O   . HOH E 4 .  ? -8.603  -13.126 12.350  1.00 67.04  ? 334 HOH A O   1 
HETATM 877 O  O   . HOH E 4 .  ? -10.745 12.502  0.492   1.00 60.29  ? 335 HOH A O   1 
HETATM 878 O  O   . HOH E 4 .  ? 0.502   -8.304  7.026   1.00 61.28  ? 336 HOH A O   1 
HETATM 879 O  O   . HOH E 4 .  ? 11.129  3.791   6.186   1.00 52.66  ? 337 HOH A O   1 
HETATM 880 O  O   . HOH E 4 .  ? -4.997  -11.170 4.791   1.00 53.59  ? 338 HOH A O   1 
HETATM 881 O  O   . HOH E 4 .  ? 15.253  4.760   -2.943  1.00 52.67  ? 339 HOH A O   1 
HETATM 882 O  O   . HOH E 4 .  ? -3.340  3.245   14.356  1.00 52.48  ? 340 HOH A O   1 
HETATM 883 O  O   . HOH E 4 .  ? -8.699  2.714   -6.964  1.00 51.03  ? 341 HOH A O   1 
HETATM 884 O  O   . HOH E 4 .  ? -10.089 -4.092  10.618  1.00 60.46  ? 342 HOH A O   1 
HETATM 885 O  O   . HOH E 4 .  ? -9.900  -15.529 6.425   1.00 58.75  ? 343 HOH A O   1 
HETATM 886 O  O   . HOH E 4 .  ? 8.393   8.048   -2.422  1.00 52.86  ? 344 HOH A O   1 
HETATM 887 O  O   . HOH E 4 .  ? -3.369  -19.694 5.231   1.00 69.40  ? 345 HOH A O   1 
HETATM 888 O  O   . HOH E 4 .  ? 11.410  0.144   -12.018 1.00 59.56  ? 346 HOH A O   1 
HETATM 889 O  O   . HOH E 4 .  ? -9.843  4.511   14.512  1.00 60.94  ? 347 HOH A O   1 
HETATM 890 O  O   . HOH E 4 .  ? -12.863 -3.639  10.786  1.00 61.37  ? 348 HOH A O   1 
HETATM 891 O  O   . HOH E 4 .  ? -5.396  -5.087  10.080  1.00 57.87  ? 349 HOH A O   1 
HETATM 892 O  O   . HOH E 4 .  ? 3.111   -16.738 -5.264  1.00 51.22  ? 350 HOH A O   1 
HETATM 893 O  O   . HOH E 4 .  ? -11.658 2.655   1.553   1.00 52.75  ? 351 HOH A O   1 
HETATM 894 O  O   . HOH E 4 .  ? 8.910   -12.398 -13.010 1.00 72.31  ? 352 HOH A O   1 
HETATM 895 O  O   . HOH E 4 .  ? 0.840   20.491  -2.307  1.00 73.91  ? 353 HOH A O   1 
HETATM 896 O  O   . HOH E 4 .  ? -14.404 0.348   0.556   1.00 45.82  ? 354 HOH A O   1 
HETATM 897 O  O   . HOH E 4 .  ? 13.940  3.810   -6.722  1.00 63.06  ? 355 HOH A O   1 
HETATM 898 O  O   . HOH E 4 .  ? -4.547  0.072   11.878  1.00 51.81  ? 356 HOH A O   1 
HETATM 899 O  O   . HOH E 4 .  ? -11.365 4.832   -0.515  1.00 49.53  ? 357 HOH A O   1 
HETATM 900 O  O   . HOH E 4 .  ? 10.590  5.931   8.028   1.00 60.15  ? 358 HOH A O   1 
HETATM 901 O  O   . HOH E 4 .  ? -2.546  -12.740 -7.305  1.00 57.06  ? 359 HOH A O   1 
HETATM 902 O  O   . HOH E 4 .  ? 6.567   10.118  -2.143  1.00 59.93  ? 360 HOH A O   1 
HETATM 903 O  O   . HOH E 4 .  ? -3.857  -22.225 1.654   1.00 61.57  ? 361 HOH A O   1 
HETATM 904 O  O   . HOH E 4 .  ? -9.791  -9.139  -6.918  1.00 63.26  ? 362 HOH A O   1 
HETATM 905 O  O   . HOH E 4 .  ? -13.758 2.413   7.969   1.00 52.87  ? 363 HOH A O   1 
HETATM 906 O  O   . HOH E 4 .  ? 15.987  1.023   -0.667  1.00 54.42  ? 364 HOH A O   1 
HETATM 907 O  O   . HOH E 4 .  ? 2.203   0.629   9.744   1.00 44.86  ? 365 HOH A O   1 
HETATM 908 O  O   . HOH E 4 .  ? -6.825  -17.137 7.223   1.00 56.72  ? 366 HOH A O   1 
HETATM 909 O  O   . HOH E 4 .  ? 9.537   -4.716  -9.480  1.00 51.68  ? 367 HOH A O   1 
HETATM 910 O  O   . HOH E 4 .  ? 14.327  -9.544  -6.512  1.00 56.50  ? 368 HOH A O   1 
HETATM 911 O  O   . HOH E 4 .  ? -14.504 -2.545  -2.115  1.00 52.81  ? 369 HOH A O   1 
HETATM 912 O  O   . HOH E 4 .  ? 3.557   6.012   12.567  1.00 53.03  ? 370 HOH A O   1 
HETATM 913 O  O   . HOH E 4 .  ? 4.294   -1.617  13.689  1.00 54.10  ? 371 HOH A O   1 
# 
loop_
_atom_site_anisotrop.id 
_atom_site_anisotrop.type_symbol 
_atom_site_anisotrop.pdbx_label_atom_id 
_atom_site_anisotrop.pdbx_label_alt_id 
_atom_site_anisotrop.pdbx_label_comp_id 
_atom_site_anisotrop.pdbx_label_asym_id 
_atom_site_anisotrop.pdbx_label_seq_id 
_atom_site_anisotrop.pdbx_PDB_ins_code 
_atom_site_anisotrop.U[1][1] 
_atom_site_anisotrop.U[2][2] 
_atom_site_anisotrop.U[3][3] 
_atom_site_anisotrop.U[1][2] 
_atom_site_anisotrop.U[1][3] 
_atom_site_anisotrop.U[2][3] 
_atom_site_anisotrop.pdbx_auth_seq_id 
_atom_site_anisotrop.pdbx_auth_comp_id 
_atom_site_anisotrop.pdbx_auth_asym_id 
_atom_site_anisotrop.pdbx_auth_atom_id 
1   N  N   . MET A 1  ? 0.6923 0.5942 0.8269 -0.1335 0.1503  0.1687  17  MET A N   
2   C  CA  . MET A 1  ? 0.7195 0.6326 0.8372 -0.1190 0.1382  0.1464  17  MET A CA  
3   C  C   . MET A 1  ? 0.6469 0.5831 0.8209 -0.1234 0.1222  0.1181  17  MET A C   
4   O  O   . MET A 1  ? 0.6621 0.5929 0.8913 -0.1390 0.1162  0.1161  17  MET A O   
5   C  CB  . MET A 1  ? 0.7485 0.6301 0.8226 -0.1056 0.1148  0.1421  17  MET A CB  
6   C  CG  . MET A 1  ? 0.8330 0.6826 0.9373 -0.1128 0.0977  0.1418  17  MET A CG  
7   S  SD  . MET A 1  ? 1.2651 1.0788 1.3200 -0.0962 0.0792  0.1474  17  MET A SD  
8   C  CE  . MET A 1  ? 0.6771 0.5165 0.6839 -0.0778 0.0732  0.1289  17  MET A CE  
9   N  N   . GLN A 2  ? 0.5011 0.4604 0.6615 -0.1096 0.1130  0.0965  18  GLN A N   
10  C  CA  . GLN A 2  ? 0.4606 0.4463 0.6692 -0.1112 0.0979  0.0723  18  GLN A CA  
11  C  C   . GLN A 2  ? 0.4241 0.3911 0.6517 -0.1142 0.0688  0.0539  18  GLN A C   
12  O  O   . GLN A 2  ? 0.4168 0.3962 0.7000 -0.1251 0.0579  0.0411  18  GLN A O   
13  C  CB  . GLN A 2  ? 0.3890 0.3960 0.5721 -0.0934 0.0919  0.0567  18  GLN A CB  
14  C  CG  . GLN A 2  ? 0.4534 0.4870 0.6342 -0.0891 0.1189  0.0649  18  GLN A CG  
15  C  CD  . GLN A 2  ? 0.4404 0.4869 0.5977 -0.0702 0.1104  0.0487  18  GLN A CD  
16  O  OE1 . GLN A 2  ? 0.4319 0.4876 0.6075 -0.0646 0.0881  0.0316  18  GLN A OE1 
17  N  NE2 . GLN A 2  ? 0.4691 0.5136 0.5830 -0.0596 0.1266  0.0542  18  GLN A NE2 
18  N  N   . ILE A 3  ? 0.4386 0.3783 0.6211 -0.1033 0.0559  0.0505  19  ILE A N   
19  C  CA  . ILE A 3  ? 0.4022 0.3231 0.5920 -0.1016 0.0312  0.0305  19  ILE A CA  
20  C  C   . ILE A 3  ? 0.4543 0.3375 0.6386 -0.1059 0.0333  0.0450  19  ILE A C   
21  O  O   . ILE A 3  ? 0.4952 0.3659 0.6421 -0.1004 0.0452  0.0655  19  ILE A O   
22  C  CB  . ILE A 3  ? 0.3956 0.3194 0.5402 -0.0830 0.0175  0.0149  19  ILE A CB  
23  C  CG1 . ILE A 3  ? 0.3667 0.3234 0.5150 -0.0769 0.0149  0.0052  19  ILE A CG1 
24  C  CG2 . ILE A 3  ? 0.3893 0.2946 0.5313 -0.0779 -0.0035 -0.0061 19  ILE A CG2 
25  C  CD1 . ILE A 3  ? 0.3508 0.3088 0.4590 -0.0606 0.0015  -0.0072 19  ILE A CD1 
26  N  N   . PRO A 4  ? 0.3942 0.2568 0.6165 -0.1148 0.0196  0.0339  20  PRO A N   
27  C  CA  . PRO A 4  ? 0.4257 0.2486 0.6492 -0.1188 0.0226  0.0516  20  PRO A CA  
28  C  C   . PRO A 4  ? 0.4613 0.2669 0.6347 -0.0997 0.0160  0.0511  20  PRO A C   
29  O  O   . PRO A 4  ? 0.4413 0.2592 0.5913 -0.0859 0.0045  0.0289  20  PRO A O   
30  C  CB  . PRO A 4  ? 0.4776 0.2811 0.7556 -0.1301 0.0048  0.0315  20  PRO A CB  
31  C  CG  . PRO A 4  ? 0.4963 0.3287 0.7832 -0.1259 -0.0133 -0.0025 20  PRO A CG  
32  C  CD  . PRO A 4  ? 0.4096 0.2819 0.6764 -0.1216 -0.0004 0.0055  20  PRO A CD  
33  N  N   . ALA A 5  ? 0.5604 0.3396 0.7179 -0.0986 0.0239  0.0777  21  ALA A N   
34  C  CA  . ALA A 5  ? 0.5729 0.3406 0.6882 -0.0804 0.0176  0.0808  21  ALA A CA  
35  C  C   . ALA A 5  ? 0.5887 0.3425 0.7130 -0.0685 -0.0011 0.0533  21  ALA A C   
36  O  O   . ALA A 5  ? 0.5273 0.2889 0.6234 -0.0525 -0.0062 0.0445  21  ALA A O   
37  C  CB  . ALA A 5  ? 0.6709 0.4104 0.7719 -0.0813 0.0252  0.1158  21  ALA A CB  
38  N  N   . SER A 6  ? 0.5619 0.2965 0.7280 -0.0764 -0.0105 0.0384  22  SER A N   
39  C  CA  . SER A 6  ? 0.5612 0.2807 0.7352 -0.0636 -0.0269 0.0084  22  SER A CA  
40  C  C   . SER A 6  ? 0.5490 0.3008 0.6949 -0.0515 -0.0314 -0.0189 22  SER A C   
41  O  O   . SER A 6  ? 0.5824 0.3312 0.7148 -0.0353 -0.0374 -0.0375 22  SER A O   
42  C  CB  . SER A 6  ? 0.6015 0.2981 0.8222 -0.0745 -0.0377 -0.0080 22  SER A CB  
43  O  OG  . SER A 6  ? 0.6113 0.3317 0.8536 -0.0882 -0.0409 -0.0231 22  SER A OG  
44  N  N   . GLU A 7  ? 0.4468 0.2297 0.5839 -0.0583 -0.0266 -0.0189 23  GLU A N   
45  C  CA  . GLU A 7  ? 0.4504 0.2611 0.5578 -0.0472 -0.0305 -0.0385 23  GLU A CA  
46  C  C   . GLU A 7  ? 0.5578 0.3775 0.6271 -0.0328 -0.0230 -0.0297 23  GLU A C   
47  O  O   . GLU A 7  ? 0.6134 0.4479 0.6601 -0.0216 -0.0250 -0.0454 23  GLU A O   
48  C  CB  . GLU A 7  ? 0.4994 0.3397 0.6091 -0.0557 -0.0282 -0.0367 23  GLU A CB  
49  C  CG  . GLU A 7  ? 0.4340 0.2770 0.5835 -0.0671 -0.0414 -0.0552 23  GLU A CG  
50  C  CD  . GLU A 7  ? 0.5376 0.3800 0.6770 -0.0566 -0.0611 -0.0903 23  GLU A CD  
51  O  OE1 . GLU A 7  ? 0.5591 0.3822 0.7308 -0.0626 -0.0751 -0.1096 23  GLU A OE1 
52  O  OE2 . GLU A 7  ? 0.5502 0.4097 0.6487 -0.0426 -0.0628 -0.0988 23  GLU A OE2 
53  N  N   . GLN A 8  ? 0.5252 0.3369 0.5877 -0.0336 -0.0148 -0.0041 24  GLN A N   
54  C  CA  . GLN A 8  ? 0.5088 0.3314 0.5426 -0.0220 -0.0110 0.0028  24  GLN A CA  
55  C  C   . GLN A 8  ? 0.5208 0.3325 0.5596 -0.0079 -0.0164 -0.0085 24  GLN A C   
56  O  O   . GLN A 8  ? 0.5170 0.3429 0.5415 0.0022  -0.0139 -0.0091 24  GLN A O   
57  C  CB  . GLN A 8  ? 0.5428 0.3622 0.5629 -0.0260 -0.0042 0.0305  24  GLN A CB  
58  C  CG  . GLN A 8  ? 0.5793 0.4169 0.5908 -0.0355 0.0051  0.0379  24  GLN A CG  
59  C  CD  . GLN A 8  ? 0.6435 0.4822 0.6284 -0.0348 0.0123  0.0590  24  GLN A CD  
60  O  OE1 . GLN A 8  ? 0.6860 0.5226 0.6528 -0.0256 0.0069  0.0628  24  GLN A OE1 
61  N  NE2 . GLN A 8  ? 0.6869 0.5309 0.6706 -0.0442 0.0243  0.0716  24  GLN A NE2 
62  N  N   . GLU A 9  ? 0.4839 0.2707 0.5487 -0.0073 -0.0234 -0.0188 25  GLU A N   
63  C  CA  . GLU A 9  ? 0.5573 0.3319 0.6328 0.0086  -0.0279 -0.0315 25  GLU A CA  
64  C  C   . GLU A 9  ? 0.5847 0.3737 0.6525 0.0193  -0.0277 -0.0643 25  GLU A C   
65  O  O   . GLU A 9  ? 0.6000 0.3878 0.6738 0.0351  -0.0267 -0.0781 25  GLU A O   
66  C  CB  . GLU A 9  ? 0.7002 0.4352 0.8085 0.0066  -0.0361 -0.0272 25  GLU A CB  
67  C  CG  . GLU A 9  ? 0.7794 0.4978 0.8875 -0.0015 -0.0345 0.0097  25  GLU A CG  
68  C  CD  . GLU A 9  ? 0.9393 0.6705 1.0268 0.0103  -0.0344 0.0258  25  GLU A CD  
69  O  OE1 . GLU A 9  ? 1.0188 0.7511 1.1175 0.0272  -0.0395 0.0140  25  GLU A OE1 
70  O  OE2 . GLU A 9  ? 0.9791 0.7211 1.0416 0.0036  -0.0295 0.0480  25  GLU A OE2 
71  N  N   . THR A 10 ? 0.5978 0.4020 0.6508 0.0125  -0.0285 -0.0764 26  THR A N   
72  C  CA  . THR A 10 ? 0.5469 0.3636 0.5815 0.0235  -0.0293 -0.1061 26  THR A CA  
73  C  C   . THR A 10 ? 0.5531 0.3946 0.5644 0.0364  -0.0157 -0.1036 26  THR A C   
74  O  O   . THR A 10 ? 0.5248 0.3839 0.5232 0.0316  -0.0085 -0.0825 26  THR A O   
75  C  CB  . THR A 10 ? 0.5705 0.4010 0.5896 0.0149  -0.0361 -0.1152 26  THR A CB  
76  O  OG1 . THR A 10 ? 0.6193 0.4303 0.6711 0.0016  -0.0488 -0.1203 26  THR A OG1 
77  C  CG2 . THR A 10 ? 0.6475 0.4902 0.6355 0.0286  -0.0382 -0.1443 26  THR A CG2 
78  N  N   . LEU A 11 ? 0.4896 0.3316 0.4996 0.0527  -0.0114 -0.1263 27  LEU A N   
79  C  CA  . LEU A 11 ? 0.5268 0.3956 0.5215 0.0652  0.0053  -0.1266 27  LEU A CA  
80  C  C   . LEU A 11 ? 0.6139 0.5046 0.5656 0.0657  0.0120  -0.1332 27  LEU A C   
81  O  O   . LEU A 11 ? 0.6904 0.5752 0.6221 0.0696  0.0041  -0.1572 27  LEU A O   
82  C  CB  . LEU A 11 ? 0.6305 0.4928 0.6422 0.0844  0.0098  -0.1513 27  LEU A CB  
83  C  CG  . LEU A 11 ? 0.7142 0.5951 0.7481 0.0964  0.0239  -0.1432 27  LEU A CG  
84  C  CD1 . LEU A 11 ? 0.7276 0.6038 0.7854 0.0863  0.0160  -0.1118 27  LEU A CD1 
85  C  CD2 . LEU A 11 ? 0.7492 0.6164 0.8098 0.1165  0.0243  -0.1704 27  LEU A CD2 
86  N  N   . VAL A 12 ? 0.5507 0.4642 0.4876 0.0621  0.0241  -0.1120 28  VAL A N   
87  C  CA  . VAL A 12 ? 0.5590 0.4896 0.4541 0.0621  0.0300  -0.1107 28  VAL A CA  
88  C  C   . VAL A 12 ? 0.5601 0.5162 0.4435 0.0679  0.0531  -0.0991 28  VAL A C   
89  O  O   . VAL A 12 ? 0.5648 0.5297 0.4792 0.0672  0.0620  -0.0867 28  VAL A O   
90  C  CB  . VAL A 12 ? 0.5359 0.4644 0.4242 0.0473  0.0186  -0.0926 28  VAL A CB  
91  C  CG1 . VAL A 12 ? 0.5673 0.4763 0.4727 0.0399  -0.0008 -0.1035 28  VAL A CG1 
92  C  CG2 . VAL A 12 ? 0.5483 0.4807 0.4564 0.0381  0.0235  -0.0661 28  VAL A CG2 
93  N  N   . ARG A 13 ? 0.5463 0.5147 0.3860 0.0732  0.0619  -0.1014 29  ARG A N   
94  C  CA  . ARG A 13 ? 0.5810 0.5735 0.4081 0.0770  0.0876  -0.0873 29  ARG A CA  
95  C  C   . ARG A 13 ? 0.6015 0.5976 0.4007 0.0673  0.0878  -0.0621 29  ARG A C   
96  O  O   . ARG A 13 ? 0.6284 0.6223 0.3812 0.0720  0.0826  -0.0659 29  ARG A O   
97  C  CB  . ARG A 13 ? 0.7034 0.7071 0.4971 0.0952  0.1041  -0.1105 29  ARG A CB  
98  C  CG  . ARG A 13 ? 0.7452 0.7772 0.5267 0.0995  0.1371  -0.0952 29  ARG A CG  
99  C  CD  . ARG A 13 ? 0.8372 0.8810 0.5775 0.1203  0.1561  -0.1210 29  ARG A CD  
100 N  NE  . ARG A 13 ? 0.8370 0.8777 0.6123 0.1336  0.1563  -0.1515 29  ARG A NE  
101 C  CZ  . ARG A 13 ? 0.8656 0.9269 0.6897 0.1393  0.1773  -0.1506 29  ARG A CZ  
102 N  NH1 . ARG A 13 ? 0.8049 0.8933 0.6508 0.1304  0.2000  -0.1213 29  ARG A NH1 
103 N  NH2 . ARG A 13 ? 0.9462 1.0006 0.8032 0.1538  0.1740  -0.1790 29  ARG A NH2 
104 N  N   . PRO A 14 ? 0.5747 0.5744 0.4020 0.0550  0.0911  -0.0374 30  PRO A N   
105 C  CA  . PRO A 14 ? 0.5324 0.5301 0.3400 0.0464  0.0897  -0.0139 30  PRO A CA  
106 C  C   . PRO A 14 ? 0.5710 0.5809 0.3377 0.0521  0.1099  -0.0022 30  PRO A C   
107 O  O   . PRO A 14 ? 0.5861 0.6147 0.3585 0.0567  0.1351  -0.0008 30  PRO A O   
108 C  CB  . PRO A 14 ? 0.5015 0.5017 0.3528 0.0341  0.0922  0.0041  30  PRO A CB  
109 C  CG  . PRO A 14 ? 0.5423 0.5372 0.4286 0.0348  0.0816  -0.0099 30  PRO A CG  
110 C  CD  . PRO A 14 ? 0.5177 0.5188 0.3967 0.0490  0.0900  -0.0320 30  PRO A CD  
111 N  N   . LYS A 15 ? 0.5971 0.5979 0.3241 0.0526  0.0999  0.0080  31  LYS A N   
112 C  CA  . LYS A 15 ? 0.6562 0.6638 0.3379 0.0573  0.1180  0.0273  31  LYS A CA  
113 C  C   . LYS A 15 ? 0.6148 0.6286 0.3282 0.0445  0.1385  0.0575  31  LYS A C   
114 O  O   . LYS A 15 ? 0.6135 0.6234 0.3779 0.0328  0.1313  0.0608  31  LYS A O   
115 C  CB  . LYS A 15 ? 0.6842 0.6774 0.3209 0.0618  0.0960  0.0333  31  LYS A CB  
116 C  CG  . LYS A 15 ? 0.7555 0.7465 0.3577 0.0747  0.0759  0.0023  31  LYS A CG  
117 C  CD  . LYS A 15 ? 0.7871 0.7673 0.3638 0.0769  0.0472  0.0072  31  LYS A CD  
118 C  CE  . LYS A 15 ? 0.8661 0.8465 0.4193 0.0862  0.0237  -0.0247 31  LYS A CE  
119 N  NZ  . LYS A 15 ? 0.9351 0.9104 0.4727 0.0883  -0.0057 -0.0195 31  LYS A NZ  
120 N  N   . PRO A 16 ? 0.6890 0.7124 0.3771 0.0448  0.1618  0.0779  32  PRO A N   
121 C  CA  . PRO A 16 ? 0.6894 0.7210 0.4201 0.0297  0.1822  0.1037  32  PRO A CA  
122 C  C   . PRO A 16 ? 0.6946 0.7068 0.4591 0.0159  0.1695  0.1236  32  PRO A C   
123 O  O   . PRO A 16 ? 0.6779 0.6979 0.4995 0.0040  0.1751  0.1263  32  PRO A O   
124 C  CB  . PRO A 16 ? 0.7335 0.7705 0.4295 0.0284  0.1961  0.1194  32  PRO A CB  
125 C  CG  . PRO A 16 ? 0.7508 0.7974 0.4016 0.0447  0.1970  0.0929  32  PRO A CG  
126 C  CD  . PRO A 16 ? 0.6416 0.6721 0.2795 0.0539  0.1667  0.0703  32  PRO A CD  
127 N  N   . LEU A 17 ? 0.6113 0.5999 0.3504 0.0166  0.1472  0.1313  33  LEU A N   
128 C  CA  . LEU A 17 ? 0.6349 0.6033 0.4086 0.0047  0.1341  0.1455  33  LEU A CA  
129 C  C   . LEU A 17 ? 0.6048 0.5728 0.4222 -0.0001 0.1159  0.1224  33  LEU A C   
130 O  O   . LEU A 17 ? 0.5875 0.5522 0.4501 -0.0121 0.1146  0.1269  33  LEU A O   
131 C  CB  . LEU A 17 ? 0.6613 0.6063 0.4030 0.0094  0.1135  0.1568  33  LEU A CB  
132 C  CG  . LEU A 17 ? 0.8250 0.7655 0.5454 0.0057  0.1222  0.1802  33  LEU A CG  
133 C  CD1 . LEU A 17 ? 0.8405 0.7581 0.5330 0.0123  0.0989  0.1911  33  LEU A CD1 
134 C  CD2 . LEU A 17 ? 0.8837 0.8217 0.6502 -0.0118 0.1391  0.1993  33  LEU A CD2 
135 N  N   . LEU A 18 ? 0.5826 0.5528 0.3861 0.0092  0.1011  0.0979  34  LEU A N   
136 C  CA  . LEU A 18 ? 0.5047 0.4731 0.3429 0.0055  0.0860  0.0795  34  LEU A CA  
137 C  C   . LEU A 18 ? 0.5222 0.5074 0.4000 0.0010  0.0979  0.0738  34  LEU A C   
138 O  O   . LEU A 18 ? 0.4896 0.4717 0.4032 -0.0066 0.0882  0.0709  34  LEU A O   
139 C  CB  . LEU A 18 ? 0.5085 0.4749 0.3280 0.0146  0.0703  0.0574  34  LEU A CB  
140 C  CG  . LEU A 18 ? 0.4724 0.4368 0.3252 0.0106  0.0592  0.0427  34  LEU A CG  
141 C  CD1 . LEU A 18 ? 0.5037 0.4557 0.3758 0.0024  0.0487  0.0505  34  LEU A CD1 
142 C  CD2 . LEU A 18 ? 0.4924 0.4536 0.3336 0.0169  0.0460  0.0232  34  LEU A CD2 
143 N  N   . LEU A 19 ? 0.5538 0.5580 0.4244 0.0073  0.1179  0.0709  35  LEU A N   
144 C  CA  . LEU A 19 ? 0.5245 0.5495 0.4396 0.0054  0.1302  0.0656  35  LEU A CA  
145 C  C   . LEU A 19 ? 0.5437 0.5732 0.5024 -0.0097 0.1361  0.0842  35  LEU A C   
146 O  O   . LEU A 19 ? 0.5186 0.5561 0.5240 -0.0150 0.1281  0.0780  35  LEU A O   
147 C  CB  . LEU A 19 ? 0.5030 0.5508 0.4038 0.0163  0.1563  0.0601  35  LEU A CB  
148 C  CG  . LEU A 19 ? 0.4816 0.5545 0.4369 0.0178  0.1674  0.0507  35  LEU A CG  
149 C  CD1 . LEU A 19 ? 0.4733 0.5355 0.4456 0.0237  0.1432  0.0290  35  LEU A CD1 
150 C  CD2 . LEU A 19 ? 0.5465 0.6461 0.4912 0.0299  0.1990  0.0452  35  LEU A CD2 
151 N  N   . LYS A 20 ? 0.5112 0.5344 0.4556 -0.0165 0.1480  0.1074  36  LYS A N   
152 C  CA  . LYS A 20 ? 0.5256 0.5482 0.5154 -0.0332 0.1522  0.1255  36  LYS A CA  
153 C  C   . LYS A 20 ? 0.5010 0.5026 0.5126 -0.0399 0.1227  0.1165  36  LYS A C   
154 O  O   . LYS A 20 ? 0.5500 0.5577 0.6118 -0.0505 0.1163  0.1145  36  LYS A O   
155 C  CB  . LYS A 20 ? 0.6178 0.6277 0.5839 -0.0390 0.1676  0.1548  36  LYS A CB  
156 C  CG  . LYS A 20 ? 0.6428 0.6535 0.6653 -0.0587 0.1771  0.1751  36  LYS A CG  
157 C  CD  . LYS A 20 ? 0.7318 0.7263 0.7298 -0.0642 0.1849  0.1987  36  LYS A CD  
158 C  CE  . LYS A 20 ? 0.7986 0.7928 0.8569 -0.0846 0.1892  0.2113  36  LYS A CE  
159 N  NZ  . LYS A 20 ? 0.9094 0.8874 0.9460 -0.0909 0.1994  0.2357  36  LYS A NZ  
160 N  N   . LEU A 21 ? 0.4614 0.4409 0.4357 -0.0330 0.1047  0.1097  37  LEU A N   
161 C  CA  . LEU A 21 ? 0.4736 0.4340 0.4602 -0.0367 0.0804  0.1002  37  LEU A CA  
162 C  C   . LEU A 21 ? 0.4724 0.4440 0.4839 -0.0355 0.0688  0.0817  37  LEU A C   
163 O  O   . LEU A 21 ? 0.4396 0.4070 0.4806 -0.0430 0.0554  0.0773  37  LEU A O   
164 C  CB  . LEU A 21 ? 0.4785 0.4199 0.4252 -0.0279 0.0672  0.0957  37  LEU A CB  
165 C  CG  . LEU A 21 ? 0.5471 0.4706 0.5003 -0.0290 0.0469  0.0853  37  LEU A CG  
166 C  CD1 . LEU A 21 ? 0.6271 0.5322 0.5553 -0.0229 0.0402  0.0907  37  LEU A CD1 
167 C  CD2 . LEU A 21 ? 0.4756 0.4052 0.4265 -0.0242 0.0368  0.0669  37  LEU A CD2 
168 N  N   . LEU A 22 ? 0.4625 0.4460 0.4604 -0.0253 0.0719  0.0705  38  LEU A N   
169 C  CA  . LEU A 22 ? 0.4512 0.4417 0.4698 -0.0219 0.0602  0.0564  38  LEU A CA  
170 C  C   . LEU A 22 ? 0.4393 0.4498 0.5089 -0.0283 0.0628  0.0584  38  LEU A C   
171 O  O   . LEU A 22 ? 0.4121 0.4212 0.5047 -0.0309 0.0442  0.0519  38  LEU A O   
172 C  CB  . LEU A 22 ? 0.4349 0.4321 0.4365 -0.0097 0.0655  0.0452  38  LEU A CB  
173 C  CG  . LEU A 22 ? 0.4819 0.4623 0.4426 -0.0042 0.0586  0.0395  38  LEU A CG  
174 C  CD1 . LEU A 22 ? 0.4726 0.4576 0.4229 0.0067  0.0622  0.0253  38  LEU A CD1 
175 C  CD2 . LEU A 22 ? 0.4154 0.3785 0.3730 -0.0075 0.0398  0.0368  38  LEU A CD2 
176 N  N   . LYS A 23 ? 0.4164 0.4477 0.5042 -0.0305 0.0861  0.0676  39  LYS A N   
177 C  CA  . LYS A 23 ? 0.3980 0.4555 0.5456 -0.0371 0.0911  0.0693  39  LYS A CA  
178 C  C   . LYS A 23 ? 0.4684 0.5169 0.6488 -0.0534 0.0773  0.0758  39  LYS A C   
179 O  O   . LYS A 23 ? 0.4341 0.4991 0.6670 -0.0590 0.0661  0.0706  39  LYS A O   
180 C  CB  . LYS A 23 ? 0.4284 0.5140 0.5894 -0.0358 0.1251  0.0787  39  LYS A CB  
181 C  CG  . LYS A 23 ? 0.4852 0.5815 0.6212 -0.0174 0.1363  0.0650  39  LYS A CG  
182 C  CD  . LYS A 23 ? 0.5344 0.6670 0.6978 -0.0132 0.1691  0.0679  39  LYS A CD  
183 C  CE  . LYS A 23 ? 0.5928 0.7333 0.7371 0.0074  0.1759  0.0473  39  LYS A CE  
184 N  NZ  . LYS A 23 ? 0.5828 0.7623 0.7549 0.0147  0.2111  0.0465  39  LYS A NZ  
185 N  N   . SER A 24 ? 0.4260 0.4477 0.5784 -0.0596 0.0752  0.0851  40  SER A N   
186 C  CA  . SER A 24 ? 0.4440 0.4512 0.6273 -0.0746 0.0617  0.0888  40  SER A CA  
187 C  C   . SER A 24 ? 0.4429 0.4386 0.6294 -0.0727 0.0294  0.0692  40  SER A C   
188 O  O   . SER A 24 ? 0.4360 0.4256 0.6569 -0.0837 0.0129  0.0644  40  SER A O   
189 C  CB  . SER A 24 ? 0.4877 0.4646 0.6395 -0.0783 0.0661  0.1027  40  SER A CB  
190 O  OG  . SER A 24 ? 0.5030 0.4560 0.6083 -0.0679 0.0494  0.0915  40  SER A OG  
191 N  N   . VAL A 25 ? 0.4050 0.3965 0.5540 -0.0590 0.0202  0.0580  41  VAL A N   
192 C  CA  . VAL A 25 ? 0.4039 0.3865 0.5478 -0.0553 -0.0077 0.0427  41  VAL A CA  
193 C  C   . VAL A 25 ? 0.4081 0.4132 0.5740 -0.0474 -0.0157 0.0362  41  VAL A C   
194 O  O   . VAL A 25 ? 0.4493 0.4464 0.5983 -0.0404 -0.0369 0.0272  41  VAL A O   
195 C  CB  . VAL A 25 ? 0.4937 0.4506 0.5809 -0.0469 -0.0146 0.0372  41  VAL A CB  
196 C  CG1 . VAL A 25 ? 0.5570 0.4907 0.6328 -0.0527 -0.0146 0.0395  41  VAL A CG1 
197 C  CG2 . VAL A 25 ? 0.4398 0.3999 0.4958 -0.0368 0.0005  0.0408  41  VAL A CG2 
198 N  N   . GLY A 26 ? 0.3641 0.3971 0.5671 -0.0474 0.0022  0.0417  42  GLY A N   
199 C  CA  . GLY A 26 ? 0.3586 0.4157 0.5975 -0.0391 -0.0064 0.0351  42  GLY A CA  
200 C  C   . GLY A 26 ? 0.4152 0.4776 0.6356 -0.0231 0.0049  0.0326  42  GLY A C   
201 O  O   . GLY A 26 ? 0.3900 0.4672 0.6391 -0.0133 -0.0055 0.0269  42  GLY A O   
202 N  N   . ALA A 27 ? 0.3579 0.4072 0.5341 -0.0194 0.0232  0.0356  43  ALA A N   
203 C  CA  . ALA A 27 ? 0.3580 0.4108 0.5208 -0.0049 0.0337  0.0296  43  ALA A CA  
204 C  C   . ALA A 27 ? 0.4095 0.4969 0.6166 -0.0003 0.0561  0.0284  43  ALA A C   
205 O  O   . ALA A 27 ? 0.3922 0.4982 0.6238 -0.0105 0.0736  0.0374  43  ALA A O   
206 C  CB  . ALA A 27 ? 0.3378 0.3703 0.4459 -0.0028 0.0444  0.0301  43  ALA A CB  
207 N  N   . GLN A 28 ? 0.4078 0.5038 0.6282 0.0153  0.0569  0.0180  44  GLN A N   
208 C  CA  . GLN A 28 ? 0.3807 0.5141 0.6548 0.0228  0.0754  0.0135  44  GLN A CA  
209 C  C   . GLN A 28 ? 0.4419 0.5826 0.6978 0.0379  0.1019  0.0029  44  GLN A C   
210 O  O   . GLN A 28 ? 0.4441 0.6186 0.7423 0.0463  0.1225  -0.0025 44  GLN A O   
211 C  CB  . GLN A 28 ? 0.4273 0.5717 0.7516 0.0323  0.0510  0.0072  44  GLN A CB  
212 C  CG  . GLN A 28 ? 0.4741 0.6138 0.8163 0.0208  0.0202  0.0131  44  GLN A CG  
213 C  CD  . GLN A 28 ? 0.5463 0.7178 0.9440 0.0055  0.0281  0.0188  44  GLN A CD  
214 O  OE1 . GLN A 28 ? 0.6717 0.8819 1.1277 0.0087  0.0469  0.0172  44  GLN A OE1 
215 N  NE2 . GLN A 28 ? 0.4809 0.6360 0.8652 -0.0113 0.0151  0.0249  44  GLN A NE2 
216 N  N   . LYS A 29 ? 0.4324 0.5441 0.6285 0.0417  0.1015  -0.0022 45  LYS A N   
217 C  CA  . LYS A 29 ? 0.4893 0.6015 0.6649 0.0585  0.1182  -0.0190 45  LYS A CA  
218 C  C   . LYS A 29 ? 0.4934 0.5987 0.6107 0.0557  0.1365  -0.0174 45  LYS A C   
219 O  O   . LYS A 29 ? 0.4643 0.5617 0.5581 0.0412  0.1356  -0.0010 45  LYS A O   
220 C  CB  . LYS A 29 ? 0.5406 0.6217 0.7041 0.0689  0.0951  -0.0318 45  LYS A CB  
221 C  CG  . LYS A 29 ? 0.5607 0.6369 0.7640 0.0702  0.0688  -0.0269 45  LYS A CG  
222 C  CD  . LYS A 29 ? 0.5031 0.5454 0.6951 0.0806  0.0492  -0.0348 45  LYS A CD  
223 C  CE  . LYS A 29 ? 0.5053 0.5140 0.6476 0.0682  0.0362  -0.0269 45  LYS A CE  
224 N  NZ  . LYS A 29 ? 0.5924 0.5684 0.7321 0.0752  0.0185  -0.0295 45  LYS A NZ  
225 N  N   . ASP A 30 ? 0.5082 0.6149 0.6012 0.0713  0.1510  -0.0358 46  ASP A N   
226 C  CA  . ASP A 30 ? 0.5229 0.6214 0.5528 0.0722  0.1631  -0.0375 46  ASP A CA  
227 C  C   . ASP A 30 ? 0.5324 0.5957 0.5243 0.0752  0.1387  -0.0516 46  ASP A C   
228 O  O   . ASP A 30 ? 0.5698 0.6207 0.5121 0.0718  0.1361  -0.0497 46  ASP A O   
229 C  CB  . ASP A 30 ? 0.5877 0.7116 0.6057 0.0884  0.1954  -0.0514 46  ASP A CB  
230 C  CG  . ASP A 30 ? 0.7100 0.8721 0.7585 0.0822  0.2271  -0.0323 46  ASP A CG  
231 O  OD1 . ASP A 30 ? 0.6808 0.8429 0.7395 0.0632  0.2244  -0.0065 46  ASP A OD1 
232 O  OD2 . ASP A 30 ? 0.8324 1.0248 0.8984 0.0964  0.2559  -0.0438 46  ASP A OD2 
233 N  N   . THR A 31 ? 0.5063 0.5539 0.5248 0.0815  0.1206  -0.0649 47  THR A N   
234 C  CA  . THR A 31 ? 0.5300 0.5440 0.5239 0.0811  0.0983  -0.0761 47  THR A CA  
235 C  C   . THR A 31 ? 0.5461 0.5412 0.5680 0.0722  0.0751  -0.0641 47  THR A C   
236 O  O   . THR A 31 ? 0.5491 0.5534 0.6117 0.0744  0.0723  -0.0574 47  THR A O   
237 C  CB  . THR A 31 ? 0.5770 0.5810 0.5679 0.0990  0.0991  -0.1068 47  THR A CB  
238 O  OG1 . THR A 31 ? 0.5345 0.5401 0.5770 0.1093  0.0968  -0.1124 47  THR A OG1 
239 C  CG2 . THR A 31 ? 0.6240 0.6497 0.5814 0.1116  0.1249  -0.1214 47  THR A CG2 
240 N  N   . TYR A 32 ? 0.4892 0.4596 0.4887 0.0630  0.0584  -0.0613 48  TYR A N   
241 C  CA  . TYR A 32 ? 0.4665 0.4192 0.4795 0.0532  0.0402  -0.0463 48  TYR A CA  
242 C  C   . TYR A 32 ? 0.5030 0.4270 0.5081 0.0508  0.0262  -0.0540 48  TYR A C   
243 O  O   . TYR A 32 ? 0.5586 0.4777 0.5439 0.0528  0.0269  -0.0702 48  TYR A O   
244 C  CB  . TYR A 32 ? 0.4083 0.3664 0.4043 0.0392  0.0391  -0.0276 48  TYR A CB  
245 C  CG  . TYR A 32 ? 0.4159 0.3986 0.4268 0.0372  0.0508  -0.0177 48  TYR A CG  
246 C  CD1 . TYR A 32 ? 0.4742 0.4746 0.4696 0.0381  0.0696  -0.0175 48  TYR A CD1 
247 C  CD2 . TYR A 32 ? 0.4612 0.4496 0.5032 0.0345  0.0424  -0.0080 48  TYR A CD2 
248 C  CE1 . TYR A 32 ? 0.4346 0.4575 0.4516 0.0338  0.0828  -0.0059 48  TYR A CE1 
249 C  CE2 . TYR A 32 ? 0.4354 0.4478 0.5017 0.0306  0.0514  -0.0004 48  TYR A CE2 
250 C  CZ  . TYR A 32 ? 0.4338 0.4635 0.4911 0.0291  0.0733  0.0014  48  TYR A CZ  
251 O  OH  . TYR A 32 ? 0.4700 0.5236 0.5584 0.0225  0.0848  0.0116  48  TYR A OH  
252 N  N   . THR A 33 ? 0.4656 0.3709 0.4858 0.0458  0.0132  -0.0417 49  THR A N   
253 C  CA  . THR A 33 ? 0.4388 0.3204 0.4525 0.0369  0.0033  -0.0409 49  THR A CA  
254 C  C   . THR A 33 ? 0.4173 0.3069 0.4079 0.0241  0.0042  -0.0287 49  THR A C   
255 O  O   . THR A 33 ? 0.4204 0.3258 0.4027 0.0219  0.0089  -0.0179 49  THR A O   
256 C  CB  . THR A 33 ? 0.4957 0.3527 0.5292 0.0358  -0.0076 -0.0272 49  THR A CB  
257 O  OG1 . THR A 33 ? 0.4957 0.3614 0.5252 0.0328  -0.0101 -0.0068 49  THR A OG1 
258 C  CG2 . THR A 33 ? 0.4832 0.3282 0.5451 0.0508  -0.0110 -0.0392 49  THR A CG2 
259 N  N   . MET A 34 ? 0.4415 0.3203 0.4274 0.0159  -0.0010 -0.0313 50  MET A N   
260 C  CA  . MET A 34 ? 0.3946 0.2827 0.3650 0.0061  0.0000  -0.0213 50  MET A CA  
261 C  C   . MET A 34 ? 0.4401 0.3257 0.4095 0.0010  0.0005  -0.0006 50  MET A C   
262 O  O   . MET A 34 ? 0.4449 0.3417 0.4004 -0.0023 0.0034  0.0066  50  MET A O   
263 C  CB  . MET A 34 ? 0.4922 0.3735 0.4692 -0.0017 -0.0063 -0.0289 50  MET A CB  
264 C  CG  . MET A 34 ? 0.4629 0.3528 0.4278 0.0035  -0.0108 -0.0501 50  MET A CG  
265 S  SD  . MET A 34 ? 0.5727 0.4853 0.5065 0.0060  -0.0058 -0.0431 50  MET A SD  
266 C  CE  . MET A 34 ? 0.5507 0.4670 0.4951 -0.0052 -0.0085 -0.0289 50  MET A CE  
267 N  N   . LYS A 35 ? 0.4176 0.2868 0.3992 0.0020  -0.0037 0.0082  51  LYS A N   
268 C  CA  . LYS A 35 ? 0.4337 0.2995 0.4056 -0.0004 -0.0057 0.0270  51  LYS A CA  
269 C  C   . LYS A 35 ? 0.3660 0.2484 0.3323 0.0045  -0.0067 0.0276  51  LYS A C   
270 O  O   . LYS A 35 ? 0.4187 0.3061 0.3693 0.0008  -0.0074 0.0348  51  LYS A O   
271 C  CB  . LYS A 35 ? 0.4998 0.3424 0.4828 0.0024  -0.0125 0.0385  51  LYS A CB  
272 C  CG  . LYS A 35 ? 0.5391 0.3756 0.5028 0.0020  -0.0169 0.0590  51  LYS A CG  
273 C  CD  . LYS A 35 ? 0.7311 0.5406 0.7031 0.0060  -0.0249 0.0744  51  LYS A CD  
274 C  CE  . LYS A 35 ? 0.9022 0.7116 0.8671 0.0170  -0.0391 0.0843  51  LYS A CE  
275 N  NZ  . LYS A 35 ? 0.9750 0.7544 0.9360 0.0209  -0.0480 0.1073  51  LYS A NZ  
276 N  N   . GLU A 36 ? 0.4292 0.3209 0.4122 0.0127  -0.0062 0.0182  52  GLU A N   
277 C  CA  . GLU A 36 ? 0.3661 0.2771 0.3558 0.0152  -0.0052 0.0186  52  GLU A CA  
278 C  C   . GLU A 36 ? 0.4434 0.3669 0.4180 0.0088  0.0031  0.0172  52  GLU A C   
279 O  O   . GLU A 36 ? 0.4090 0.3392 0.3822 0.0047  0.0008  0.0229  52  GLU A O   
280 C  CB  . GLU A 36 ? 0.3859 0.3087 0.4028 0.0259  -0.0013 0.0088  52  GLU A CB  
281 C  CG  . GLU A 36 ? 0.4020 0.3122 0.4406 0.0350  -0.0135 0.0122  52  GLU A CG  
282 C  CD  . GLU A 36 ? 0.5198 0.4378 0.5891 0.0489  -0.0083 -0.0021 52  GLU A CD  
283 O  OE1 . GLU A 36 ? 0.4705 0.4005 0.5366 0.0515  0.0067  -0.0167 52  GLU A OE1 
284 O  OE2 . GLU A 36 ? 0.5130 0.4243 0.6075 0.0590  -0.0195 0.0010  52  GLU A OE2 
285 N  N   . VAL A 37 ? 0.3952 0.3201 0.3592 0.0085  0.0104  0.0093  53  VAL A N   
286 C  CA  . VAL A 37 ? 0.3443 0.2776 0.2923 0.0044  0.0160  0.0112  53  VAL A CA  
287 C  C   . VAL A 37 ? 0.3895 0.3155 0.3271 -0.0022 0.0108  0.0191  53  VAL A C   
288 O  O   . VAL A 37 ? 0.4033 0.3328 0.3374 -0.0051 0.0115  0.0237  53  VAL A O   
289 C  CB  . VAL A 37 ? 0.3569 0.2909 0.2905 0.0068  0.0191  0.0015  53  VAL A CB  
290 C  CG1 . VAL A 37 ? 0.3906 0.3303 0.3059 0.0045  0.0217  0.0073  53  VAL A CG1 
291 C  CG2 . VAL A 37 ? 0.4006 0.3421 0.3373 0.0160  0.0266  -0.0101 53  VAL A CG2 
292 N  N   . LEU A 38 ? 0.3694 0.2847 0.3040 -0.0046 0.0070  0.0205  54  LEU A N   
293 C  CA  . LEU A 38 ? 0.3925 0.3038 0.3155 -0.0088 0.0063  0.0266  54  LEU A CA  
294 C  C   . LEU A 38 ? 0.3992 0.3084 0.3169 -0.0084 0.0008  0.0316  54  LEU A C   
295 O  O   . LEU A 38 ? 0.4144 0.3236 0.3220 -0.0098 0.0002  0.0313  54  LEU A O   
296 C  CB  . LEU A 38 ? 0.4170 0.3193 0.3412 -0.0122 0.0075  0.0304  54  LEU A CB  
297 C  CG  . LEU A 38 ? 0.4470 0.3528 0.3818 -0.0151 0.0095  0.0228  54  LEU A CG  
298 C  CD1 . LEU A 38 ? 0.4391 0.3340 0.3874 -0.0211 0.0109  0.0276  54  LEU A CD1 
299 C  CD2 . LEU A 38 ? 0.4206 0.3378 0.3509 -0.0158 0.0119  0.0209  54  LEU A CD2 
300 N  N   . PHE A 39 ? 0.3753 0.2820 0.3018 -0.0053 -0.0059 0.0343  55  PHE A N   
301 C  CA  . PHE A 39 ? 0.4008 0.3069 0.3237 -0.0041 -0.0167 0.0371  55  PHE A CA  
302 C  C   . PHE A 39 ? 0.4659 0.3821 0.4001 -0.0070 -0.0175 0.0320  55  PHE A C   
303 O  O   . PHE A 39 ? 0.4211 0.3333 0.3453 -0.0091 -0.0242 0.0297  55  PHE A O   
304 C  CB  . PHE A 39 ? 0.3793 0.2840 0.3170 0.0018  -0.0270 0.0409  55  PHE A CB  
305 C  CG  . PHE A 39 ? 0.4074 0.3140 0.3438 0.0038  -0.0436 0.0419  55  PHE A CG  
306 C  CD1 . PHE A 39 ? 0.4433 0.3366 0.3481 0.0061  -0.0534 0.0487  55  PHE A CD1 
307 C  CD2 . PHE A 39 ? 0.3870 0.3100 0.3532 0.0029  -0.0494 0.0359  55  PHE A CD2 
308 C  CE1 . PHE A 39 ? 0.4615 0.3562 0.3598 0.0093  -0.0733 0.0468  55  PHE A CE1 
309 C  CE2 . PHE A 39 ? 0.4095 0.3355 0.3796 0.0037  -0.0694 0.0337  55  PHE A CE2 
310 C  CZ  . PHE A 39 ? 0.4543 0.3655 0.3883 0.0078  -0.0834 0.0377  55  PHE A CZ  
311 N  N   . TYR A 40 ? 0.3870 0.3148 0.3412 -0.0071 -0.0096 0.0302  56  TYR A N   
312 C  CA  . TYR A 40 ? 0.3826 0.3196 0.3533 -0.0118 -0.0076 0.0302  56  TYR A CA  
313 C  C   . TYR A 40 ? 0.3949 0.3238 0.3496 -0.0156 -0.0030 0.0310  56  TYR A C   
314 O  O   . TYR A 40 ? 0.3948 0.3202 0.3575 -0.0204 -0.0075 0.0308  56  TYR A O   
315 C  CB  . TYR A 40 ? 0.3685 0.3224 0.3624 -0.0103 0.0046  0.0308  56  TYR A CB  
316 C  CG  . TYR A 40 ? 0.3841 0.3498 0.4070 -0.0052 -0.0010 0.0286  56  TYR A CG  
317 C  CD1 . TYR A 40 ? 0.3632 0.3366 0.4120 -0.0082 -0.0147 0.0288  56  TYR A CD1 
318 C  CD2 . TYR A 40 ? 0.3578 0.3269 0.3862 0.0036  0.0047  0.0243  56  TYR A CD2 
319 C  CE1 . TYR A 40 ? 0.3580 0.3451 0.4393 -0.0016 -0.0230 0.0268  56  TYR A CE1 
320 C  CE2 . TYR A 40 ? 0.3674 0.3471 0.4278 0.0112  -0.0016 0.0219  56  TYR A CE2 
321 C  CZ  . TYR A 40 ? 0.3497 0.3398 0.4374 0.0089  -0.0156 0.0242  56  TYR A CZ  
322 O  OH  . TYR A 40 ? 0.3485 0.3518 0.4734 0.0181  -0.0251 0.0220  56  TYR A OH  
323 N  N   . LEU A 41 ? 0.3713 0.2965 0.3082 -0.0131 0.0036  0.0308  57  LEU A N   
324 C  CA  . LEU A 41 ? 0.3891 0.3070 0.3143 -0.0138 0.0051  0.0312  57  LEU A CA  
325 C  C   . LEU A 41 ? 0.3955 0.3032 0.3120 -0.0139 -0.0025 0.0265  57  LEU A C   
326 O  O   . LEU A 41 ? 0.4480 0.3475 0.3650 -0.0144 -0.0048 0.0243  57  LEU A O   
327 C  CB  . LEU A 41 ? 0.4065 0.3262 0.3202 -0.0102 0.0095  0.0299  57  LEU A CB  
328 C  CG  . LEU A 41 ? 0.4147 0.3422 0.3268 -0.0078 0.0154  0.0316  57  LEU A CG  
329 C  CD1 . LEU A 41 ? 0.4506 0.3806 0.3542 -0.0044 0.0137  0.0256  57  LEU A CD1 
330 C  CD2 . LEU A 41 ? 0.4253 0.3504 0.3350 -0.0086 0.0185  0.0402  57  LEU A CD2 
331 N  N   . GLY A 42 ? 0.3736 0.2797 0.2796 -0.0121 -0.0064 0.0250  58  GLY A N   
332 C  CA  . GLY A 42 ? 0.4384 0.3358 0.3265 -0.0104 -0.0127 0.0196  58  GLY A CA  
333 C  C   . GLY A 42 ? 0.5019 0.3948 0.3995 -0.0129 -0.0257 0.0135  58  GLY A C   
334 O  O   . GLY A 42 ? 0.4534 0.3362 0.3418 -0.0116 -0.0307 0.0041  58  GLY A O   
335 N  N   . GLN A 43 ? 0.4575 0.3588 0.3785 -0.0161 -0.0318 0.0166  59  GLN A N   
336 C  CA  . GLN A 43 ? 0.4586 0.3594 0.4004 -0.0209 -0.0461 0.0105  59  GLN A CA  
337 C  C   . GLN A 43 ? 0.3973 0.2917 0.3571 -0.0271 -0.0409 0.0102  59  GLN A C   
338 O  O   . GLN A 43 ? 0.4610 0.3445 0.4297 -0.0308 -0.0529 0.0008  59  GLN A O   
339 C  CB  . GLN A 43 ? 0.4475 0.3649 0.4213 -0.0227 -0.0517 0.0145  59  GLN A CB  
340 C  CG  . GLN A 43 ? 0.4298 0.3487 0.3889 -0.0148 -0.0627 0.0162  59  GLN A CG  
341 C  CD  . GLN A 43 ? 0.5041 0.4108 0.4323 -0.0111 -0.0815 0.0084  59  GLN A CD  
342 O  OE1 . GLN A 43 ? 0.6111 0.5082 0.5004 -0.0047 -0.0802 0.0125  59  GLN A OE1 
343 N  NE2 . GLN A 43 ? 0.4393 0.3459 0.3837 -0.0153 -0.0989 -0.0030 59  GLN A NE2 
344 N  N   . TYR A 44 ? 0.3933 0.2922 0.3578 -0.0279 -0.0249 0.0205  60  TYR A N   
345 C  CA  . TYR A 44 ? 0.3855 0.2747 0.3622 -0.0323 -0.0193 0.0260  60  TYR A CA  
346 C  C   . TYR A 44 ? 0.4480 0.3171 0.4080 -0.0276 -0.0247 0.0166  60  TYR A C   
347 O  O   . TYR A 44 ? 0.4481 0.3007 0.4235 -0.0317 -0.0319 0.0123  60  TYR A O   
348 C  CB  . TYR A 44 ? 0.4094 0.3064 0.3797 -0.0302 -0.0031 0.0390  60  TYR A CB  
349 C  CG  . TYR A 44 ? 0.4266 0.3120 0.4043 -0.0335 0.0030  0.0507  60  TYR A CG  
350 C  CD1 . TYR A 44 ? 0.3774 0.2664 0.3830 -0.0434 0.0098  0.0627  60  TYR A CD1 
351 C  CD2 . TYR A 44 ? 0.4205 0.2919 0.3808 -0.0265 0.0022  0.0518  60  TYR A CD2 
352 C  CE1 . TYR A 44 ? 0.4185 0.2928 0.4291 -0.0472 0.0166  0.0787  60  TYR A CE1 
353 C  CE2 . TYR A 44 ? 0.4394 0.2959 0.4054 -0.0279 0.0054  0.0657  60  TYR A CE2 
354 C  CZ  . TYR A 44 ? 0.4773 0.3329 0.4659 -0.0387 0.0128  0.0806  60  TYR A CZ  
355 O  OH  . TYR A 44 ? 0.5134 0.3503 0.5055 -0.0407 0.0171  0.0992  60  TYR A OH  
356 N  N   . ILE A 45 ? 0.4191 0.2898 0.3525 -0.0190 -0.0205 0.0127  61  ILE A N   
357 C  CA  . ILE A 45 ? 0.4143 0.2714 0.3346 -0.0116 -0.0213 0.0028  61  ILE A CA  
358 C  C   . ILE A 45 ? 0.4658 0.3103 0.3790 -0.0107 -0.0345 -0.0146 61  ILE A C   
359 O  O   . ILE A 45 ? 0.4913 0.3179 0.4082 -0.0076 -0.0397 -0.0257 61  ILE A O   
360 C  CB  . ILE A 45 ? 0.4000 0.2684 0.3006 -0.0038 -0.0114 0.0027  61  ILE A CB  
361 C  CG1 . ILE A 45 ? 0.4487 0.3267 0.3569 -0.0034 -0.0037 0.0148  61  ILE A CG1 
362 C  CG2 . ILE A 45 ? 0.4460 0.3071 0.3353 0.0055  -0.0093 -0.0104 61  ILE A CG2 
363 C  CD1 . ILE A 45 ? 0.4035 0.2963 0.3030 -0.0006 0.0033  0.0151  61  ILE A CD1 
364 N  N   . MET A 46 ? 0.4858 0.3381 0.3882 -0.0122 -0.0425 -0.0181 62  MET A N   
365 C  CA  . MET A 46 ? 0.4862 0.3275 0.3759 -0.0105 -0.0598 -0.0361 62  MET A CA  
366 C  C   . MET A 46 ? 0.5675 0.3964 0.4925 -0.0196 -0.0744 -0.0433 62  MET A C   
367 O  O   . MET A 46 ? 0.5863 0.3952 0.5089 -0.0172 -0.0852 -0.0617 62  MET A O   
368 C  CB  . MET A 46 ? 0.5744 0.4271 0.4489 -0.0102 -0.0698 -0.0341 62  MET A CB  
369 C  CG  . MET A 46 ? 0.7545 0.6135 0.5907 -0.0022 -0.0583 -0.0274 62  MET A CG  
370 S  SD  . MET A 46 ? 1.6695 1.5363 1.4902 -0.0006 -0.0710 -0.0181 62  MET A SD  
371 C  CE  . MET A 46 ? 1.1301 0.9879 0.9409 0.0013  -0.1023 -0.0383 62  MET A CE  
372 N  N   . THR A 47 ? 0.5452 0.3862 0.5058 -0.0302 -0.0739 -0.0294 63  THR A N   
373 C  CA  . THR A 47 ? 0.5496 0.3842 0.5549 -0.0427 -0.0857 -0.0320 63  THR A CA  
374 C  C   . THR A 47 ? 0.5802 0.3896 0.6013 -0.0456 -0.0819 -0.0320 63  THR A C   
375 O  O   . THR A 47 ? 0.6071 0.3975 0.6529 -0.0522 -0.0978 -0.0456 63  THR A O   
376 C  CB  . THR A 47 ? 0.5669 0.4250 0.6094 -0.0526 -0.0771 -0.0134 63  THR A CB  
377 O  OG1 . THR A 47 ? 0.6383 0.5161 0.6726 -0.0482 -0.0848 -0.0153 63  THR A OG1 
378 C  CG2 . THR A 47 ? 0.6082 0.4637 0.7060 -0.0682 -0.0858 -0.0134 63  THR A CG2 
379 N  N   . LYS A 48 ? 0.5133 0.3211 0.5225 -0.0401 -0.0637 -0.0175 64  LYS A N   
380 C  CA  . LYS A 48 ? 0.5780 0.3603 0.6010 -0.0399 -0.0608 -0.0134 64  LYS A CA  
381 C  C   . LYS A 48 ? 0.6015 0.3658 0.5981 -0.0247 -0.0648 -0.0333 64  LYS A C   
382 O  O   . LYS A 48 ? 0.5841 0.3247 0.5916 -0.0202 -0.0644 -0.0329 64  LYS A O   
383 C  CB  . LYS A 48 ? 0.5942 0.3844 0.6181 -0.0402 -0.0421 0.0138  64  LYS A CB  
384 C  CG  . LYS A 48 ? 0.6205 0.4300 0.6698 -0.0536 -0.0336 0.0320  64  LYS A CG  
385 C  CD  . LYS A 48 ? 0.6524 0.4601 0.7031 -0.0552 -0.0167 0.0589  64  LYS A CD  
386 C  CE  . LYS A 48 ? 0.6867 0.4642 0.7664 -0.0636 -0.0186 0.0705  64  LYS A CE  
387 N  NZ  . LYS A 48 ? 0.7326 0.5051 0.8000 -0.0614 -0.0026 0.1004  64  LYS A NZ  
388 N  N   . ARG A 49 ? 0.5082 0.2838 0.4708 -0.0161 -0.0676 -0.0496 65  ARG A N   
389 C  CA  . ARG A 49 ? 0.5846 0.3492 0.5193 -0.0007 -0.0676 -0.0712 65  ARG A CA  
390 C  C   . ARG A 49 ? 0.5800 0.3426 0.5160 0.0101  -0.0529 -0.0630 65  ARG A C   
391 O  O   . ARG A 49 ? 0.6000 0.3410 0.5427 0.0199  -0.0559 -0.0769 65  ARG A O   
392 C  CB  . ARG A 49 ? 0.6822 0.4171 0.6282 -0.0009 -0.0869 -0.0969 65  ARG A CB  
393 C  CG  . ARG A 49 ? 0.7856 0.5234 0.7310 -0.0096 -0.1075 -0.1103 65  ARG A CG  
394 C  CD  . ARG A 49 ? 0.9985 0.7409 0.8902 0.0040  -0.1131 -0.1337 65  ARG A CD  
395 N  NE  . ARG A 49 ? 1.1609 0.9062 1.0482 -0.0024 -0.1382 -0.1465 65  ARG A NE  
396 C  CZ  . ARG A 49 ? 1.1885 0.9580 1.0625 -0.0052 -0.1407 -0.1332 65  ARG A CZ  
397 N  NH1 . ARG A 49 ? 1.1817 0.9717 1.0451 -0.0035 -0.1184 -0.1083 65  ARG A NH1 
398 N  NH2 . ARG A 49 ? 1.2126 0.9847 1.0864 -0.0090 -0.1681 -0.1460 65  ARG A NH2 
399 N  N   . LEU A 50 ? 0.5064 0.2914 0.4389 0.0097  -0.0396 -0.0425 66  LEU A N   
400 C  CA  . LEU A 50 ? 0.5098 0.2960 0.4491 0.0191  -0.0305 -0.0330 66  LEU A CA  
401 C  C   . LEU A 50 ? 0.5469 0.3480 0.4687 0.0332  -0.0204 -0.0457 66  LEU A C   
402 O  O   . LEU A 50 ? 0.5674 0.3717 0.5008 0.0438  -0.0154 -0.0432 66  LEU A O   
403 C  CB  . LEU A 50 ? 0.4786 0.2819 0.4219 0.0126  -0.0235 -0.0079 66  LEU A CB  
404 C  CG  . LEU A 50 ? 0.5398 0.3322 0.5024 -0.0002 -0.0268 0.0095  66  LEU A CG  
405 C  CD1 . LEU A 50 ? 0.5025 0.3146 0.4584 -0.0029 -0.0173 0.0300  66  LEU A CD1 
406 C  CD2 . LEU A 50 ? 0.5578 0.3188 0.5412 0.0023  -0.0329 0.0138  66  LEU A CD2 
407 N  N   . TYR A 51 ? 0.5307 0.3425 0.4261 0.0337  -0.0171 -0.0577 67  TYR A N   
408 C  CA  . TYR A 51 ? 0.5015 0.3307 0.3800 0.0455  -0.0021 -0.0670 67  TYR A CA  
409 C  C   . TYR A 51 ? 0.5710 0.3849 0.4437 0.0604  -0.0018 -0.0930 67  TYR A C   
410 O  O   . TYR A 51 ? 0.5921 0.3805 0.4606 0.0600  -0.0164 -0.1091 67  TYR A O   
411 C  CB  . TYR A 51 ? 0.5602 0.4061 0.4081 0.0402  0.0044  -0.0636 67  TYR A CB  
412 C  CG  . TYR A 51 ? 0.6361 0.4676 0.4573 0.0380  -0.0092 -0.0769 67  TYR A CG  
413 C  CD1 . TYR A 51 ? 0.7219 0.5462 0.5108 0.0498  -0.0074 -0.0998 67  TYR A CD1 
414 C  CD2 . TYR A 51 ? 0.5980 0.4248 0.4266 0.0256  -0.0247 -0.0684 67  TYR A CD2 
415 C  CE1 . TYR A 51 ? 0.8173 0.6283 0.5778 0.0489  -0.0251 -0.1145 67  TYR A CE1 
416 C  CE2 . TYR A 51 ? 0.6478 0.4643 0.4573 0.0240  -0.0421 -0.0819 67  TYR A CE2 
417 C  CZ  . TYR A 51 ? 0.8345 0.6419 0.6078 0.0356  -0.0443 -0.1050 67  TYR A CZ  
418 O  OH  . TYR A 51 ? 0.9008 0.6978 0.6517 0.0349  -0.0664 -0.1205 67  TYR A OH  
419 N  N   . ASP A 52 ? 0.5496 0.3798 0.4258 0.0740  0.0146  -0.0997 68  ASP A N   
420 C  CA  . ASP A 52 ? 0.5693 0.3879 0.4400 0.0916  0.0185  -0.1275 68  ASP A CA  
421 C  C   . ASP A 52 ? 0.6230 0.4396 0.4444 0.0934  0.0209  -0.1457 68  ASP A C   
422 O  O   . ASP A 52 ? 0.6581 0.4973 0.4524 0.0892  0.0344  -0.1355 68  ASP A O   
423 C  CB  . ASP A 52 ? 0.5910 0.4357 0.4826 0.1067  0.0388  -0.1302 68  ASP A CB  
424 C  CG  . ASP A 52 ? 0.6554 0.4866 0.5518 0.1284  0.0428  -0.1603 68  ASP A CG  
425 O  OD1 . ASP A 52 ? 0.6936 0.5221 0.5516 0.1359  0.0507  -0.1832 68  ASP A OD1 
426 O  OD2 . ASP A 52 ? 0.6578 0.4800 0.5945 0.1397  0.0370  -0.1620 68  ASP A OD2 
427 N  N   . GLU A 53 ? 0.6843 0.4717 0.4936 0.0999  0.0060  -0.1722 69  GLU A N   
428 C  CA  . GLU A 53 ? 0.7956 0.5775 0.5520 0.1023  0.0011  -0.1918 69  GLU A CA  
429 C  C   . GLU A 53 ? 0.8182 0.6248 0.5340 0.1169  0.0291  -0.2003 69  GLU A C   
430 O  O   . GLU A 53 ? 0.8069 0.6236 0.4740 0.1141  0.0335  -0.1956 69  GLU A O   
431 C  CB  . GLU A 53 ? 0.8852 0.6297 0.6400 0.1086  -0.0222 -0.2252 69  GLU A CB  
432 C  CG  . GLU A 53 ? 0.9512 0.6747 0.7238 0.0894  -0.0524 -0.2196 69  GLU A CG  
433 C  CD  . GLU A 53 ? 1.1236 0.8178 0.9111 0.0893  -0.0738 -0.2466 69  GLU A CD  
434 O  OE1 . GLU A 53 ? 1.1631 0.8542 0.9417 0.1037  -0.0647 -0.2686 69  GLU A OE1 
435 O  OE2 . GLU A 53 ? 1.1522 0.8314 0.9665 0.0725  -0.0973 -0.2423 69  GLU A OE2 
436 N  N   . LYS A 54 ? 0.6949 0.5123 0.4328 0.1330  0.0491  -0.2109 70  LYS A N   
437 C  CA  . LYS A 54 ? 0.7152 0.5602 0.4235 0.1471  0.0811  -0.2196 70  LYS A CA  
438 C  C   . LYS A 54 ? 0.7148 0.5994 0.4456 0.1407  0.1076  -0.1899 70  LYS A C   
439 O  O   . LYS A 54 ? 0.8280 0.7382 0.5289 0.1446  0.1357  -0.1859 70  LYS A O   
440 C  CB  . LYS A 54 ? 0.7384 0.5802 0.4692 0.1635  0.0897  -0.2471 70  LYS A CB  
441 C  CG  . LYS A 54 ? 0.7929 0.6013 0.5027 0.1643  0.0679  -0.2744 70  LYS A CG  
442 C  CD  . LYS A 54 ? 0.8376 0.6395 0.5674 0.1820  0.0795  -0.3005 70  LYS A CD  
443 C  CE  . LYS A 54 ? 0.9031 0.6725 0.6065 0.1836  0.0602  -0.3298 70  LYS A CE  
444 N  NZ  . LYS A 54 ? 0.9602 0.7227 0.6727 0.2033  0.0755  -0.3574 70  LYS A NZ  
445 N  N   . GLN A 55 ? 0.6516 0.5410 0.4357 0.1297  0.0984  -0.1683 71  GLN A N   
446 C  CA  . GLN A 55 ? 0.6644 0.5894 0.4782 0.1212  0.1168  -0.1424 71  GLN A CA  
447 C  C   . GLN A 55 ? 0.6358 0.5539 0.4547 0.0998  0.0981  -0.1159 71  GLN A C   
448 O  O   . GLN A 55 ? 0.6315 0.5491 0.4913 0.0941  0.0855  -0.1040 71  GLN A O   
449 C  CB  . GLN A 55 ? 0.6228 0.5636 0.4985 0.1324  0.1215  -0.1456 71  GLN A CB  
450 C  CG  . GLN A 55 ? 0.6370 0.5807 0.5176 0.1573  0.1367  -0.1761 71  GLN A CG  
451 C  CD  . GLN A 55 ? 0.7242 0.7005 0.5773 0.1642  0.1738  -0.1817 71  GLN A CD  
452 O  OE1 . GLN A 55 ? 0.7951 0.8006 0.6515 0.1506  0.1916  -0.1578 71  GLN A OE1 
453 N  NE2 . GLN A 55 ? 0.7118 0.6818 0.5403 0.1816  0.1852  -0.2111 71  GLN A NE2 
454 N  N   . GLN A 56 ? 0.5716 0.4839 0.3463 0.0898  0.0956  -0.1072 72  GLN A N   
455 C  CA  . GLN A 56 ? 0.5459 0.4452 0.3219 0.0729  0.0736  -0.0893 72  GLN A CA  
456 C  C   . GLN A 56 ? 0.5681 0.4859 0.3774 0.0599  0.0775  -0.0641 72  GLN A C   
457 O  O   . GLN A 56 ? 0.5652 0.4741 0.3793 0.0480  0.0616  -0.0510 72  GLN A O   
458 C  CB  . GLN A 56 ? 0.6442 0.5316 0.3668 0.0690  0.0656  -0.0889 72  GLN A CB  
459 C  CG  . GLN A 56 ? 0.6861 0.5532 0.3734 0.0822  0.0560  -0.1189 72  GLN A CG  
460 C  CD  . GLN A 56 ? 0.7984 0.6506 0.4376 0.0785  0.0366  -0.1211 72  GLN A CD  
461 O  OE1 . GLN A 56 ? 0.8973 0.7535 0.5327 0.0668  0.0298  -0.0985 72  GLN A OE1 
462 N  NE2 . GLN A 56 ? 0.8250 0.6593 0.4282 0.0904  0.0250  -0.1508 72  GLN A NE2 
463 N  N   . HIS A 57 ? 0.5402 0.4848 0.3763 0.0625  0.0979  -0.0594 73  HIS A N   
464 C  CA  . HIS A 57 ? 0.5452 0.5061 0.4191 0.0510  0.0966  -0.0410 73  HIS A CA  
465 C  C   . HIS A 57 ? 0.5213 0.4785 0.4335 0.0541  0.0793  -0.0427 73  HIS A C   
466 O  O   . HIS A 57 ? 0.4879 0.4538 0.4237 0.0457  0.0720  -0.0303 73  HIS A O   
467 C  CB  . HIS A 57 ? 0.5670 0.5601 0.4627 0.0496  0.1227  -0.0344 73  HIS A CB  
468 C  CG  . HIS A 57 ? 0.6001 0.6131 0.5247 0.0652  0.1371  -0.0501 73  HIS A CG  
469 N  ND1 . HIS A 57 ? 0.6889 0.6999 0.5855 0.0802  0.1523  -0.0682 73  HIS A ND1 
470 C  CD2 . HIS A 57 ? 0.5539 0.5903 0.5343 0.0701  0.1372  -0.0525 73  HIS A CD2 
471 C  CE1 . HIS A 57 ? 0.6755 0.7083 0.6131 0.0942  0.1638  -0.0811 73  HIS A CE1 
472 N  NE2 . HIS A 57 ? 0.5871 0.6363 0.5780 0.0884  0.1538  -0.0709 73  HIS A NE2 
473 N  N   . ILE A 58 ? 0.4943 0.4361 0.4101 0.0669  0.0717  -0.0578 74  ILE A N   
474 C  CA  . ILE A 58 ? 0.4593 0.3924 0.4058 0.0707  0.0546  -0.0547 74  ILE A CA  
475 C  C   . ILE A 58 ? 0.4533 0.3566 0.3848 0.0625  0.0352  -0.0483 74  ILE A C   
476 O  O   . ILE A 58 ? 0.4869 0.3684 0.3971 0.0630  0.0301  -0.0589 74  ILE A O   
477 C  CB  . ILE A 58 ? 0.5134 0.4431 0.4816 0.0902  0.0562  -0.0719 74  ILE A CB  
478 C  CG1 . ILE A 58 ? 0.4870 0.4538 0.4814 0.0990  0.0780  -0.0778 74  ILE A CG1 
479 C  CG2 . ILE A 58 ? 0.5012 0.4155 0.4965 0.0952  0.0358  -0.0640 74  ILE A CG2 
480 C  CD1 . ILE A 58 ? 0.5310 0.5259 0.5611 0.0910  0.0753  -0.0620 74  ILE A CD1 
481 N  N   . VAL A 59 ? 0.4352 0.3389 0.3787 0.0550  0.0246  -0.0321 75  VAL A N   
482 C  CA  . VAL A 59 ? 0.4298 0.3095 0.3655 0.0474  0.0108  -0.0236 75  VAL A CA  
483 C  C   . VAL A 59 ? 0.4440 0.3110 0.4003 0.0553  0.0003  -0.0167 75  VAL A C   
484 O  O   . VAL A 59 ? 0.4773 0.3605 0.4491 0.0611  -0.0015 -0.0102 75  VAL A O   
485 C  CB  . VAL A 59 ? 0.4769 0.3659 0.4041 0.0340  0.0096  -0.0090 75  VAL A CB  
486 C  CG1 . VAL A 59 ? 0.4516 0.3225 0.3780 0.0271  -0.0003 0.0020  75  VAL A CG1 
487 C  CG2 . VAL A 59 ? 0.4607 0.3562 0.3678 0.0271  0.0169  -0.0124 75  VAL A CG2 
488 N  N   . TYR A 60 ? 0.4601 0.2970 0.4185 0.0558  -0.0085 -0.0176 76  TYR A N   
489 C  CA  . TYR A 60 ? 0.4920 0.3096 0.4681 0.0634  -0.0187 -0.0067 76  TYR A CA  
490 C  C   . TYR A 60 ? 0.5639 0.3709 0.5323 0.0501  -0.0235 0.0160  76  TYR A C   
491 O  O   . TYR A 60 ? 0.5176 0.3189 0.4786 0.0368  -0.0219 0.0160  76  TYR A O   
492 C  CB  . TYR A 60 ? 0.5120 0.2977 0.5001 0.0715  -0.0245 -0.0210 76  TYR A CB  
493 C  CG  . TYR A 60 ? 0.4449 0.2391 0.4394 0.0882  -0.0171 -0.0468 76  TYR A CG  
494 C  CD1 . TYR A 60 ? 0.4527 0.2555 0.4727 0.1065  -0.0175 -0.0488 76  TYR A CD1 
495 C  CD2 . TYR A 60 ? 0.6280 0.4228 0.6026 0.0872  -0.0099 -0.0693 76  TYR A CD2 
496 C  CE1 . TYR A 60 ? 0.5083 0.3231 0.5391 0.1233  -0.0067 -0.0737 76  TYR A CE1 
497 C  CE2 . TYR A 60 ? 0.6235 0.4271 0.5988 0.1041  0.0011  -0.0935 76  TYR A CE2 
498 C  CZ  . TYR A 60 ? 0.5697 0.3850 0.5757 0.1219  0.0047  -0.0958 76  TYR A CZ  
499 O  OH  . TYR A 60 ? 0.6056 0.4348 0.6171 0.1399  0.0197  -0.1207 76  TYR A OH  
500 N  N   . CYS A 61 ? 0.5374 0.3432 0.5077 0.0548  -0.0293 0.0352  77  CYS A N   
501 C  CA  . CYS A 61 ? 0.5197 0.3179 0.4773 0.0436  -0.0291 0.0584  77  CYS A CA  
502 C  C   . CYS A 61 ? 0.6076 0.3915 0.5630 0.0527  -0.0375 0.0812  77  CYS A C   
503 O  O   . CYS A 61 ? 0.6510 0.4409 0.5852 0.0484  -0.0358 0.1005  77  CYS A O   
504 C  CB  . CYS A 61 ? 0.4987 0.3259 0.4377 0.0349  -0.0217 0.0592  77  CYS A CB  
505 S  SG  . CYS A 61 ? 0.5458 0.4049 0.4825 0.0450  -0.0249 0.0516  77  CYS A SG  
506 N  N   . SER A 62 ? 0.6097 0.3730 0.5841 0.0667  -0.0472 0.0798  78  SER A N   
507 C  CA  . SER A 62 ? 0.6614 0.4101 0.6321 0.0786  -0.0587 0.1039  78  SER A CA  
508 C  C   . SER A 62 ? 0.6833 0.3994 0.6457 0.0679  -0.0561 0.1330  78  SER A C   
509 O  O   . SER A 62 ? 0.7809 0.4859 0.7255 0.0741  -0.0620 0.1609  78  SER A O   
510 C  CB  . SER A 62 ? 0.6555 0.3931 0.6547 0.1001  -0.0713 0.0942  78  SER A CB  
511 O  OG  . SER A 62 ? 0.7629 0.4638 0.7847 0.1004  -0.0717 0.0867  78  SER A OG  
512 N  N   A ASN A 63 ? 0.6015 0.3040 0.5769 0.0515  -0.0472 0.1267  79  ASN A N   
513 N  N   B ASN A 63 ? 0.6094 0.3106 0.5848 0.0514  -0.0472 0.1282  79  ASN A N   
514 C  CA  A ASN A 63 ? 0.6300 0.3034 0.6111 0.0372  -0.0417 0.1524  79  ASN A CA  
515 C  CA  B ASN A 63 ? 0.6375 0.3122 0.6143 0.0372  -0.0409 0.1570  79  ASN A CA  
516 C  C   A ASN A 63 ? 0.6446 0.3367 0.6261 0.0163  -0.0277 0.1467  79  ASN A C   
517 C  C   B ASN A 63 ? 0.6504 0.3415 0.6286 0.0158  -0.0265 0.1533  79  ASN A C   
518 O  O   A ASN A 63 ? 0.7028 0.3763 0.7120 0.0023  -0.0263 0.1436  79  ASN A O   
519 O  O   B ASN A 63 ? 0.7083 0.3784 0.7122 0.0007  -0.0229 0.1589  79  ASN A O   
520 C  CB  A ASN A 63 ? 0.6401 0.2723 0.6551 0.0397  -0.0499 0.1465  79  ASN A CB  
521 C  CB  B ASN A 63 ? 0.6590 0.2921 0.6664 0.0384  -0.0473 0.1571  79  ASN A CB  
522 C  CG  A ASN A 63 ? 0.6966 0.3068 0.7142 0.0262  -0.0409 0.1701  79  ASN A CG  
523 C  CG  B ASN A 63 ? 0.7116 0.3302 0.7174 0.0601  -0.0585 0.1651  79  ASN A CG  
524 O  OD1 A ASN A 63 ? 0.7634 0.3832 0.7544 0.0193  -0.0300 0.1959  79  ASN A OD1 
525 O  OD1 B ASN A 63 ? 0.6617 0.2819 0.6402 0.0665  -0.0585 0.1916  79  ASN A OD1 
526 N  ND2 A ASN A 63 ? 0.6965 0.2763 0.7444 0.0226  -0.0455 0.1596  79  ASN A ND2 
527 N  ND2 B ASN A 63 ? 0.6925 0.2981 0.7257 0.0735  -0.0685 0.1405  79  ASN A ND2 
528 N  N   . ASP A 64 ? 0.5884 0.3172 0.5443 0.0150  -0.0197 0.1433  80  ASP A N   
529 C  CA  . ASP A 64 ? 0.5966 0.3460 0.5553 -0.0013 -0.0077 0.1371  80  ASP A CA  
530 C  C   . ASP A 64 ? 0.6475 0.4251 0.5733 -0.0005 0.0030  0.1489  80  ASP A C   
531 O  O   . ASP A 64 ? 0.5982 0.3858 0.4988 0.0130  -0.0033 0.1494  80  ASP A O   
532 C  CB  . ASP A 64 ? 0.5671 0.3319 0.5333 -0.0006 -0.0124 0.1041  80  ASP A CB  
533 C  CG  . ASP A 64 ? 0.5793 0.3593 0.5562 -0.0159 -0.0057 0.0969  80  ASP A CG  
534 O  OD1 . ASP A 64 ? 0.5462 0.3539 0.5073 -0.0171 0.0020  0.0958  80  ASP A OD1 
535 O  OD2 . ASP A 64 ? 0.5746 0.3384 0.5790 -0.0260 -0.0103 0.0909  80  ASP A OD2 
536 N  N   . LEU A 65 ? 0.6724 0.4642 0.6018 -0.0139 0.0179  0.1551  81  LEU A N   
537 C  CA  . LEU A 65 ? 0.6325 0.4508 0.5309 -0.0119 0.0299  0.1615  81  LEU A CA  
538 C  C   . LEU A 65 ? 0.6056 0.4452 0.4867 -0.0015 0.0211  0.1376  81  LEU A C   
539 O  O   . LEU A 65 ? 0.6626 0.5150 0.5120 0.0075  0.0206  0.1398  81  LEU A O   
540 C  CB  . LEU A 65 ? 0.6483 0.4840 0.5653 -0.0264 0.0473  0.1635  81  LEU A CB  
541 C  CG  . LEU A 65 ? 0.7027 0.5680 0.5921 -0.0226 0.0613  0.1620  81  LEU A CG  
542 C  CD1 . LEU A 65 ? 0.6961 0.5587 0.5405 -0.0137 0.0693  0.1849  81  LEU A CD1 
543 C  CD2 . LEU A 65 ? 0.6986 0.5832 0.6190 -0.0355 0.0785  0.1625  81  LEU A CD2 
544 N  N   . LEU A 66 ? 0.5249 0.3676 0.4265 -0.0030 0.0137  0.1150  82  LEU A N   
545 C  CA  . LEU A 66 ? 0.4916 0.3528 0.3835 0.0041  0.0079  0.0954  82  LEU A CA  
546 C  C   . LEU A 66 ? 0.5133 0.3747 0.3905 0.0178  -0.0033 0.0966  82  LEU A C   
547 O  O   . LEU A 66 ? 0.5383 0.4180 0.4011 0.0229  -0.0068 0.0886  82  LEU A O   
548 C  CB  . LEU A 66 ? 0.4603 0.3212 0.3714 0.0011  0.0035  0.0756  82  LEU A CB  
549 C  CG  . LEU A 66 ? 0.4728 0.3524 0.3777 0.0051  0.0019  0.0595  82  LEU A CG  
550 C  CD1 . LEU A 66 ? 0.4318 0.3280 0.3284 0.0006  0.0086  0.0586  82  LEU A CD1 
551 C  CD2 . LEU A 66 ? 0.4889 0.3660 0.4039 0.0041  -0.0004 0.0443  82  LEU A CD2 
552 N  N   . GLY A 67 ? 0.5398 0.3804 0.4249 0.0241  -0.0111 0.1058  83  GLY A N   
553 C  CA  . GLY A 67 ? 0.5630 0.4046 0.4415 0.0393  -0.0251 0.1077  83  GLY A CA  
554 C  C   . GLY A 67 ? 0.6097 0.4556 0.4529 0.0450  -0.0279 0.1254  83  GLY A C   
555 O  O   . GLY A 67 ? 0.6592 0.5197 0.4911 0.0558  -0.0411 0.1193  83  GLY A O   
556 N  N   . ASP A 68 ? 0.6383 0.4729 0.4645 0.0379  -0.0153 0.1467  84  ASP A N   
557 C  CA  . ASP A 68 ? 0.6752 0.5151 0.4572 0.0431  -0.0125 0.1642  84  ASP A CA  
558 C  C   . ASP A 68 ? 0.6638 0.5324 0.4267 0.0441  -0.0115 0.1434  84  ASP A C   
559 O  O   . ASP A 68 ? 0.7304 0.6082 0.4624 0.0556  -0.0244 0.1407  84  ASP A O   
560 C  CB  . ASP A 68 ? 0.7418 0.5698 0.5157 0.0318  0.0090  0.1898  84  ASP A CB  
561 C  CG  . ASP A 68 ? 0.8997 0.6949 0.6961 0.0283  0.0067  0.2114  84  ASP A CG  
562 O  OD1 . ASP A 68 ? 0.9676 0.7456 0.7718 0.0411  -0.0119 0.2122  84  ASP A OD1 
563 O  OD2 . ASP A 68 ? 0.9045 0.6922 0.7157 0.0121  0.0221  0.2234  84  ASP A OD2 
564 N  N   . LEU A 69 ? 0.6327 0.5130 0.4155 0.0329  0.0010  0.1276  85  LEU A N   
565 C  CA  . LEU A 69 ? 0.5936 0.4958 0.3654 0.0333  0.0024  0.1071  85  LEU A CA  
566 C  C   . LEU A 69 ? 0.6284 0.5412 0.4116 0.0394  -0.0166 0.0861  85  LEU A C   
567 O  O   . LEU A 69 ? 0.6273 0.5522 0.3902 0.0456  -0.0260 0.0744  85  LEU A O   
568 C  CB  . LEU A 69 ? 0.5739 0.4832 0.3700 0.0213  0.0181  0.0982  85  LEU A CB  
569 C  CG  . LEU A 69 ? 0.6748 0.5808 0.4702 0.0137  0.0384  0.1178  85  LEU A CG  
570 C  CD1 . LEU A 69 ? 0.6525 0.5699 0.4786 0.0036  0.0499  0.1074  85  LEU A CD1 
571 C  CD2 . LEU A 69 ? 0.7790 0.6922 0.5293 0.0214  0.0483  0.1289  85  LEU A CD2 
572 N  N   . PHE A 70 ? 0.4988 0.4077 0.3161 0.0374  -0.0219 0.0798  86  PHE A N   
573 C  CA  . PHE A 70 ? 0.5095 0.4326 0.3478 0.0407  -0.0346 0.0615  86  PHE A CA  
574 C  C   . PHE A 70 ? 0.5877 0.5145 0.4233 0.0542  -0.0553 0.0641  86  PHE A C   
575 O  O   . PHE A 70 ? 0.5267 0.4715 0.3777 0.0573  -0.0684 0.0486  86  PHE A O   
576 C  CB  . PHE A 70 ? 0.5095 0.4305 0.3815 0.0351  -0.0286 0.0537  86  PHE A CB  
577 C  CG  . PHE A 70 ? 0.4887 0.4139 0.3676 0.0240  -0.0165 0.0444  86  PHE A CG  
578 C  CD1 . PHE A 70 ? 0.5102 0.4393 0.3729 0.0199  -0.0104 0.0435  86  PHE A CD1 
579 C  CD2 . PHE A 70 ? 0.4473 0.3730 0.3470 0.0199  -0.0116 0.0364  86  PHE A CD2 
580 C  CE1 . PHE A 70 ? 0.4898 0.4212 0.3627 0.0120  -0.0021 0.0360  86  PHE A CE1 
581 C  CE2 . PHE A 70 ? 0.5160 0.4433 0.4180 0.0115  -0.0035 0.0310  86  PHE A CE2 
582 C  CZ  . PHE A 70 ? 0.5052 0.4347 0.3965 0.0078  -0.0001 0.0313  86  PHE A CZ  
583 N  N   . GLY A 71 ? 0.5922 0.5017 0.4135 0.0621  -0.0594 0.0846  87  GLY A N   
584 C  CA  . GLY A 71 ? 0.6175 0.5277 0.4332 0.0778  -0.0820 0.0911  87  GLY A CA  
585 C  C   . GLY A 71 ? 0.6362 0.5522 0.4989 0.0848  -0.0919 0.0818  87  GLY A C   
586 O  O   . GLY A 71 ? 0.6143 0.5455 0.4902 0.0967  -0.1130 0.0761  87  GLY A O   
587 N  N   . VAL A 72 ? 0.6033 0.5094 0.4923 0.0784  -0.0770 0.0784  88  VAL A N   
588 C  CA  . VAL A 72 ? 0.5554 0.4675 0.4875 0.0859  -0.0800 0.0668  88  VAL A CA  
589 C  C   . VAL A 72 ? 0.5824 0.4653 0.5222 0.0853  -0.0699 0.0733  88  VAL A C   
590 O  O   . VAL A 72 ? 0.5916 0.4571 0.5129 0.0736  -0.0580 0.0817  88  VAL A O   
591 C  CB  . VAL A 72 ? 0.5338 0.4721 0.4926 0.0768  -0.0694 0.0446  88  VAL A CB  
592 C  CG1 . VAL A 72 ? 0.5340 0.4996 0.4970 0.0757  -0.0817 0.0348  88  VAL A CG1 
593 C  CG2 . VAL A 72 ? 0.4847 0.4135 0.4295 0.0611  -0.0496 0.0421  88  VAL A CG2 
594 N  N   . PRO A 73 ? 0.5956 0.4737 0.5674 0.0985  -0.0753 0.0672  89  PRO A N   
595 C  CA  . PRO A 73 ? 0.5800 0.4276 0.5630 0.0994  -0.0684 0.0672  89  PRO A CA  
596 C  C   . PRO A 73 ? 0.5986 0.4543 0.5933 0.0911  -0.0516 0.0443  89  PRO A C   
597 O  O   . PRO A 73 ? 0.5385 0.3690 0.5341 0.0875  -0.0458 0.0404  89  PRO A O   
598 C  CB  . PRO A 73 ? 0.5663 0.4079 0.5790 0.1214  -0.0833 0.0669  89  PRO A CB  
599 C  CG  . PRO A 73 ? 0.5820 0.4652 0.6155 0.1283  -0.0897 0.0540  89  PRO A CG  
600 C  CD  . PRO A 73 ? 0.5797 0.4787 0.5810 0.1158  -0.0920 0.0609  89  PRO A CD  
601 N  N   . SER A 74 ? 0.5192 0.4083 0.5225 0.0882  -0.0448 0.0300  90  SER A N   
602 C  CA  . SER A 74 ? 0.5136 0.4117 0.5205 0.0814  -0.0278 0.0122  90  SER A CA  
603 C  C   . SER A 74 ? 0.5042 0.4375 0.5192 0.0753  -0.0214 0.0059  90  SER A C   
604 O  O   . SER A 74 ? 0.5214 0.4742 0.5515 0.0797  -0.0323 0.0086  90  SER A O   
605 C  CB  . SER A 74 ? 0.6138 0.5072 0.6449 0.0962  -0.0233 -0.0038 90  SER A CB  
606 O  OG  . SER A 74 ? 0.5929 0.5156 0.6579 0.1093  -0.0257 -0.0100 90  SER A OG  
607 N  N   . PHE A 75 ? 0.3864 0.3266 0.3923 0.0648  -0.0058 -0.0021 91  PHE A N   
608 C  CA  . PHE A 75 ? 0.3886 0.3582 0.4070 0.0572  0.0021  -0.0057 91  PHE A CA  
609 C  C   . PHE A 75 ? 0.4439 0.4194 0.4571 0.0525  0.0225  -0.0141 91  PHE A C   
610 O  O   . PHE A 75 ? 0.4683 0.4239 0.4585 0.0534  0.0274  -0.0185 91  PHE A O   
611 C  CB  . PHE A 75 ? 0.4169 0.3865 0.4180 0.0448  -0.0048 0.0029  91  PHE A CB  
612 C  CG  . PHE A 75 ? 0.4533 0.4025 0.4230 0.0349  0.0002  0.0078  91  PHE A CG  
613 C  CD1 . PHE A 75 ? 0.5012 0.4278 0.4536 0.0357  -0.0064 0.0162  91  PHE A CD1 
614 C  CD2 . PHE A 75 ? 0.4378 0.3912 0.3998 0.0246  0.0110  0.0060  91  PHE A CD2 
615 C  CE1 . PHE A 75 ? 0.4588 0.3725 0.3929 0.0262  -0.0022 0.0197  91  PHE A CE1 
616 C  CE2 . PHE A 75 ? 0.4458 0.3836 0.3848 0.0175  0.0124  0.0099  91  PHE A CE2 
617 C  CZ  . PHE A 75 ? 0.4645 0.3849 0.3925 0.0181  0.0056  0.0154  91  PHE A CZ  
618 N  N   . SER A 76 ? 0.4141 0.4167 0.4482 0.0472  0.0337  -0.0159 92  SER A N   
619 C  CA  . SER A 76 ? 0.4266 0.4355 0.4498 0.0418  0.0557  -0.0185 92  SER A CA  
620 C  C   . SER A 76 ? 0.4702 0.4726 0.4733 0.0256  0.0568  -0.0081 92  SER A C   
621 O  O   . SER A 76 ? 0.4339 0.4452 0.4548 0.0176  0.0489  -0.0035 92  SER A O   
622 C  CB  . SER A 76 ? 0.4593 0.5028 0.5233 0.0452  0.0729  -0.0236 92  SER A CB  
623 O  OG  . SER A 76 ? 0.4446 0.4952 0.4944 0.0363  0.0963  -0.0193 92  SER A OG  
624 N  N   . VAL A 77 ? 0.4266 0.4128 0.3940 0.0222  0.0643  -0.0061 93  VAL A N   
625 C  CA  . VAL A 77 ? 0.4108 0.3887 0.3617 0.0096  0.0636  0.0047  93  VAL A CA  
626 C  C   . VAL A 77 ? 0.4656 0.4614 0.4357 0.0005  0.0798  0.0122  93  VAL A C   
627 O  O   . VAL A 77 ? 0.4699 0.4575 0.4345 -0.0100 0.0793  0.0223  93  VAL A O   
628 C  CB  . VAL A 77 ? 0.4740 0.4308 0.3831 0.0096  0.0632  0.0058  93  VAL A CB  
629 C  CG1 . VAL A 77 ? 0.4627 0.4021 0.3616 0.0165  0.0488  -0.0025 93  VAL A CG1 
630 C  CG2 . VAL A 77 ? 0.5212 0.4835 0.4104 0.0135  0.0824  0.0041  93  VAL A CG2 
631 N  N   . LYS A 78 ? 0.3908 0.4105 0.3877 0.0046  0.0955  0.0079  94  LYS A N   
632 C  CA  . LYS A 78 ? 0.4405 0.4807 0.4652 -0.0062 0.1145  0.0170  94  LYS A CA  
633 C  C   . LYS A 78 ? 0.3909 0.4469 0.4668 -0.0156 0.1026  0.0167  94  LYS A C   
634 O  O   . LYS A 78 ? 0.3883 0.4574 0.4950 -0.0286 0.1148  0.0251  94  LYS A O   
635 C  CB  . LYS A 78 ? 0.4880 0.5535 0.5265 0.0020  0.1405  0.0122  94  LYS A CB  
636 C  CG  . LYS A 78 ? 0.6256 0.6774 0.6092 0.0112  0.1551  0.0102  94  LYS A CG  
637 C  CD  . LYS A 78 ? 0.7422 0.7740 0.6837 0.0006  0.1601  0.0279  94  LYS A CD  
638 C  CE  . LYS A 78 ? 0.8715 0.8940 0.7546 0.0112  0.1747  0.0252  94  LYS A CE  
639 N  NZ  . LYS A 78 ? 0.9107 0.9613 0.8081 0.0221  0.2018  0.0143  94  LYS A NZ  
640 N  N   . GLU A 79 ? 0.4087 0.4628 0.4935 -0.0089 0.0787  0.0071  95  GLU A N   
641 C  CA  . GLU A 79 ? 0.4217 0.4912 0.5495 -0.0146 0.0620  0.0022  95  GLU A CA  
642 C  C   . GLU A 79 ? 0.4020 0.4475 0.5056 -0.0201 0.0427  0.0027  95  GLU A C   
643 O  O   . GLU A 79 ? 0.3646 0.4003 0.4487 -0.0116 0.0243  -0.0023 95  GLU A O   
644 C  CB  . GLU A 79 ? 0.3814 0.4687 0.5342 -0.0003 0.0474  -0.0086 95  GLU A CB  
645 C  CG  . GLU A 79 ? 0.4158 0.5284 0.5967 0.0098  0.0669  -0.0129 95  GLU A CG  
646 C  CD  . GLU A 79 ? 0.5735 0.7193 0.8064 -0.0019 0.0887  -0.0100 95  GLU A CD  
647 O  OE1 . GLU A 79 ? 0.5793 0.7326 0.8439 -0.0171 0.0802  -0.0079 95  GLU A OE1 
648 O  OE2 . GLU A 79 ? 0.6323 0.7968 0.8764 0.0039  0.1157  -0.0104 95  GLU A OE2 
649 N  N   . HIS A 80 ? 0.4087 0.4442 0.5140 -0.0336 0.0487  0.0098  96  HIS A N   
650 C  CA  . HIS A 80 ? 0.4213 0.4318 0.5011 -0.0366 0.0353  0.0096  96  HIS A CA  
651 C  C   . HIS A 80 ? 0.3721 0.3853 0.4660 -0.0359 0.0114  -0.0043 96  HIS A C   
652 O  O   . HIS A 80 ? 0.4012 0.3978 0.4639 -0.0308 0.0003  -0.0080 96  HIS A O   
653 C  CB  . HIS A 80 ? 0.3695 0.3649 0.4502 -0.0491 0.0472  0.0217  96  HIS A CB  
654 C  CG  . HIS A 80 ? 0.4049 0.3920 0.4535 -0.0470 0.0664  0.0358  96  HIS A CG  
655 N  ND1 . HIS A 80 ? 0.4407 0.4120 0.4798 -0.0555 0.0781  0.0521  96  HIS A ND1 
656 C  CD2 . HIS A 80 ? 0.4357 0.4262 0.4567 -0.0363 0.0741  0.0351  96  HIS A CD2 
657 C  CE1 . HIS A 80 ? 0.4888 0.4562 0.4905 -0.0493 0.0912  0.0609  96  HIS A CE1 
658 N  NE2 . HIS A 80 ? 0.4239 0.4029 0.4152 -0.0380 0.0889  0.0486  96  HIS A NE2 
659 N  N   A ARG A 81 ? 0.3411 0.3770 0.4818 -0.0406 0.0039  -0.0127 97  ARG A N   
660 N  N   B ARG A 81 ? 0.3633 0.3988 0.5033 -0.0405 0.0036  -0.0128 97  ARG A N   
661 C  CA  A ARG A 81 ? 0.3998 0.4397 0.5507 -0.0386 -0.0232 -0.0291 97  ARG A CA  
662 C  CA  B ARG A 81 ? 0.3978 0.4351 0.5449 -0.0386 -0.0229 -0.0288 97  ARG A CA  
663 C  C   A ARG A 81 ? 0.4318 0.4667 0.5404 -0.0220 -0.0368 -0.0319 97  ARG A C   
664 C  C   B ARG A 81 ? 0.4258 0.4605 0.5339 -0.0219 -0.0372 -0.0320 97  ARG A C   
665 O  O   A ARG A 81 ? 0.4521 0.4740 0.5313 -0.0177 -0.0511 -0.0394 97  ARG A O   
666 O  O   B ARG A 81 ? 0.4457 0.4687 0.5254 -0.0172 -0.0525 -0.0400 97  ARG A O   
667 C  CB  A ARG A 81 ? 0.4031 0.4741 0.6158 -0.0441 -0.0332 -0.0389 97  ARG A CB  
668 C  CB  B ARG A 81 ? 0.3965 0.4618 0.6058 -0.0462 -0.0330 -0.0389 97  ARG A CB  
669 C  CG  A ARG A 81 ? 0.3803 0.4588 0.5971 -0.0375 -0.0676 -0.0584 97  ARG A CG  
670 C  CG  B ARG A 81 ? 0.3921 0.4583 0.6067 -0.0445 -0.0647 -0.0591 97  ARG A CG  
671 C  CD  A ARG A 81 ? 0.3738 0.4274 0.5697 -0.0427 -0.0805 -0.0705 97  ARG A CD  
672 C  CD  B ARG A 81 ? 0.4124 0.5129 0.6738 -0.0407 -0.0823 -0.0691 97  ARG A CD  
673 N  NE  A ARG A 81 ? 0.3534 0.4131 0.5448 -0.0355 -0.1139 -0.0924 97  ARG A NE  
674 N  NE  B ARG A 81 ? 0.4710 0.5747 0.7349 -0.0374 -0.1177 -0.0908 97  ARG A NE  
675 C  CZ  A ARG A 81 ? 0.3678 0.4068 0.5294 -0.0339 -0.1277 -0.1082 97  ARG A CZ  
676 C  CZ  B ARG A 81 ? 0.5052 0.6395 0.8241 -0.0385 -0.1407 -0.1044 97  ARG A CZ  
677 N  NH1 A ARG A 81 ? 0.3713 0.3835 0.5134 -0.0389 -0.1112 -0.1036 97  ARG A NH1 
678 N  NH1 B ARG A 81 ? 0.4727 0.6390 0.8534 -0.0431 -0.1279 -0.0976 97  ARG A NH1 
679 N  NH2 A ARG A 81 ? 0.3906 0.4358 0.5404 -0.0254 -0.1588 -0.1296 97  ARG A NH2 
680 N  NH2 B ARG A 81 ? 0.5495 0.6848 0.8619 -0.0339 -0.1768 -0.1265 97  ARG A NH2 
681 N  N   . LYS A 82 ? 0.4247 0.4686 0.5302 -0.0122 -0.0306 -0.0251 98  LYS A N   
682 C  CA  . LYS A 82 ? 0.3934 0.4302 0.4649 0.0027  -0.0421 -0.0230 98  LYS A CA  
683 C  C   . LYS A 82 ? 0.4174 0.4274 0.4404 0.0032  -0.0341 -0.0152 98  LYS A C   
684 O  O   . LYS A 82 ? 0.4572 0.4576 0.4483 0.0103  -0.0443 -0.0145 98  LYS A O   
685 C  CB  . LYS A 82 ? 0.4131 0.4620 0.5012 0.0131  -0.0367 -0.0187 98  LYS A CB  
686 C  CG  . LYS A 82 ? 0.4784 0.5160 0.5382 0.0286  -0.0491 -0.0131 98  LYS A CG  
687 C  CD  . LYS A 82 ? 0.6250 0.6727 0.6865 0.0370  -0.0772 -0.0184 98  LYS A CD  
688 C  CE  . LYS A 82 ? 0.7546 0.7946 0.8017 0.0546  -0.0886 -0.0086 98  LYS A CE  
689 N  NZ  . LYS A 82 ? 0.8492 0.8884 0.8706 0.0642  -0.1159 -0.0077 98  LYS A NZ  
690 N  N   . ILE A 83 ? 0.4233 0.4231 0.4412 -0.0040 -0.0157 -0.0086 99  ILE A N   
691 C  CA  . ILE A 83 ? 0.3819 0.3608 0.3638 -0.0038 -0.0102 -0.0023 99  ILE A CA  
692 C  C   . ILE A 83 ? 0.4257 0.3973 0.3963 -0.0061 -0.0182 -0.0092 99  ILE A C   
693 O  O   . ILE A 83 ? 0.4544 0.4177 0.3967 -0.0006 -0.0204 -0.0080 99  ILE A O   
694 C  CB  . ILE A 83 ? 0.3998 0.3705 0.3786 -0.0097 0.0062  0.0050  99  ILE A CB  
695 C  CG1 . ILE A 83 ? 0.4366 0.4116 0.4162 -0.0039 0.0145  0.0077  99  ILE A CG1 
696 C  CG2 . ILE A 83 ? 0.4153 0.3684 0.3671 -0.0100 0.0076  0.0096  99  ILE A CG2 
697 C  CD1 . ILE A 83 ? 0.4841 0.4537 0.4544 -0.0080 0.0298  0.0129  99  ILE A CD1 
698 N  N   . TYR A 84 ? 0.3881 0.3628 0.3837 -0.0142 -0.0214 -0.0172 100 TYR A N   
699 C  CA  . TYR A 84 ? 0.4189 0.3860 0.4090 -0.0148 -0.0318 -0.0299 100 TYR A CA  
700 C  C   . TYR A 84 ? 0.4253 0.3980 0.3909 -0.0040 -0.0477 -0.0395 100 TYR A C   
701 O  O   . TYR A 84 ? 0.4691 0.4331 0.4033 0.0021  -0.0475 -0.0432 100 TYR A O   
702 C  CB  . TYR A 84 ? 0.4496 0.4198 0.4813 -0.0261 -0.0367 -0.0387 100 TYR A CB  
703 C  CG  . TYR A 84 ? 0.4213 0.3786 0.4548 -0.0277 -0.0481 -0.0557 100 TYR A CG  
704 C  CD1 . TYR A 84 ? 0.4743 0.4386 0.5049 -0.0227 -0.0696 -0.0762 100 TYR A CD1 
705 C  CD2 . TYR A 84 ? 0.4581 0.3947 0.4957 -0.0327 -0.0399 -0.0529 100 TYR A CD2 
706 C  CE1 . TYR A 84 ? 0.5622 0.5124 0.5925 -0.0227 -0.0810 -0.0968 100 TYR A CE1 
707 C  CE2 . TYR A 84 ? 0.5411 0.4624 0.5842 -0.0325 -0.0507 -0.0715 100 TYR A CE2 
708 C  CZ  . TYR A 84 ? 0.5922 0.5202 0.6313 -0.0276 -0.0705 -0.0951 100 TYR A CZ  
709 O  OH  . TYR A 84 ? 0.6660 0.5765 0.7085 -0.0258 -0.0818 -0.1183 100 TYR A OH  
710 N  N   . THR A 85 ? 0.4188 0.4075 0.3978 -0.0002 -0.0612 -0.0428 101 THR A N   
711 C  CA  . THR A 85 ? 0.4556 0.4483 0.4051 0.0115  -0.0797 -0.0500 101 THR A CA  
712 C  C   . THR A 85 ? 0.5028 0.4867 0.4093 0.0212  -0.0713 -0.0336 101 THR A C   
713 O  O   . THR A 85 ? 0.5539 0.5332 0.4203 0.0295  -0.0757 -0.0354 101 THR A O   
714 C  CB  . THR A 85 ? 0.4808 0.4940 0.4585 0.0150  -0.1014 -0.0574 101 THR A CB  
715 O  OG1 . THR A 85 ? 0.5036 0.5258 0.5021 0.0172  -0.0931 -0.0431 101 THR A OG1 
716 C  CG2 . THR A 85 ? 0.4416 0.4649 0.4695 0.0026  -0.1109 -0.0747 101 THR A CG2 
717 N  N   . MET A 86 ? 0.4342 0.4152 0.3492 0.0201  -0.0581 -0.0179 102 MET A N   
718 C  CA  . MET A 86 ? 0.4615 0.4313 0.3460 0.0264  -0.0503 -0.0012 102 MET A CA  
719 C  C   . MET A 86 ? 0.5314 0.4909 0.3916 0.0236  -0.0361 0.0015  102 MET A C   
720 O  O   . MET A 86 ? 0.5745 0.5295 0.4023 0.0294  -0.0327 0.0103  102 MET A O   
721 C  CB  . MET A 86 ? 0.4405 0.4066 0.3445 0.0252  -0.0410 0.0095  102 MET A CB  
722 C  CG  . MET A 86 ? 0.4755 0.4530 0.4027 0.0330  -0.0534 0.0087  102 MET A CG  
723 S  SD  . MET A 86 ? 0.5469 0.5163 0.4908 0.0358  -0.0418 0.0170  102 MET A SD  
724 C  CE  . MET A 86 ? 0.4421 0.4118 0.3979 0.0228  -0.0224 0.0112  102 MET A CE  
725 N  N   . ILE A 87 ? 0.4918 0.4487 0.3696 0.0152  -0.0269 -0.0043 103 ILE A N   
726 C  CA  . ILE A 87 ? 0.4703 0.4213 0.3347 0.0143  -0.0154 -0.0048 103 ILE A CA  
727 C  C   . ILE A 87 ? 0.5570 0.5105 0.3975 0.0212  -0.0206 -0.0187 103 ILE A C   
728 O  O   . ILE A 87 ? 0.5803 0.5342 0.3939 0.0269  -0.0106 -0.0145 103 ILE A O   
729 C  CB  . ILE A 87 ? 0.4742 0.4198 0.3632 0.0063  -0.0088 -0.0077 103 ILE A CB  
730 C  CG1 . ILE A 87 ? 0.4374 0.3798 0.3373 0.0018  -0.0022 0.0048  103 ILE A CG1 
731 C  CG2 . ILE A 87 ? 0.5031 0.4452 0.3856 0.0083  -0.0002 -0.0111 103 ILE A CG2 
732 C  CD1 . ILE A 87 ? 0.4855 0.4222 0.4016 -0.0047 0.0020  0.0050  103 ILE A CD1 
733 N  N   . TYR A 88 ? 0.5201 0.4764 0.3714 0.0210  -0.0356 -0.0365 104 TYR A N   
734 C  CA  . TYR A 88 ? 0.5444 0.5005 0.3716 0.0285  -0.0431 -0.0558 104 TYR A CA  
735 C  C   . TYR A 88 ? 0.6263 0.5879 0.4048 0.0409  -0.0478 -0.0520 104 TYR A C   
736 O  O   . TYR A 88 ? 0.6348 0.5963 0.3788 0.0499  -0.0468 -0.0649 104 TYR A O   
737 C  CB  . TYR A 88 ? 0.6057 0.5613 0.4607 0.0238  -0.0617 -0.0781 104 TYR A CB  
738 C  CG  . TYR A 88 ? 0.5942 0.5368 0.4721 0.0186  -0.0556 -0.0903 104 TYR A CG  
739 C  CD1 . TYR A 88 ? 0.6410 0.5766 0.4980 0.0276  -0.0560 -0.1107 104 TYR A CD1 
740 C  CD2 . TYR A 88 ? 0.5566 0.4922 0.4747 0.0065  -0.0492 -0.0808 104 TYR A CD2 
741 C  CE1 . TYR A 88 ? 0.6135 0.5338 0.4953 0.0251  -0.0519 -0.1219 104 TYR A CE1 
742 C  CE2 . TYR A 88 ? 0.5558 0.4753 0.4943 0.0030  -0.0455 -0.0881 104 TYR A CE2 
743 C  CZ  . TYR A 88 ? 0.6222 0.5331 0.5455 0.0127  -0.0479 -0.1090 104 TYR A CZ  
744 O  OH  . TYR A 88 ? 0.6657 0.5574 0.6134 0.0114  -0.0456 -0.1167 104 TYR A OH  
745 N  N   . ARG A 89 ? 0.6361 0.6004 0.4092 0.0426  -0.0525 -0.0335 105 ARG A N   
746 C  CA  . ARG A 89 ? 0.7001 0.6652 0.4244 0.0545  -0.0559 -0.0217 105 ARG A CA  
747 C  C   . ARG A 89 ? 0.6469 0.6089 0.3405 0.0568  -0.0302 -0.0099 105 ARG A C   
748 O  O   . ARG A 89 ? 0.7255 0.6891 0.3688 0.0673  -0.0271 -0.0059 105 ARG A O   
749 C  CB  . ARG A 89 ? 0.7476 0.7105 0.4812 0.0554  -0.0614 0.0007  105 ARG A CB  
750 C  CG  . ARG A 89 ? 0.8992 0.8710 0.6504 0.0602  -0.0894 -0.0077 105 ARG A CG  
751 C  CD  . ARG A 89 ? 0.9028 0.8726 0.6839 0.0598  -0.0899 0.0101  105 ARG A CD  
752 N  NE  . ARG A 89 ? 0.9538 0.9082 0.7074 0.0637  -0.0773 0.0367  105 ARG A NE  
753 C  CZ  . ARG A 89 ? 0.9734 0.9212 0.6921 0.0762  -0.0887 0.0534  105 ARG A CZ  
754 N  NH1 . ARG A 89 ? 0.9231 0.8809 0.6273 0.0878  -0.1162 0.0443  105 ARG A NH1 
755 N  NH2 . ARG A 89 ? 0.9887 0.9191 0.6887 0.0768  -0.0744 0.0804  105 ARG A NH2 
756 N  N   . ASN A 90 ? 0.5939 0.5535 0.3191 0.0471  -0.0115 -0.0037 106 ASN A N   
757 C  CA  . ASN A 90 ? 0.6234 0.5849 0.3386 0.0463  0.0141  0.0093  106 ASN A CA  
758 C  C   . ASN A 90 ? 0.6446 0.6116 0.3692 0.0475  0.0265  -0.0092 106 ASN A C   
759 O  O   . ASN A 90 ? 0.6068 0.5792 0.3456 0.0445  0.0471  -0.0003 106 ASN A O   
760 C  CB  . ASN A 90 ? 0.6246 0.5805 0.3740 0.0355  0.0228  0.0293  106 ASN A CB  
761 C  CG  . ASN A 90 ? 0.6490 0.5962 0.3922 0.0362  0.0132  0.0478  106 ASN A CG  
762 O  OD1 . ASN A 90 ? 0.6714 0.6141 0.3898 0.0389  0.0216  0.0685  106 ASN A OD1 
763 N  ND2 . ASN A 90 ? 0.6454 0.5897 0.4134 0.0343  -0.0032 0.0416  106 ASN A ND2 
764 N  N   . LEU A 91 ? 0.6348 0.6004 0.3573 0.0524  0.0128  -0.0359 107 LEU A N   
765 C  CA  . LEU A 91 ? 0.6168 0.5826 0.3553 0.0551  0.0213  -0.0560 107 LEU A CA  
766 C  C   . LEU A 91 ? 0.7317 0.6978 0.4337 0.0683  0.0141  -0.0835 107 LEU A C   
767 O  O   . LEU A 91 ? 0.7991 0.7644 0.4714 0.0729  -0.0049 -0.0905 107 LEU A O   
768 C  CB  . LEU A 91 ? 0.6470 0.6022 0.4335 0.0455  0.0092  -0.0645 107 LEU A CB  
769 C  CG  . LEU A 91 ? 0.6735 0.6255 0.4963 0.0336  0.0127  -0.0450 107 LEU A CG  
770 C  CD1 . LEU A 91 ? 0.6597 0.6003 0.5166 0.0265  0.0008  -0.0545 107 LEU A CD1 
771 C  CD2 . LEU A 91 ? 0.6656 0.6236 0.5012 0.0334  0.0319  -0.0336 107 LEU A CD2 
772 N  N   . VAL A 92 ? 0.7761 0.7439 0.4818 0.0760  0.0280  -0.1012 108 VAL A N   
773 C  CA  . VAL A 92 ? 0.8595 0.8212 0.5461 0.0879  0.0171  -0.1374 108 VAL A CA  
774 C  C   . VAL A 92 ? 0.8696 0.8190 0.6071 0.0861  0.0169  -0.1544 108 VAL A C   
775 O  O   . VAL A 92 ? 0.7776 0.7311 0.5477 0.0830  0.0339  -0.1402 108 VAL A O   
776 C  CB  . VAL A 92 ? 0.8790 0.8531 0.5061 0.1056  0.0350  -0.1472 108 VAL A CB  
777 C  CG1 . VAL A 92 ? 0.9229 0.9032 0.5052 0.1041  0.0288  -0.1266 108 VAL A CG1 
778 C  CG2 . VAL A 92 ? 0.9140 0.9038 0.5548 0.1084  0.0705  -0.1328 108 VAL A CG2 
779 N  N   . VAL A 93 ? 0.9427 0.8752 0.6913 0.0872  -0.0050 -0.1836 109 VAL A N   
780 C  CA  . VAL A 93 ? 0.9562 0.8704 0.7541 0.0855  -0.0076 -0.1976 109 VAL A CA  
781 C  C   . VAL A 93 ? 0.9625 0.8788 0.7499 0.1046  0.0097  -0.2210 109 VAL A C   
782 O  O   . VAL A 93 ? 0.9920 0.9163 0.7318 0.1181  0.0137  -0.2406 109 VAL A O   
783 C  CB  . VAL A 93 ? 0.8857 0.7779 0.7092 0.0768  -0.0372 -0.2185 109 VAL A CB  
784 C  CG1 . VAL A 93 ? 0.9175 0.7850 0.7761 0.0821  -0.0411 -0.2442 109 VAL A CG1 
785 C  CG2 . VAL A 93 ? 0.7853 0.6759 0.6450 0.0567  -0.0454 -0.1910 109 VAL A CG2 
786 N  N   . VAL A 94 ? 0.8592 0.7705 0.6915 0.1060  0.0207  -0.2162 110 VAL A N   
787 C  CA  . VAL A 94 ? 0.8965 0.8125 0.7312 0.1259  0.0386  -0.2384 110 VAL A CA  
788 C  C   . VAL A 94 ? 0.9400 0.8306 0.7794 0.1334  0.0227  -0.2749 110 VAL A C   
789 O  O   . VAL A 94 ? 0.9366 0.7996 0.8084 0.1229  -0.0010 -0.2808 110 VAL A O   
790 C  CB  . VAL A 94 ? 0.8174 0.7372 0.7060 0.1258  0.0512  -0.2199 110 VAL A CB  
791 C  CG1 . VAL A 94 ? 0.8969 0.8242 0.7972 0.1491  0.0694  -0.2462 110 VAL A CG1 
792 C  CG2 . VAL A 94 ? 0.7302 0.6763 0.6183 0.1152  0.0666  -0.1824 110 VAL A CG2 
793 O  OAE . Y30 B .  ? 0.5298 0.4171 0.3846 -0.0066 -0.0076 0.0457  201 Y30 A OAE 
794 C  CBA . Y30 B .  ? 0.5600 0.4479 0.3969 -0.0065 0.0002  0.0429  201 Y30 A CBA 
795 O  OAG . Y30 B .  ? 0.6313 0.5132 0.4376 -0.0035 0.0008  0.0467  201 Y30 A OAG 
796 C  CBH . Y30 B .  ? 0.5099 0.4068 0.3620 -0.0081 0.0090  0.0348  201 Y30 A CBH 
797 N  NAY . Y30 B .  ? 0.4622 0.3648 0.3372 -0.0098 0.0079  0.0319  201 Y30 A NAY 
798 C  CBJ . Y30 B .  ? 0.4470 0.3555 0.3279 -0.0090 0.0135  0.0268  201 Y30 A CBJ 
799 C  CAU . Y30 B .  ? 0.4560 0.3703 0.3511 -0.0087 0.0131  0.0244  201 Y30 A CAU 
800 C  CBD . Y30 B .  ? 0.4888 0.4077 0.3884 -0.0056 0.0159  0.0208  201 Y30 A CBD 
801 CL CLI . Y30 B .  ? 0.4732 0.3975 0.3823 -0.0031 0.0114  0.0212  201 Y30 A CLI 
802 C  CAQ . Y30 B .  ? 0.4385 0.3588 0.3330 -0.0022 0.0220  0.0169  201 Y30 A CAQ 
803 C  CAT . Y30 B .  ? 0.4631 0.3787 0.3391 -0.0027 0.0260  0.0180  201 Y30 A CAT 
804 C  CBK . Y30 B .  ? 0.4989 0.4075 0.3660 -0.0063 0.0201  0.0242  201 Y30 A CBK 
805 C  CBI . Y30 B .  ? 0.5387 0.4398 0.3836 -0.0059 0.0185  0.0290  201 Y30 A CBI 
806 C  CA  . Y30 B .  ? 0.5806 0.4822 0.4006 -0.0019 0.0290  0.0275  201 Y30 A CA  
807 C  C   . Y30 B .  ? 0.5913 0.4909 0.3994 0.0054  0.0284  0.0123  201 Y30 A C   
808 N  NAX . Y30 B .  ? 0.5405 0.4300 0.3483 0.0066  0.0124  0.0031  201 Y30 A NAX 
809 C  CBN . Y30 B .  ? 0.5795 0.4606 0.3821 0.0130  0.0081  -0.0139 201 Y30 A CBN 
810 C  CAA . Y30 B .  ? 0.5599 0.4467 0.3868 0.0167  0.0177  -0.0176 201 Y30 A CAA 
811 C  CAC . Y30 B .  ? 0.5701 0.4403 0.3882 0.0085  -0.0108 -0.0185 201 Y30 A CAC 
812 C  CAB . Y30 B .  ? 0.6179 0.4941 0.3795 0.0214  0.0113  -0.0247 201 Y30 A CAB 
813 O  O   . Y30 B .  ? 0.5536 0.4614 0.3591 0.0095  0.0432  0.0083  201 Y30 A O   
814 N  N   . Y30 B .  ? 0.6696 0.5668 0.4706 -0.0041 0.0349  0.0419  201 Y30 A N   
815 C  CAJ . Y30 B .  ? 0.5857 0.4909 0.3858 -0.0065 0.0550  0.0499  201 Y30 A CAJ 
816 O  OAD . Y30 B .  ? 0.6593 0.5641 0.4491 -0.0098 0.0683  0.0645  201 Y30 A OAD 
817 C  CAW . Y30 B .  ? 0.4925 0.4048 0.3228 -0.0059 0.0475  0.0367  201 Y30 A CAW 
818 C  CBF . Y30 B .  ? 0.6295 0.5473 0.4947 -0.0137 0.0477  0.0421  201 Y30 A CBF 
819 C  CAP . Y30 B .  ? 0.5931 0.5010 0.4644 -0.0174 0.0385  0.0488  201 Y30 A CAP 
820 C  CAS . Y30 B .  ? 0.5615 0.4715 0.4615 -0.0229 0.0371  0.0485  201 Y30 A CAS 
821 C  CAO . Y30 B .  ? 0.5432 0.4770 0.4384 -0.0161 0.0552  0.0380  201 Y30 A CAO 
822 C  CAR . Y30 B .  ? 0.5604 0.4983 0.4855 -0.0226 0.0508  0.0384  201 Y30 A CAR 
823 C  CBG . Y30 B .  ? 0.5893 0.5137 0.5152 -0.0262 0.0418  0.0423  201 Y30 A CBG 
824 O  OAZ . Y30 B .  ? 0.5625 0.4864 0.5138 -0.0312 0.0358  0.0386  201 Y30 A OAZ 
825 C  CAV . Y30 B .  ? 0.5602 0.4985 0.5412 -0.0344 0.0326  0.0288  201 Y30 A CAV 
826 C  CBE . Y30 B .  ? 0.4838 0.4119 0.4772 -0.0369 0.0212  0.0214  201 Y30 A CBE 
827 C  CAM . Y30 B .  ? 0.4934 0.4064 0.5020 -0.0449 0.0233  0.0282  201 Y30 A CAM 
828 C  CAN . Y30 B .  ? 0.5034 0.4351 0.4907 -0.0302 0.0092  0.0081  201 Y30 A CAN 
829 C  CAL . Y30 B .  ? 0.4278 0.3503 0.4214 -0.0300 0.0001  -0.0028 201 Y30 A CAL 
830 C  CBC . Y30 B .  ? 0.4675 0.3736 0.4799 -0.0371 0.0009  -0.0001 201 Y30 A CBC 
831 CL CLH . Y30 B .  ? 0.7598 0.6501 0.7822 -0.0339 -0.0119 -0.0199 201 Y30 A CLH 
832 C  CAK . Y30 B .  ? 0.4784 0.3785 0.4999 -0.0453 0.0121  0.0175  201 Y30 A CAK 
833 S  S   . SO4 C .  ? 0.9393 0.9155 0.9564 -0.0775 0.1632  0.1200  202 SO4 A S   
834 O  O1  . SO4 C .  ? 0.9673 0.9262 1.0083 -0.0816 0.1353  0.1100  202 SO4 A O1  
835 O  O2  . SO4 C .  ? 0.9119 0.8952 0.9601 -0.0939 0.1899  0.1431  202 SO4 A O2  
836 O  O3  . SO4 C .  ? 0.9851 0.9392 0.9326 -0.0654 0.1600  0.1268  202 SO4 A O3  
837 O  O4  . SO4 C .  ? 0.8397 0.8475 0.8737 -0.0681 0.1664  0.0993  202 SO4 A O4  
838 S  S   . SO4 D .  ? 1.1562 1.2596 1.3544 0.1519  0.1211  -0.1065 203 SO4 A S   
839 O  O1  . SO4 D .  ? 1.1105 1.1953 1.2985 0.1365  0.0915  -0.0869 203 SO4 A O1  
840 O  O2  . SO4 D .  ? 1.1797 1.3288 1.4514 0.1656  0.1278  -0.1128 203 SO4 A O2  
841 O  O3  . SO4 D .  ? 1.1345 1.2508 1.2995 0.1369  0.1500  -0.1025 203 SO4 A O3  
842 O  O4  . SO4 D .  ? 1.2048 1.2694 1.3766 0.1692  0.1146  -0.1234 203 SO4 A O4  
843 O  O   . HOH E .  ? 0.4720 0.3642 0.3384 -0.0042 -0.0385 0.0287  301 HOH A O   
844 O  O   . HOH E .  ? 0.3720 0.3771 0.5178 -0.0179 -0.0692 0.0195  302 HOH A O   
845 O  O   . HOH E .  ? 0.6767 0.4908 0.5659 0.1861  0.0672  -0.2438 303 HOH A O   
846 O  O   . HOH E .  ? 0.5533 0.4213 0.5742 -0.0152 -0.0418 -0.0859 304 HOH A O   
847 O  O   . HOH E .  ? 0.3803 0.4242 0.5560 0.0339  0.0170  0.0079  305 HOH A O   
848 O  O   . HOH E .  ? 0.4114 0.4319 0.4588 0.0159  0.0119  -0.0042 306 HOH A O   
849 O  O   . HOH E .  ? 0.4117 0.5450 0.6933 -0.0401 0.0362  -0.0138 307 HOH A O   
850 O  O   . HOH E .  ? 0.6420 0.5110 0.5424 -0.0086 -0.0045 0.0618  308 HOH A O   
851 O  O   . HOH E .  ? 0.5685 0.4977 0.6326 -0.0742 0.0680  0.0661  309 HOH A O   
852 O  O   . HOH E .  ? 0.7684 0.7291 0.4697 0.0357  0.0728  0.0833  310 HOH A O   
853 O  O   . HOH E .  ? 0.6185 0.3732 0.8486 -0.0739 -0.0750 -0.1017 311 HOH A O   
854 O  O   . HOH E .  ? 0.6560 0.3447 0.9718 -0.1133 -0.0448 -0.0149 312 HOH A O   
855 O  O   . HOH E .  ? 0.4993 0.4219 0.8494 -0.1617 0.0675  0.0703  313 HOH A O   
856 O  O   . HOH E .  ? 0.6402 0.3402 0.7011 -0.0307 -0.0566 0.0103  314 HOH A O   
857 O  O   . HOH E .  ? 0.6416 0.6034 0.4693 -0.0001 0.1227  0.0405  315 HOH A O   
858 O  O   . HOH E .  ? 0.6830 0.3994 0.9172 -0.1155 0.0076  0.0746  316 HOH A O   
859 O  O   . HOH E .  ? 0.6054 0.6149 0.5256 0.0471  -0.1115 -0.0198 317 HOH A O   
860 O  O   . HOH E .  ? 0.4008 0.5120 0.6193 -0.0102 -0.0164 -0.0288 318 HOH A O   
861 O  O   . HOH E .  ? 0.8541 0.8304 0.4792 0.0406  0.1141  0.1197  319 HOH A O   
862 O  O   . HOH E .  ? 0.7181 0.4819 0.7288 -0.0474 0.0239  0.1616  320 HOH A O   
863 O  O   . HOH E .  ? 0.8350 0.7534 0.5964 0.0348  0.0762  -0.0231 321 HOH A O   
864 O  O   . HOH E .  ? 0.5569 0.5295 0.4686 -0.0230 0.1157  0.0557  322 HOH A O   
865 O  O   . HOH E .  ? 0.6681 0.7479 0.5563 0.0000  0.2300  0.1274  323 HOH A O   
866 O  O   . HOH E .  ? 0.6428 0.7525 0.6749 -0.0170 0.2205  0.1137  324 HOH A O   
867 O  O   . HOH E .  ? 0.6256 0.6141 0.4638 0.0404  -0.1160 -0.0742 325 HOH A O   
868 O  O   . HOH E .  ? 0.6557 0.6294 0.7779 0.1021  0.0520  -0.0826 326 HOH A O   
869 O  O   . HOH E .  ? 0.5412 0.6179 0.6529 0.0147  -0.1142 -0.0564 327 HOH A O   
870 O  O   . HOH E .  ? 0.8150 0.6834 0.6678 -0.0033 -0.0154 0.0679  328 HOH A O   
871 O  O   . HOH E .  ? 0.7758 0.9508 0.8567 0.0041  0.2621  0.0876  329 HOH A O   
872 O  O   . HOH E .  ? 0.9522 0.8846 0.6352 0.1039  0.1379  -0.1171 330 HOH A O   
873 O  O   . HOH E .  ? 0.5920 0.5197 0.6303 -0.0322 -0.1191 -0.0132 331 HOH A O   
874 O  O   . HOH E .  ? 0.6587 0.8631 0.9360 -0.0177 0.1873  0.0114  332 HOH A O   
875 O  O   . HOH E .  ? 0.5496 0.6071 0.7156 -0.0717 0.1523  0.1344  333 HOH A O   
876 O  O   . HOH E .  ? 0.8926 0.7561 0.8986 -0.1190 0.1622  0.2139  334 HOH A O   
877 O  O   . HOH E .  ? 0.7803 0.6458 0.8648 0.1393  -0.0591 0.0097  335 HOH A O   
878 O  O   . HOH E .  ? 0.8547 0.7080 0.7657 -0.0191 0.0091  0.0751  336 HOH A O   
879 O  O   . HOH E .  ? 0.6453 0.5977 0.7580 -0.0486 -0.0771 0.0076  337 HOH A O   
880 O  O   . HOH E .  ? 0.7052 0.5679 0.7630 -0.0691 0.0329  0.0589  338 HOH A O   
881 O  O   . HOH E .  ? 0.5325 0.6349 0.8336 -0.0869 0.1328  0.1158  339 HOH A O   
882 O  O   . HOH E .  ? 0.8117 0.7010 0.4812 0.0442  0.0563  -0.0376 340 HOH A O   
883 O  O   . HOH E .  ? 0.6909 0.6749 0.5730 0.0670  -0.1077 0.0200  341 HOH A O   
884 O  O   . HOH E .  ? 0.7690 0.7871 0.7413 -0.0374 0.1659  0.0728  342 HOH A O   
885 O  O   . HOH E .  ? 0.7036 0.5538 0.9748 -0.1552 0.0800  0.1149  343 HOH A O   
886 O  O   . HOH E .  ? 0.6798 0.5877 0.7409 -0.0699 0.0663  0.1292  344 HOH A O   
887 O  O   . HOH E .  ? 0.9285 0.5845 1.1240 -0.0881 -0.0048 0.0933  345 HOH A O   
888 O  O   . HOH E .  ? 0.7750 0.8871 0.6010 0.0302  0.2550  0.0896  346 HOH A O   
889 O  O   . HOH E .  ? 0.8436 0.8433 0.6284 0.0801  0.1794  -0.0651 347 HOH A O   
890 O  O   . HOH E .  ? 0.7238 0.8153 0.7929 -0.0393 0.2088  0.0650  348 HOH A O   
891 O  O   . HOH E .  ? 0.8012 0.7251 0.6727 -0.0317 0.0937  0.0819  349 HOH A O   
892 O  O   . HOH E .  ? 0.7032 0.4845 0.7583 0.0635  -0.0359 -0.1814 350 HOH A O   
893 O  O   . HOH E .  ? 0.6187 0.6675 0.7179 0.0402  0.0003  -0.0132 351 HOH A O   
894 O  O   . HOH E .  ? 0.9846 0.9863 0.7765 0.1650  0.1367  -0.2355 352 HOH A O   
895 O  O   . HOH E .  ? 1.0603 0.6020 1.1460 -0.0064 -0.0385 0.1720  353 HOH A O   
896 O  O   . HOH E .  ? 0.4628 0.5903 0.6878 0.0225  -0.0178 -0.0293 354 HOH A O   
897 O  O   . HOH E .  ? 0.7156 0.8241 0.8566 -0.0552 0.2121  0.1433  355 HOH A O   
898 O  O   . HOH E .  ? 0.7580 0.6816 0.5290 0.0121  0.0807  0.0206  356 HOH A O   
899 O  O   . HOH E .  ? 0.5976 0.6154 0.6689 0.0677  -0.0407 -0.0020 357 HOH A O   
900 O  O   . HOH E .  ? 0.7628 0.6710 0.8515 -0.0549 -0.1148 -0.0226 358 HOH A O   
901 O  O   . HOH E .  ? 0.7805 0.6500 0.7377 0.0179  -0.0782 -0.1782 359 HOH A O   
902 O  O   . HOH E .  ? 0.7982 0.6408 0.8381 -0.0655 0.0440  0.1379  360 HOH A O   
903 O  O   . HOH E .  ? 0.8062 0.4304 1.1027 -0.0855 -0.0531 -0.0097 361 HOH A O   
904 O  O   . HOH E .  ? 0.7801 0.7685 0.8551 -0.0217 -0.1483 -0.1471 362 HOH A O   
905 O  O   . HOH E .  ? 0.5909 0.7043 0.7137 0.0417  0.1352  -0.0258 363 HOH A O   
906 O  O   . HOH E .  ? 0.5356 0.6703 0.8618 -0.0428 0.0741  0.0550  364 HOH A O   
907 O  O   . HOH E .  ? 0.6702 0.5510 0.4834 0.0000  -0.0228 0.0132  365 HOH A O   
908 O  O   . HOH E .  ? 0.7391 0.4929 0.9233 -0.1297 0.0586  0.1408  366 HOH A O   
909 O  O   . HOH E .  ? 0.6790 0.7432 0.5414 0.0671  0.1642  -0.0244 367 HOH A O   
910 O  O   . HOH E .  ? 0.6296 0.7403 0.7769 0.1187  0.1542  -0.0914 368 HOH A O   
911 O  O   . HOH E .  ? 0.5443 0.6736 0.7887 -0.0034 -0.0775 -0.0529 369 HOH A O   
912 O  O   . HOH E .  ? 0.8016 0.6308 0.5824 0.0113  -0.0838 -0.0728 370 HOH A O   
913 O  O   . HOH E .  ? 0.8312 0.6882 0.5363 0.0190  -0.0706 0.0358  371 HOH A O   
# 
